data_1UYR
#
_entry.id   1UYR
#
_cell.length_a   136.780
_cell.length_b   136.780
_cell.length_c   244.410
_cell.angle_alpha   90.00
_cell.angle_beta   90.00
_cell.angle_gamma   120.00
#
_symmetry.space_group_name_H-M   'P 32 2 1'
#
loop_
_entity.id
_entity.type
_entity.pdbx_description
1 polymer 'ACETYL-COA CARBOXYLASE'
2 non-polymer '2-[4-(2,4-DICHLOROPHENOXY)PHENOXY]PROPANOIC ACID'
3 water water
#
_entity_poly.entity_id   1
_entity_poly.type   'polypeptide(L)'
_entity_poly.pdbx_seq_one_letter_code
;PIATPYPVKEWLQPKRYKAHLMGTTYVYDFPELFRQASSSQWKNFSADVKLTDDFFISNELIEDENGELTEVEREPGANA
IGMVAFKITVKTPEYPRGRQFVVVANDITFKIGSFGPQEDEFFNKVTEYARKRGIPRIYLAANSGARIGMAEEIVPLFQV
AWNDAANPDKGFQYLYLTSEGMETLKKFDKENSVLTERTVINGEERFVIKTIIGSEDGLGVECLRGSGLIAGATSRAYHD
IFTITLVTCRSVGIGAYLVRLGQRAIQVEGQPIILTGAPAINKMLGREVYTSNLQLGGTQIMYNNGVSHLTAVDDLAGVE
KIVEWMSYVPAKRNMPVPILETKDTWDRPVDFTPTNDETYDVRWMIEGRETESGFEYGLFDKGSFFETLSGWAKGVVVGR
ARLGGIPLGVIGVETRTVENLIPADPANPNSAETLIQEPGQVWHPNSAFKTAQAINDFNNGEQLPMMILANWRGFSGGQR
DMFNEVLKYGSFIVDALVDYKQPIIIYIPPTGELRGGSWVVVDPTINADQMEMYADVNARAGVLEPQGMVGIKFRREKLL
DTMNRLDDKYRELRSQLSNKSLAPEVHQQISKQLADRERELLPIYGQISLQFADLHDRSSRMVAKGVISKELEWTEARRF
FFWRLRRRLNEEYLIKRLSHQVGEASRLEKIARIRSWYPASVDHEDDRQVATWIEENYKTLDDKLKGLKLESFAQDLAKK
IRSDHDNAIDGLSEVIK
;
_entity_poly.pdbx_strand_id   A,B
#
loop_
_chem_comp.id
_chem_comp.type
_chem_comp.name
_chem_comp.formula
D1L non-polymer '2-[4-(2,4-DICHLOROPHENOXY)PHENOXY]PROPANOIC ACID' 'C15 H12 Cl2 O4'
#
# COMPACT_ATOMS: atom_id res chain seq x y z
N PRO A 1 -9.33 -46.89 -23.15
CA PRO A 1 -9.84 -48.19 -22.65
C PRO A 1 -10.99 -48.68 -23.53
N ILE A 2 -11.08 -49.99 -23.69
CA ILE A 2 -12.15 -50.59 -24.51
C ILE A 2 -13.21 -51.25 -23.63
N ALA A 3 -14.47 -51.00 -23.96
CA ALA A 3 -15.60 -51.56 -23.22
C ALA A 3 -15.49 -51.36 -21.69
N THR A 4 -16.01 -50.22 -21.23
CA THR A 4 -16.00 -49.88 -19.81
C THR A 4 -17.44 -49.81 -19.30
N PRO A 5 -17.65 -49.84 -17.97
CA PRO A 5 -19.01 -49.78 -17.41
C PRO A 5 -19.82 -48.61 -17.96
N TYR A 6 -19.24 -47.42 -17.90
CA TYR A 6 -19.91 -46.23 -18.41
C TYR A 6 -19.08 -45.56 -19.49
N PRO A 7 -19.63 -44.54 -20.16
CA PRO A 7 -18.89 -43.83 -21.22
C PRO A 7 -17.50 -43.35 -20.80
N VAL A 8 -16.55 -43.40 -21.73
CA VAL A 8 -15.19 -42.94 -21.44
C VAL A 8 -15.12 -41.44 -21.68
N LYS A 9 -15.30 -40.66 -20.60
CA LYS A 9 -15.27 -39.21 -20.66
C LYS A 9 -14.09 -38.66 -21.46
N GLU A 10 -12.90 -39.19 -21.19
CA GLU A 10 -11.69 -38.75 -21.89
C GLU A 10 -11.71 -39.03 -23.39
N TRP A 11 -12.72 -39.77 -23.87
CA TRP A 11 -12.83 -40.09 -25.29
C TRP A 11 -13.92 -39.23 -25.92
N LEU A 12 -15.02 -39.08 -25.21
CA LEU A 12 -16.13 -38.26 -25.69
C LEU A 12 -15.62 -36.85 -25.97
N GLN A 13 -14.64 -36.44 -25.17
CA GLN A 13 -14.02 -35.13 -25.29
C GLN A 13 -12.52 -35.30 -25.00
N PRO A 14 -11.72 -35.51 -26.06
CA PRO A 14 -10.27 -35.70 -25.98
C PRO A 14 -9.53 -34.61 -25.22
N LYS A 15 -10.12 -33.43 -25.13
CA LYS A 15 -9.49 -32.32 -24.42
C LYS A 15 -9.32 -32.65 -22.93
N ARG A 16 -10.27 -33.40 -22.38
CA ARG A 16 -10.20 -33.81 -20.98
C ARG A 16 -8.95 -34.65 -20.80
N TYR A 17 -8.67 -35.50 -21.78
CA TYR A 17 -7.48 -36.33 -21.69
C TYR A 17 -6.22 -35.48 -21.76
N LYS A 18 -6.20 -34.54 -22.70
CA LYS A 18 -5.04 -33.66 -22.88
C LYS A 18 -4.78 -32.91 -21.58
N ALA A 19 -5.84 -32.45 -20.94
CA ALA A 19 -5.71 -31.73 -19.68
C ALA A 19 -5.08 -32.63 -18.62
N HIS A 20 -5.54 -33.87 -18.53
CA HIS A 20 -4.99 -34.77 -17.53
C HIS A 20 -3.52 -35.04 -17.81
N LEU A 21 -3.16 -35.12 -19.09
CA LEU A 21 -1.77 -35.36 -19.45
C LEU A 21 -0.92 -34.20 -18.92
N MET A 22 -1.54 -33.02 -18.84
CA MET A 22 -0.90 -31.81 -18.34
C MET A 22 -0.81 -31.81 -16.83
N GLY A 23 -1.43 -32.80 -16.21
CA GLY A 23 -1.42 -32.91 -14.75
C GLY A 23 -2.38 -32.00 -14.01
N THR A 24 -3.44 -31.59 -14.69
CA THR A 24 -4.43 -30.69 -14.08
C THR A 24 -5.84 -31.17 -14.43
N THR A 25 -6.83 -30.59 -13.77
CA THR A 25 -8.23 -30.95 -14.02
C THR A 25 -8.75 -30.28 -15.29
N TYR A 26 -9.56 -30.99 -16.07
CA TYR A 26 -10.11 -30.39 -17.27
C TYR A 26 -11.05 -29.28 -16.81
N VAL A 27 -10.91 -28.12 -17.42
CA VAL A 27 -11.68 -26.96 -17.04
C VAL A 27 -13.16 -27.19 -16.80
N TYR A 28 -13.83 -27.86 -17.73
CA TYR A 28 -15.26 -28.07 -17.56
C TYR A 28 -15.63 -29.02 -16.43
N ASP A 29 -14.62 -29.65 -15.82
CA ASP A 29 -14.85 -30.56 -14.70
C ASP A 29 -14.74 -29.83 -13.35
N PHE A 30 -14.32 -28.58 -13.38
CA PHE A 30 -14.19 -27.82 -12.14
C PHE A 30 -15.52 -27.54 -11.46
N PRO A 31 -16.58 -27.24 -12.24
CA PRO A 31 -17.83 -26.98 -11.53
C PRO A 31 -18.17 -28.19 -10.65
N GLU A 32 -17.93 -29.39 -11.17
CA GLU A 32 -18.19 -30.63 -10.43
C GLU A 32 -17.40 -30.66 -9.13
N LEU A 33 -16.14 -30.21 -9.16
CA LEU A 33 -15.33 -30.19 -7.95
C LEU A 33 -15.94 -29.25 -6.92
N PHE A 34 -16.54 -28.15 -7.36
CA PHE A 34 -17.15 -27.22 -6.40
C PHE A 34 -18.40 -27.83 -5.81
N ARG A 35 -19.03 -28.74 -6.54
CA ARG A 35 -20.24 -29.42 -6.06
C ARG A 35 -19.79 -30.33 -4.92
N GLN A 36 -18.79 -31.16 -5.21
CA GLN A 36 -18.28 -32.08 -4.21
C GLN A 36 -17.82 -31.36 -2.95
N ALA A 37 -17.10 -30.25 -3.12
CA ALA A 37 -16.62 -29.49 -1.97
C ALA A 37 -17.78 -28.89 -1.18
N SER A 38 -18.81 -28.42 -1.86
CA SER A 38 -19.96 -27.83 -1.18
C SER A 38 -20.72 -28.92 -0.44
N SER A 39 -20.85 -30.08 -1.08
CA SER A 39 -21.51 -31.21 -0.44
C SER A 39 -20.74 -31.52 0.85
N SER A 40 -19.43 -31.63 0.74
CA SER A 40 -18.59 -31.92 1.90
C SER A 40 -18.77 -30.86 2.97
N GLN A 41 -18.96 -29.62 2.55
CA GLN A 41 -19.17 -28.53 3.47
C GLN A 41 -20.34 -28.93 4.36
N TRP A 42 -21.46 -29.27 3.73
CA TRP A 42 -22.64 -29.68 4.48
C TRP A 42 -22.40 -30.90 5.36
N LYS A 43 -21.77 -31.93 4.82
CA LYS A 43 -21.53 -33.13 5.60
C LYS A 43 -20.76 -32.90 6.89
N ASN A 44 -19.98 -31.81 6.95
CA ASN A 44 -19.21 -31.50 8.15
C ASN A 44 -20.03 -30.64 9.11
N PHE A 45 -20.98 -29.90 8.55
CA PHE A 45 -21.81 -29.03 9.36
C PHE A 45 -22.94 -29.78 10.05
N SER A 46 -23.65 -30.60 9.27
CA SER A 46 -24.78 -31.39 9.77
C SER A 46 -24.95 -32.61 8.87
N ALA A 47 -24.38 -33.74 9.29
CA ALA A 47 -24.44 -34.99 8.52
C ALA A 47 -25.85 -35.49 8.20
N ASP A 48 -26.79 -35.27 9.11
CA ASP A 48 -28.16 -35.73 8.88
C ASP A 48 -28.86 -34.97 7.75
N VAL A 49 -28.18 -33.98 7.18
CA VAL A 49 -28.77 -33.20 6.10
C VAL A 49 -28.70 -33.93 4.76
N LYS A 50 -29.81 -33.95 4.04
CA LYS A 50 -29.89 -34.60 2.74
C LYS A 50 -30.00 -33.54 1.67
N LEU A 51 -28.95 -33.38 0.87
CA LEU A 51 -28.96 -32.39 -0.19
C LEU A 51 -29.62 -32.92 -1.44
N THR A 52 -30.35 -32.05 -2.13
CA THR A 52 -30.97 -32.43 -3.39
C THR A 52 -30.04 -31.89 -4.46
N ASP A 53 -30.33 -32.17 -5.72
CA ASP A 53 -29.47 -31.72 -6.80
C ASP A 53 -29.52 -30.21 -7.09
N ASP A 54 -30.64 -29.57 -6.78
CA ASP A 54 -30.80 -28.15 -7.03
C ASP A 54 -30.15 -27.25 -5.97
N PHE A 55 -29.29 -27.84 -5.15
CA PHE A 55 -28.61 -27.09 -4.10
C PHE A 55 -27.37 -26.43 -4.71
N PHE A 56 -26.97 -26.94 -5.86
CA PHE A 56 -25.78 -26.42 -6.53
C PHE A 56 -26.05 -26.27 -8.02
N ILE A 57 -25.89 -25.04 -8.52
CA ILE A 57 -26.10 -24.76 -9.93
C ILE A 57 -24.85 -24.12 -10.54
N SER A 58 -24.51 -24.54 -11.76
CA SER A 58 -23.36 -23.99 -12.47
C SER A 58 -23.73 -23.66 -13.91
N ASN A 59 -23.68 -22.38 -14.27
CA ASN A 59 -24.00 -21.94 -15.63
C ASN A 59 -22.80 -21.27 -16.32
N GLU A 60 -22.29 -21.89 -17.38
CA GLU A 60 -21.17 -21.29 -18.09
C GLU A 60 -21.57 -19.92 -18.62
N LEU A 61 -20.61 -19.01 -18.67
CA LEU A 61 -20.85 -17.66 -19.17
C LEU A 61 -20.04 -17.39 -20.43
N ILE A 62 -20.70 -16.85 -21.45
CA ILE A 62 -20.01 -16.52 -22.67
C ILE A 62 -20.51 -15.18 -23.15
N GLU A 63 -19.84 -14.62 -24.14
CA GLU A 63 -20.26 -13.34 -24.68
C GLU A 63 -21.19 -13.56 -25.86
N ASP A 64 -22.27 -12.79 -25.87
CA ASP A 64 -23.23 -12.86 -26.96
C ASP A 64 -22.74 -11.97 -28.10
N GLU A 65 -23.58 -11.69 -29.08
CA GLU A 65 -23.19 -10.87 -30.22
C GLU A 65 -22.86 -9.43 -29.86
N ASN A 66 -23.40 -8.92 -28.76
CA ASN A 66 -23.12 -7.56 -28.34
C ASN A 66 -21.99 -7.53 -27.33
N GLY A 67 -21.31 -8.67 -27.18
CA GLY A 67 -20.20 -8.75 -26.23
C GLY A 67 -20.61 -8.80 -24.77
N GLU A 68 -21.91 -8.93 -24.52
CA GLU A 68 -22.41 -9.00 -23.15
C GLU A 68 -22.42 -10.44 -22.64
N LEU A 69 -22.09 -10.60 -21.36
CA LEU A 69 -22.05 -11.92 -20.77
C LEU A 69 -23.43 -12.50 -20.52
N THR A 70 -23.65 -13.71 -21.04
CA THR A 70 -24.93 -14.38 -20.85
C THR A 70 -24.71 -15.87 -20.56
N GLU A 71 -25.66 -16.46 -19.86
CA GLU A 71 -25.59 -17.87 -19.49
C GLU A 71 -25.96 -18.81 -20.65
N VAL A 72 -25.23 -19.91 -20.75
CA VAL A 72 -25.47 -20.89 -21.80
C VAL A 72 -25.24 -22.31 -21.30
N GLU A 73 -25.75 -23.28 -22.04
CA GLU A 73 -25.55 -24.68 -21.69
C GLU A 73 -25.17 -25.41 -22.96
N ARG A 74 -23.87 -25.67 -23.11
CA ARG A 74 -23.35 -26.35 -24.29
C ARG A 74 -22.54 -27.56 -23.85
N GLU A 75 -21.95 -28.25 -24.82
CA GLU A 75 -21.14 -29.40 -24.50
C GLU A 75 -19.74 -28.93 -24.20
N PRO A 76 -19.09 -29.52 -23.19
CA PRO A 76 -17.74 -29.10 -22.85
C PRO A 76 -16.85 -29.17 -24.10
N GLY A 77 -15.83 -28.31 -24.14
CA GLY A 77 -14.93 -28.31 -25.29
C GLY A 77 -15.37 -27.42 -26.44
N ALA A 78 -16.52 -26.78 -26.30
CA ALA A 78 -17.02 -25.91 -27.36
C ALA A 78 -16.45 -24.50 -27.32
N ASN A 79 -15.66 -24.19 -26.29
CA ASN A 79 -15.10 -22.85 -26.15
C ASN A 79 -14.22 -22.41 -27.32
N ALA A 80 -14.54 -21.25 -27.89
CA ALA A 80 -13.78 -20.71 -29.02
C ALA A 80 -12.58 -19.88 -28.59
N ILE A 81 -12.45 -19.66 -27.28
CA ILE A 81 -11.30 -18.92 -26.73
C ILE A 81 -10.74 -19.73 -25.56
N GLY A 82 -9.48 -19.47 -25.21
CA GLY A 82 -8.83 -20.20 -24.13
C GLY A 82 -9.12 -19.77 -22.71
N MET A 83 -10.25 -19.11 -22.50
CA MET A 83 -10.64 -18.65 -21.18
C MET A 83 -12.14 -18.92 -21.02
N VAL A 84 -12.55 -19.52 -19.90
CA VAL A 84 -13.97 -19.79 -19.69
C VAL A 84 -14.41 -19.36 -18.30
N ALA A 85 -15.72 -19.22 -18.10
CA ALA A 85 -16.22 -18.81 -16.81
C ALA A 85 -17.56 -19.42 -16.49
N PHE A 86 -17.81 -19.59 -15.21
CA PHE A 86 -19.07 -20.15 -14.75
C PHE A 86 -19.61 -19.34 -13.61
N LYS A 87 -20.92 -19.13 -13.62
CA LYS A 87 -21.58 -18.43 -12.54
C LYS A 87 -22.16 -19.53 -11.64
N ILE A 88 -21.65 -19.66 -10.43
CA ILE A 88 -22.13 -20.69 -9.52
C ILE A 88 -23.16 -20.13 -8.55
N THR A 89 -24.11 -20.96 -8.14
CA THR A 89 -25.11 -20.57 -7.15
C THR A 89 -25.20 -21.78 -6.23
N VAL A 90 -24.79 -21.62 -4.98
CA VAL A 90 -24.80 -22.72 -4.01
C VAL A 90 -25.52 -22.39 -2.73
N LYS A 91 -26.22 -23.38 -2.18
CA LYS A 91 -26.88 -23.24 -0.90
C LYS A 91 -25.81 -23.78 0.03
N THR A 92 -25.42 -23.00 1.03
CA THR A 92 -24.38 -23.42 1.95
C THR A 92 -24.83 -23.22 3.39
N PRO A 93 -24.10 -23.82 4.34
CA PRO A 93 -24.46 -23.67 5.76
C PRO A 93 -24.68 -22.21 6.17
N GLU A 94 -23.75 -21.33 5.79
CA GLU A 94 -23.88 -19.92 6.16
C GLU A 94 -24.91 -19.21 5.27
N TYR A 95 -25.15 -19.73 4.07
CA TYR A 95 -26.16 -19.16 3.18
C TYR A 95 -27.06 -20.26 2.62
N PRO A 96 -27.97 -20.79 3.47
CA PRO A 96 -28.92 -21.86 3.12
C PRO A 96 -29.72 -21.55 1.86
N ARG A 97 -30.15 -20.30 1.70
CA ARG A 97 -30.92 -19.92 0.52
C ARG A 97 -30.03 -19.79 -0.71
N GLY A 98 -28.72 -19.86 -0.52
CA GLY A 98 -27.81 -19.75 -1.65
C GLY A 98 -26.97 -18.48 -1.70
N ARG A 99 -25.81 -18.59 -2.35
CA ARG A 99 -24.90 -17.47 -2.52
C ARG A 99 -24.28 -17.64 -3.90
N GLN A 100 -23.77 -16.55 -4.45
CA GLN A 100 -23.19 -16.67 -5.77
C GLN A 100 -21.75 -16.20 -5.85
N PHE A 101 -21.09 -16.67 -6.90
CA PHE A 101 -19.72 -16.27 -7.19
C PHE A 101 -19.39 -16.67 -8.61
N VAL A 102 -18.29 -16.14 -9.13
CA VAL A 102 -17.88 -16.42 -10.49
C VAL A 102 -16.59 -17.20 -10.48
N VAL A 103 -16.43 -18.08 -11.46
CA VAL A 103 -15.23 -18.89 -11.60
C VAL A 103 -14.70 -18.69 -13.01
N VAL A 104 -13.52 -18.07 -13.12
CA VAL A 104 -12.87 -17.82 -14.41
C VAL A 104 -11.65 -18.67 -14.43
N ALA A 105 -11.36 -19.25 -15.59
CA ALA A 105 -10.20 -20.10 -15.67
C ALA A 105 -9.65 -20.19 -17.06
N ASN A 106 -8.37 -20.52 -17.13
CA ASN A 106 -7.69 -20.72 -18.41
C ASN A 106 -8.01 -22.16 -18.81
N ASP A 107 -8.06 -22.41 -20.11
CA ASP A 107 -8.29 -23.75 -20.63
C ASP A 107 -6.88 -24.16 -21.05
N ILE A 108 -6.22 -24.95 -20.21
CA ILE A 108 -4.86 -25.37 -20.52
C ILE A 108 -4.74 -26.10 -21.85
N THR A 109 -5.85 -26.61 -22.36
CA THR A 109 -5.83 -27.34 -23.62
C THR A 109 -5.99 -26.45 -24.85
N PHE A 110 -6.32 -25.18 -24.62
CA PHE A 110 -6.50 -24.24 -25.72
C PHE A 110 -5.23 -23.42 -25.87
N LYS A 111 -4.42 -23.79 -26.85
CA LYS A 111 -3.16 -23.11 -27.10
C LYS A 111 -2.39 -22.98 -25.79
N ILE A 112 -2.23 -24.11 -25.11
CA ILE A 112 -1.55 -24.20 -23.82
C ILE A 112 -1.99 -23.13 -22.81
N GLY A 113 -3.27 -22.79 -22.87
CA GLY A 113 -3.84 -21.81 -21.96
C GLY A 113 -3.23 -20.42 -22.02
N SER A 114 -2.66 -20.06 -23.17
CA SER A 114 -2.02 -18.75 -23.35
C SER A 114 -3.03 -17.60 -23.33
N PHE A 115 -2.56 -16.40 -23.00
CA PHE A 115 -3.42 -15.22 -22.98
C PHE A 115 -3.32 -14.47 -24.28
N GLY A 116 -4.42 -14.43 -25.01
CA GLY A 116 -4.44 -13.70 -26.27
C GLY A 116 -5.36 -12.53 -26.03
N PRO A 117 -5.48 -11.58 -26.97
CA PRO A 117 -6.37 -10.44 -26.75
C PRO A 117 -7.79 -10.82 -26.37
N GLN A 118 -8.31 -11.89 -26.97
CA GLN A 118 -9.69 -12.32 -26.68
C GLN A 118 -9.82 -12.89 -25.28
N GLU A 119 -8.83 -13.68 -24.87
CA GLU A 119 -8.84 -14.25 -23.53
C GLU A 119 -8.82 -13.09 -22.53
N ASP A 120 -7.91 -12.13 -22.75
CA ASP A 120 -7.78 -10.97 -21.90
C ASP A 120 -9.10 -10.25 -21.79
N GLU A 121 -9.68 -9.91 -22.94
CA GLU A 121 -10.94 -9.20 -22.96
C GLU A 121 -12.04 -9.98 -22.22
N PHE A 122 -12.06 -11.29 -22.38
CA PHE A 122 -13.06 -12.12 -21.69
C PHE A 122 -12.87 -12.04 -20.16
N PHE A 123 -11.64 -12.31 -19.72
CA PHE A 123 -11.28 -12.25 -18.32
C PHE A 123 -11.68 -10.90 -17.72
N ASN A 124 -11.48 -9.83 -18.48
CA ASN A 124 -11.82 -8.48 -17.99
C ASN A 124 -13.33 -8.36 -17.85
N LYS A 125 -14.07 -8.77 -18.88
CA LYS A 125 -15.53 -8.73 -18.85
C LYS A 125 -16.07 -9.48 -17.62
N VAL A 126 -15.56 -10.70 -17.42
CA VAL A 126 -15.99 -11.52 -16.29
C VAL A 126 -15.69 -10.83 -14.96
N THR A 127 -14.49 -10.27 -14.84
CA THR A 127 -14.14 -9.61 -13.59
C THR A 127 -15.06 -8.43 -13.34
N GLU A 128 -15.40 -7.67 -14.39
CA GLU A 128 -16.29 -6.53 -14.22
C GLU A 128 -17.68 -7.02 -13.88
N TYR A 129 -18.03 -8.19 -14.42
CA TYR A 129 -19.32 -8.80 -14.17
C TYR A 129 -19.47 -9.06 -12.67
N ALA A 130 -18.46 -9.72 -12.09
CA ALA A 130 -18.49 -10.03 -10.66
C ALA A 130 -18.51 -8.76 -9.81
N ARG A 131 -17.71 -7.77 -10.19
CA ARG A 131 -17.63 -6.53 -9.40
C ARG A 131 -18.94 -5.75 -9.36
N LYS A 132 -19.59 -5.63 -10.51
CA LYS A 132 -20.85 -4.92 -10.60
C LYS A 132 -21.87 -5.58 -9.68
N ARG A 133 -21.78 -6.89 -9.56
CA ARG A 133 -22.70 -7.62 -8.72
C ARG A 133 -22.22 -7.77 -7.28
N GLY A 134 -20.98 -7.34 -7.02
CA GLY A 134 -20.42 -7.44 -5.69
C GLY A 134 -20.12 -8.87 -5.30
N ILE A 135 -20.11 -9.73 -6.30
CA ILE A 135 -19.91 -11.16 -6.13
C ILE A 135 -18.46 -11.62 -6.22
N PRO A 136 -18.06 -12.60 -5.40
CA PRO A 136 -16.67 -13.09 -5.42
C PRO A 136 -16.19 -13.53 -6.80
N ARG A 137 -14.88 -13.47 -7.01
CA ARG A 137 -14.29 -13.89 -8.27
C ARG A 137 -13.18 -14.88 -7.98
N ILE A 138 -13.41 -16.12 -8.41
CA ILE A 138 -12.45 -17.20 -8.22
C ILE A 138 -11.75 -17.34 -9.54
N TYR A 139 -10.41 -17.36 -9.52
CA TYR A 139 -9.64 -17.52 -10.73
C TYR A 139 -8.85 -18.83 -10.63
N LEU A 140 -9.00 -19.67 -11.64
CA LEU A 140 -8.29 -20.96 -11.69
C LEU A 140 -7.21 -20.77 -12.75
N ALA A 141 -5.98 -20.59 -12.31
CA ALA A 141 -4.86 -20.35 -13.22
C ALA A 141 -4.11 -21.58 -13.70
N ALA A 142 -4.11 -21.76 -15.01
CA ALA A 142 -3.42 -22.87 -15.67
C ALA A 142 -3.14 -22.30 -17.04
N ASN A 143 -1.97 -21.69 -17.18
CA ASN A 143 -1.62 -21.02 -18.43
C ASN A 143 -0.14 -21.05 -18.79
N SER A 144 0.18 -20.39 -19.90
CA SER A 144 1.55 -20.30 -20.40
C SER A 144 1.99 -18.85 -20.64
N GLY A 145 1.21 -17.90 -20.14
CA GLY A 145 1.58 -16.51 -20.33
C GLY A 145 0.98 -15.88 -21.57
N ALA A 146 1.50 -14.72 -21.93
CA ALA A 146 1.04 -13.99 -23.11
C ALA A 146 1.32 -14.78 -24.38
N ARG A 147 0.36 -14.81 -25.28
CA ARG A 147 0.51 -15.53 -26.54
C ARG A 147 1.53 -14.79 -27.40
N ILE A 148 2.34 -15.52 -28.15
CA ILE A 148 3.34 -14.89 -29.01
C ILE A 148 3.32 -15.49 -30.42
N GLY A 149 4.08 -14.87 -31.33
CA GLY A 149 4.14 -15.37 -32.70
C GLY A 149 4.38 -14.27 -33.72
N MET A 150 4.97 -14.63 -34.84
CA MET A 150 5.26 -13.69 -35.91
C MET A 150 4.21 -13.84 -37.00
N ALA A 151 4.37 -13.10 -38.09
CA ALA A 151 3.43 -13.19 -39.20
C ALA A 151 3.96 -14.28 -40.15
N GLU A 152 3.45 -15.50 -39.97
CA GLU A 152 3.88 -16.64 -40.78
C GLU A 152 3.66 -16.47 -42.28
N GLU A 153 2.60 -15.76 -42.67
CA GLU A 153 2.31 -15.54 -44.07
C GLU A 153 3.29 -14.59 -44.75
N ILE A 154 4.45 -14.38 -44.11
CA ILE A 154 5.47 -13.48 -44.66
C ILE A 154 6.83 -14.19 -44.72
N VAL A 155 6.89 -15.39 -44.16
CA VAL A 155 8.13 -16.16 -44.15
C VAL A 155 8.52 -16.69 -45.54
N PRO A 156 7.53 -17.08 -46.37
CA PRO A 156 7.85 -17.60 -47.70
C PRO A 156 7.82 -16.53 -48.78
N LEU A 157 8.05 -15.27 -48.42
CA LEU A 157 8.01 -14.19 -49.41
C LEU A 157 9.18 -13.21 -49.35
N PHE A 158 9.52 -12.76 -48.15
CA PHE A 158 10.59 -11.80 -47.98
C PHE A 158 11.87 -12.22 -48.71
N GLN A 159 12.47 -11.25 -49.40
CA GLN A 159 13.71 -11.48 -50.14
C GLN A 159 14.83 -10.78 -49.39
N VAL A 160 16.06 -11.25 -49.59
CA VAL A 160 17.21 -10.67 -48.92
C VAL A 160 18.15 -9.98 -49.91
N ALA A 161 18.19 -8.64 -49.86
CA ALA A 161 19.07 -7.88 -50.75
C ALA A 161 20.46 -7.80 -50.10
N TRP A 162 21.31 -8.75 -50.45
CA TRP A 162 22.67 -8.81 -49.90
C TRP A 162 23.54 -7.71 -50.47
N ASN A 163 24.76 -7.59 -49.93
CA ASN A 163 25.70 -6.59 -50.41
C ASN A 163 26.07 -7.08 -51.81
N ASP A 164 26.60 -8.30 -51.85
CA ASP A 164 26.99 -8.94 -53.11
C ASP A 164 26.36 -10.33 -53.03
N ALA A 165 25.34 -10.58 -53.85
CA ALA A 165 24.65 -11.86 -53.84
C ALA A 165 25.61 -13.05 -53.83
N ALA A 166 26.81 -12.86 -54.38
CA ALA A 166 27.81 -13.92 -54.44
C ALA A 166 28.61 -14.00 -53.15
N ASN A 167 28.22 -13.21 -52.15
CA ASN A 167 28.90 -13.19 -50.86
C ASN A 167 27.95 -13.04 -49.67
N PRO A 168 27.08 -14.05 -49.44
CA PRO A 168 26.14 -13.97 -48.32
C PRO A 168 26.92 -13.82 -47.01
N ASP A 169 28.12 -14.39 -46.97
CA ASP A 169 28.99 -14.33 -45.81
C ASP A 169 29.40 -12.89 -45.45
N LYS A 170 29.25 -11.97 -46.40
CA LYS A 170 29.62 -10.58 -46.18
C LYS A 170 28.48 -9.74 -45.60
N GLY A 171 27.37 -10.40 -45.28
CA GLY A 171 26.23 -9.71 -44.70
C GLY A 171 25.23 -9.22 -45.75
N PHE A 172 24.18 -8.55 -45.30
CA PHE A 172 23.16 -8.04 -46.21
C PHE A 172 22.75 -6.62 -45.84
N GLN A 173 21.88 -6.04 -46.68
CA GLN A 173 21.41 -4.68 -46.47
C GLN A 173 20.05 -4.58 -45.79
N TYR A 174 19.04 -5.15 -46.41
CA TYR A 174 17.69 -5.09 -45.86
C TYR A 174 16.77 -6.13 -46.50
N LEU A 175 15.61 -6.34 -45.89
CA LEU A 175 14.63 -7.30 -46.42
C LEU A 175 13.56 -6.60 -47.23
N TYR A 176 13.28 -7.12 -48.42
CA TYR A 176 12.28 -6.53 -49.29
C TYR A 176 11.28 -7.57 -49.80
N LEU A 177 10.37 -7.10 -50.64
CA LEU A 177 9.34 -7.96 -51.20
C LEU A 177 9.33 -7.71 -52.72
N THR A 178 8.98 -8.74 -53.48
CA THR A 178 8.92 -8.62 -54.93
C THR A 178 7.52 -8.20 -55.35
N SER A 179 7.35 -7.94 -56.64
CA SER A 179 6.04 -7.56 -57.15
C SER A 179 5.15 -8.78 -57.02
N GLU A 180 5.77 -9.96 -57.11
CA GLU A 180 5.07 -11.22 -56.99
C GLU A 180 4.72 -11.49 -55.53
N GLY A 181 5.63 -11.11 -54.64
CA GLY A 181 5.39 -11.29 -53.22
C GLY A 181 4.22 -10.42 -52.80
N MET A 182 4.16 -9.21 -53.36
CA MET A 182 3.08 -8.28 -53.05
C MET A 182 1.74 -8.82 -53.52
N GLU A 183 1.74 -9.49 -54.67
CA GLU A 183 0.52 -10.05 -55.23
C GLU A 183 -0.03 -11.18 -54.38
N THR A 184 0.87 -11.93 -53.75
CA THR A 184 0.46 -13.04 -52.89
C THR A 184 -0.44 -12.49 -51.79
N LEU A 185 0.02 -11.41 -51.16
CA LEU A 185 -0.72 -10.76 -50.09
C LEU A 185 -2.05 -10.20 -50.58
N LYS A 186 -2.01 -9.47 -51.68
CA LYS A 186 -3.22 -8.88 -52.26
C LYS A 186 -4.27 -9.95 -52.57
N LYS A 187 -3.82 -11.18 -52.80
CA LYS A 187 -4.71 -12.28 -53.12
C LYS A 187 -5.44 -12.81 -51.88
N PHE A 188 -4.77 -12.74 -50.74
CA PHE A 188 -5.35 -13.22 -49.49
C PHE A 188 -6.02 -12.10 -48.70
N ASP A 189 -6.22 -10.95 -49.35
CA ASP A 189 -6.84 -9.79 -48.69
C ASP A 189 -5.96 -9.28 -47.56
N LYS A 190 -4.85 -9.98 -47.31
CA LYS A 190 -3.91 -9.60 -46.28
C LYS A 190 -2.97 -8.51 -46.81
N GLU A 191 -3.56 -7.50 -47.45
CA GLU A 191 -2.79 -6.40 -48.03
C GLU A 191 -2.02 -5.59 -46.97
N ASN A 192 -2.75 -5.05 -46.00
CA ASN A 192 -2.13 -4.28 -44.92
C ASN A 192 -1.45 -5.21 -43.93
N SER A 193 -0.67 -6.14 -44.45
CA SER A 193 0.03 -7.11 -43.63
C SER A 193 1.44 -6.60 -43.30
N VAL A 194 1.95 -5.71 -44.14
CA VAL A 194 3.29 -5.16 -43.93
C VAL A 194 3.41 -3.75 -44.52
N LEU A 195 4.28 -2.95 -43.92
CA LEU A 195 4.53 -1.59 -44.38
C LEU A 195 5.72 -1.63 -45.32
N THR A 196 5.56 -1.07 -46.51
CA THR A 196 6.66 -1.09 -47.48
C THR A 196 6.72 0.15 -48.37
N GLU A 197 7.87 0.33 -49.00
CA GLU A 197 8.11 1.44 -49.91
C GLU A 197 8.68 0.87 -51.20
N ARG A 198 8.37 1.50 -52.33
CA ARG A 198 8.87 1.04 -53.63
C ARG A 198 10.22 1.65 -53.97
N THR A 199 11.16 0.81 -54.38
CA THR A 199 12.49 1.26 -54.78
C THR A 199 13.04 0.33 -55.86
N VAL A 200 13.40 0.92 -56.99
CA VAL A 200 13.94 0.16 -58.11
C VAL A 200 15.46 0.04 -58.01
N ILE A 201 15.94 -1.18 -57.83
CA ILE A 201 17.37 -1.44 -57.71
C ILE A 201 17.92 -2.16 -58.95
N ASN A 202 18.98 -1.61 -59.52
CA ASN A 202 19.64 -2.15 -60.72
C ASN A 202 18.68 -2.64 -61.81
N GLY A 203 17.43 -2.18 -61.77
CA GLY A 203 16.46 -2.58 -62.76
C GLY A 203 15.14 -3.12 -62.25
N GLU A 204 15.20 -4.04 -61.29
CA GLU A 204 14.01 -4.65 -60.71
C GLU A 204 13.24 -3.72 -59.75
N GLU A 205 11.91 -3.84 -59.75
CA GLU A 205 11.06 -3.02 -58.88
C GLU A 205 10.88 -3.70 -57.53
N ARG A 206 11.61 -3.22 -56.52
CA ARG A 206 11.55 -3.79 -55.18
C ARG A 206 10.58 -3.09 -54.22
N PHE A 207 10.27 -3.79 -53.13
CA PHE A 207 9.37 -3.29 -52.09
C PHE A 207 10.00 -3.56 -50.73
N VAL A 208 10.79 -2.60 -50.25
CA VAL A 208 11.46 -2.73 -48.97
C VAL A 208 10.45 -2.83 -47.82
N ILE A 209 10.68 -3.79 -46.94
CA ILE A 209 9.81 -4.01 -45.79
C ILE A 209 10.22 -3.10 -44.63
N LYS A 210 9.44 -2.05 -44.39
CA LYS A 210 9.72 -1.10 -43.33
C LYS A 210 9.29 -1.65 -41.97
N THR A 211 8.08 -2.24 -41.94
CA THR A 211 7.53 -2.82 -40.72
C THR A 211 6.67 -4.04 -41.05
N ILE A 212 6.72 -5.06 -40.21
CA ILE A 212 5.92 -6.26 -40.41
C ILE A 212 4.84 -6.29 -39.33
N ILE A 213 3.58 -6.19 -39.76
CA ILE A 213 2.45 -6.19 -38.83
C ILE A 213 1.83 -7.58 -38.61
N GLY A 214 1.35 -8.20 -39.69
CA GLY A 214 0.76 -9.52 -39.57
C GLY A 214 -0.76 -9.51 -39.58
N SER A 215 -1.34 -10.48 -40.29
CA SER A 215 -2.78 -10.60 -40.39
C SER A 215 -3.35 -11.28 -39.15
N GLU A 216 -2.55 -12.16 -38.54
CA GLU A 216 -2.99 -12.87 -37.35
C GLU A 216 -2.85 -11.98 -36.10
N ASP A 217 -3.93 -11.88 -35.34
CA ASP A 217 -3.91 -11.06 -34.14
C ASP A 217 -3.40 -11.84 -32.92
N GLY A 218 -2.66 -11.16 -32.05
CA GLY A 218 -2.13 -11.80 -30.87
C GLY A 218 -0.67 -12.19 -31.05
N LEU A 219 0.08 -11.35 -31.75
CA LEU A 219 1.49 -11.63 -32.01
C LEU A 219 2.46 -10.92 -31.06
N GLY A 220 2.09 -9.69 -30.66
CA GLY A 220 2.97 -8.95 -29.77
C GLY A 220 2.30 -7.97 -28.82
N VAL A 221 2.66 -6.71 -28.97
CA VAL A 221 2.14 -5.66 -28.11
C VAL A 221 0.64 -5.69 -27.80
N GLU A 222 -0.19 -6.24 -28.67
CA GLU A 222 -1.62 -6.27 -28.37
C GLU A 222 -1.90 -7.26 -27.25
N CYS A 223 -0.98 -8.18 -27.04
CA CYS A 223 -1.10 -9.17 -25.97
C CYS A 223 -0.69 -8.47 -24.69
N LEU A 224 0.28 -7.57 -24.81
CA LEU A 224 0.78 -6.83 -23.67
C LEU A 224 -0.27 -5.83 -23.19
N ARG A 225 -0.98 -5.20 -24.12
CA ARG A 225 -2.03 -4.27 -23.73
C ARG A 225 -3.04 -5.08 -22.94
N GLY A 226 -3.47 -6.20 -23.52
CA GLY A 226 -4.45 -7.06 -22.88
C GLY A 226 -4.04 -7.49 -21.48
N SER A 227 -2.75 -7.77 -21.30
CA SER A 227 -2.24 -8.17 -19.99
C SER A 227 -2.34 -7.01 -19.01
N GLY A 228 -1.96 -5.82 -19.47
CA GLY A 228 -2.03 -4.66 -18.60
C GLY A 228 -3.46 -4.45 -18.16
N LEU A 229 -4.38 -4.60 -19.09
CA LEU A 229 -5.81 -4.42 -18.82
C LEU A 229 -6.33 -5.30 -17.68
N ILE A 230 -6.07 -6.61 -17.74
CA ILE A 230 -6.53 -7.50 -16.69
C ILE A 230 -5.72 -7.35 -15.40
N ALA A 231 -4.50 -6.84 -15.50
CA ALA A 231 -3.70 -6.64 -14.31
C ALA A 231 -4.40 -5.53 -13.55
N GLY A 232 -4.75 -4.47 -14.26
CA GLY A 232 -5.44 -3.34 -13.66
C GLY A 232 -6.81 -3.76 -13.14
N ALA A 233 -7.50 -4.56 -13.95
CA ALA A 233 -8.80 -5.06 -13.58
C ALA A 233 -8.76 -5.82 -12.26
N THR A 234 -7.72 -6.63 -12.07
CA THR A 234 -7.58 -7.44 -10.86
C THR A 234 -7.17 -6.61 -9.66
N SER A 235 -6.34 -5.61 -9.88
CA SER A 235 -5.95 -4.72 -8.81
C SER A 235 -7.20 -4.06 -8.23
N ARG A 236 -8.12 -3.63 -9.10
CA ARG A 236 -9.35 -3.00 -8.68
C ARG A 236 -10.30 -3.99 -8.02
N ALA A 237 -10.36 -5.19 -8.58
CA ALA A 237 -11.23 -6.23 -8.03
C ALA A 237 -10.91 -6.48 -6.57
N TYR A 238 -9.62 -6.62 -6.25
CA TYR A 238 -9.20 -6.86 -4.88
C TYR A 238 -9.75 -5.84 -3.87
N HIS A 239 -9.97 -4.61 -4.28
CA HIS A 239 -10.52 -3.59 -3.37
C HIS A 239 -12.04 -3.54 -3.41
N ASP A 240 -12.63 -4.34 -4.29
CA ASP A 240 -14.08 -4.34 -4.51
C ASP A 240 -14.87 -5.59 -4.08
N ILE A 241 -14.32 -6.76 -4.39
CA ILE A 241 -14.97 -8.02 -4.09
C ILE A 241 -13.94 -9.03 -3.58
N PHE A 242 -14.41 -10.15 -3.04
CA PHE A 242 -13.49 -11.16 -2.55
C PHE A 242 -12.82 -11.81 -3.76
N THR A 243 -11.49 -11.83 -3.75
CA THR A 243 -10.75 -12.44 -4.86
C THR A 243 -9.84 -13.53 -4.33
N ILE A 244 -9.67 -14.58 -5.12
CA ILE A 244 -8.82 -15.67 -4.71
C ILE A 244 -8.48 -16.42 -5.98
N THR A 245 -7.29 -17.01 -6.03
CA THR A 245 -6.92 -17.73 -7.22
C THR A 245 -6.23 -19.04 -6.87
N LEU A 246 -6.50 -20.06 -7.68
CA LEU A 246 -5.92 -21.39 -7.49
C LEU A 246 -5.02 -21.75 -8.66
N VAL A 247 -3.78 -22.12 -8.37
CA VAL A 247 -2.82 -22.50 -9.40
C VAL A 247 -2.89 -24.02 -9.51
N THR A 248 -3.52 -24.50 -10.59
CA THR A 248 -3.70 -25.93 -10.82
C THR A 248 -2.67 -26.50 -11.76
N CYS A 249 -2.14 -25.66 -12.63
CA CYS A 249 -1.10 -26.08 -13.55
C CYS A 249 -0.24 -24.84 -13.55
N ARG A 250 0.98 -24.91 -14.08
CA ARG A 250 1.82 -23.73 -14.08
C ARG A 250 1.06 -22.41 -14.32
N SER A 251 1.59 -21.32 -13.81
CA SER A 251 1.00 -20.02 -14.06
C SER A 251 2.20 -19.15 -14.41
N VAL A 252 2.25 -18.70 -15.66
CA VAL A 252 3.39 -17.92 -16.17
C VAL A 252 3.10 -16.46 -16.55
N GLY A 253 4.13 -15.62 -16.43
CA GLY A 253 4.03 -14.22 -16.78
C GLY A 253 2.84 -13.47 -16.22
N ILE A 254 1.96 -13.01 -17.09
CA ILE A 254 0.78 -12.29 -16.64
C ILE A 254 0.02 -13.25 -15.71
N GLY A 255 0.18 -14.54 -15.95
CA GLY A 255 -0.49 -15.54 -15.14
C GLY A 255 -0.03 -15.47 -13.68
N ALA A 256 1.28 -15.39 -13.48
CA ALA A 256 1.85 -15.30 -12.14
C ALA A 256 1.46 -13.96 -11.51
N TYR A 257 1.51 -12.91 -12.33
CA TYR A 257 1.19 -11.56 -11.88
C TYR A 257 -0.21 -11.51 -11.28
N LEU A 258 -1.17 -12.07 -11.99
CA LEU A 258 -2.55 -12.09 -11.53
C LEU A 258 -2.67 -12.81 -10.19
N VAL A 259 -1.88 -13.85 -10.00
CA VAL A 259 -1.92 -14.58 -8.74
C VAL A 259 -1.68 -13.59 -7.61
N ARG A 260 -0.64 -12.78 -7.73
CA ARG A 260 -0.34 -11.82 -6.68
C ARG A 260 -1.34 -10.68 -6.64
N LEU A 261 -1.75 -10.18 -7.80
CA LEU A 261 -2.69 -9.06 -7.83
C LEU A 261 -4.02 -9.36 -7.15
N GLY A 262 -4.43 -10.62 -7.18
CA GLY A 262 -5.69 -11.00 -6.53
C GLY A 262 -5.42 -11.27 -5.06
N GLN A 263 -4.14 -11.23 -4.70
CA GLN A 263 -3.64 -11.45 -3.34
C GLN A 263 -3.84 -12.85 -2.79
N ARG A 264 -5.08 -13.21 -2.49
CA ARG A 264 -5.37 -14.54 -1.94
C ARG A 264 -5.09 -15.64 -2.98
N ALA A 265 -4.13 -16.50 -2.67
CA ALA A 265 -3.74 -17.56 -3.59
C ALA A 265 -3.47 -18.91 -2.92
N ILE A 266 -3.95 -19.97 -3.57
CA ILE A 266 -3.75 -21.34 -3.10
C ILE A 266 -3.00 -22.06 -4.21
N GLN A 267 -1.87 -22.65 -3.86
CA GLN A 267 -1.02 -23.33 -4.82
C GLN A 267 -1.01 -24.86 -4.68
N VAL A 268 -1.34 -25.55 -5.77
CA VAL A 268 -1.33 -27.02 -5.79
C VAL A 268 0.12 -27.45 -5.97
N GLU A 269 0.61 -28.36 -5.14
CA GLU A 269 2.00 -28.83 -5.21
C GLU A 269 2.39 -29.26 -6.61
N GLY A 270 3.61 -28.91 -7.01
CA GLY A 270 4.08 -29.26 -8.33
C GLY A 270 3.72 -28.27 -9.43
N GLN A 271 2.82 -27.33 -9.14
CA GLN A 271 2.41 -26.33 -10.12
C GLN A 271 3.12 -25.02 -9.80
N PRO A 272 4.16 -24.68 -10.58
CA PRO A 272 4.91 -23.45 -10.35
C PRO A 272 4.24 -22.17 -10.79
N ILE A 273 4.66 -21.07 -10.15
CA ILE A 273 4.19 -19.72 -10.43
C ILE A 273 5.47 -19.02 -10.89
N ILE A 274 5.64 -18.84 -12.19
CA ILE A 274 6.86 -18.21 -12.71
C ILE A 274 6.67 -17.05 -13.68
N LEU A 275 7.60 -16.10 -13.64
CA LEU A 275 7.53 -14.95 -14.54
C LEU A 275 8.09 -15.36 -15.89
N THR A 276 9.20 -16.11 -15.86
CA THR A 276 9.82 -16.61 -17.08
C THR A 276 10.32 -18.02 -16.78
N GLY A 277 10.27 -18.89 -17.78
CA GLY A 277 10.71 -20.26 -17.58
C GLY A 277 12.20 -20.38 -17.32
N ALA A 278 12.58 -21.40 -16.56
CA ALA A 278 13.98 -21.65 -16.23
C ALA A 278 14.85 -21.78 -17.49
N PRO A 279 14.35 -22.46 -18.54
CA PRO A 279 15.15 -22.58 -19.76
C PRO A 279 15.65 -21.22 -20.23
N ALA A 280 14.72 -20.26 -20.31
CA ALA A 280 15.05 -18.91 -20.75
C ALA A 280 16.07 -18.24 -19.83
N ILE A 281 15.96 -18.52 -18.53
CA ILE A 281 16.87 -17.94 -17.55
C ILE A 281 18.26 -18.53 -17.69
N ASN A 282 18.32 -19.79 -18.15
CA ASN A 282 19.60 -20.47 -18.33
C ASN A 282 20.33 -19.83 -19.51
N LYS A 283 19.74 -19.93 -20.69
CA LYS A 283 20.32 -19.38 -21.91
C LYS A 283 20.86 -17.97 -21.68
N MET A 284 20.13 -17.19 -20.89
CA MET A 284 20.52 -15.82 -20.59
C MET A 284 21.84 -15.77 -19.81
N LEU A 285 21.78 -16.11 -18.53
CA LEU A 285 22.95 -16.09 -17.66
C LEU A 285 24.17 -16.76 -18.29
N GLY A 286 24.29 -18.07 -18.12
CA GLY A 286 25.42 -18.79 -18.68
C GLY A 286 25.11 -20.25 -18.96
N ARG A 287 25.37 -21.11 -17.97
CA ARG A 287 25.12 -22.54 -18.10
C ARG A 287 23.77 -22.91 -17.49
N GLU A 288 23.47 -24.20 -17.46
CA GLU A 288 22.23 -24.68 -16.89
C GLU A 288 22.25 -24.49 -15.38
N VAL A 289 21.71 -23.37 -14.93
CA VAL A 289 21.66 -23.05 -13.51
C VAL A 289 20.54 -23.81 -12.82
N TYR A 290 19.34 -23.71 -13.38
CA TYR A 290 18.17 -24.38 -12.82
C TYR A 290 17.76 -25.63 -13.57
N THR A 291 17.39 -26.65 -12.81
CA THR A 291 16.99 -27.94 -13.38
C THR A 291 15.48 -28.03 -13.61
N SER A 292 14.71 -27.24 -12.85
CA SER A 292 13.26 -27.26 -12.97
C SER A 292 12.61 -25.92 -12.60
N ASN A 293 11.44 -25.65 -13.15
CA ASN A 293 10.72 -24.42 -12.85
C ASN A 293 10.28 -24.42 -11.39
N LEU A 294 10.29 -25.60 -10.77
CA LEU A 294 9.92 -25.73 -9.37
C LEU A 294 10.99 -25.12 -8.47
N GLN A 295 12.12 -24.76 -9.05
CA GLN A 295 13.21 -24.15 -8.29
C GLN A 295 13.03 -22.64 -8.36
N LEU A 296 12.11 -22.21 -9.21
CA LEU A 296 11.83 -20.80 -9.40
C LEU A 296 10.49 -20.40 -8.80
N GLY A 297 9.45 -21.18 -9.09
CA GLY A 297 8.13 -20.84 -8.58
C GLY A 297 7.43 -21.95 -7.83
N GLY A 298 8.19 -22.93 -7.34
CA GLY A 298 7.61 -24.03 -6.60
C GLY A 298 7.02 -23.62 -5.26
N THR A 299 6.31 -24.53 -4.61
CA THR A 299 5.71 -24.23 -3.31
C THR A 299 6.75 -23.78 -2.30
N GLN A 300 7.85 -24.53 -2.21
CA GLN A 300 8.90 -24.21 -1.25
C GLN A 300 9.43 -22.78 -1.42
N ILE A 301 9.03 -22.13 -2.51
CA ILE A 301 9.47 -20.76 -2.73
C ILE A 301 8.35 -19.75 -2.55
N MET A 302 7.22 -20.00 -3.20
CA MET A 302 6.09 -19.08 -3.09
C MET A 302 5.31 -19.17 -1.79
N TYR A 303 5.21 -20.36 -1.21
CA TYR A 303 4.50 -20.55 0.05
C TYR A 303 5.39 -20.02 1.18
N ASN A 304 6.69 -20.24 1.04
CA ASN A 304 7.67 -19.77 2.03
C ASN A 304 7.81 -18.25 2.02
N ASN A 305 7.62 -17.64 0.85
CA ASN A 305 7.75 -16.20 0.73
C ASN A 305 6.45 -15.45 0.98
N GLY A 306 5.36 -16.19 1.10
CA GLY A 306 4.09 -15.55 1.36
C GLY A 306 3.28 -15.19 0.13
N VAL A 307 3.76 -15.53 -1.06
CA VAL A 307 2.97 -15.22 -2.24
C VAL A 307 1.78 -16.17 -2.19
N SER A 308 2.06 -17.43 -1.88
CA SER A 308 1.00 -18.44 -1.77
C SER A 308 0.53 -18.52 -0.32
N HIS A 309 -0.74 -18.19 -0.10
CA HIS A 309 -1.29 -18.22 1.25
C HIS A 309 -1.38 -19.64 1.79
N LEU A 310 -1.74 -20.56 0.91
CA LEU A 310 -1.91 -21.97 1.26
C LEU A 310 -1.37 -22.88 0.17
N THR A 311 -1.18 -24.13 0.57
CA THR A 311 -0.69 -25.17 -0.31
C THR A 311 -1.84 -26.21 -0.41
N ALA A 312 -1.93 -26.93 -1.53
CA ALA A 312 -2.96 -27.96 -1.70
C ALA A 312 -2.35 -29.18 -2.39
N VAL A 313 -2.68 -30.38 -1.89
CA VAL A 313 -2.14 -31.60 -2.46
C VAL A 313 -2.64 -31.89 -3.86
N ASP A 314 -3.85 -31.41 -4.18
CA ASP A 314 -4.43 -31.62 -5.49
C ASP A 314 -5.56 -30.61 -5.73
N ASP A 315 -6.10 -30.60 -6.95
CA ASP A 315 -7.17 -29.67 -7.31
C ASP A 315 -8.38 -29.68 -6.39
N LEU A 316 -8.80 -30.86 -5.94
CA LEU A 316 -9.97 -30.94 -5.07
C LEU A 316 -9.64 -30.29 -3.73
N ALA A 317 -8.43 -30.53 -3.24
CA ALA A 317 -8.04 -29.96 -1.97
C ALA A 317 -8.08 -28.41 -2.07
N GLY A 318 -7.63 -27.89 -3.21
CA GLY A 318 -7.63 -26.46 -3.43
C GLY A 318 -9.02 -25.88 -3.42
N VAL A 319 -9.91 -26.50 -4.19
CA VAL A 319 -11.29 -26.06 -4.28
C VAL A 319 -11.94 -26.09 -2.89
N GLU A 320 -11.61 -27.11 -2.11
CA GLU A 320 -12.17 -27.25 -0.77
C GLU A 320 -11.67 -26.11 0.10
N LYS A 321 -10.43 -25.70 -0.10
CA LYS A 321 -9.90 -24.60 0.69
C LYS A 321 -10.52 -23.28 0.24
N ILE A 322 -10.84 -23.17 -1.05
CA ILE A 322 -11.48 -21.96 -1.54
C ILE A 322 -12.84 -21.81 -0.85
N VAL A 323 -13.62 -22.89 -0.90
CA VAL A 323 -14.95 -22.92 -0.30
C VAL A 323 -14.94 -22.70 1.21
N GLU A 324 -14.00 -23.32 1.90
CA GLU A 324 -13.94 -23.12 3.35
C GLU A 324 -13.58 -21.65 3.64
N TRP A 325 -12.71 -21.09 2.82
CA TRP A 325 -12.29 -19.69 2.98
C TRP A 325 -13.49 -18.76 2.77
N MET A 326 -14.28 -19.03 1.72
CA MET A 326 -15.44 -18.23 1.41
C MET A 326 -16.53 -18.27 2.49
N SER A 327 -16.53 -19.33 3.29
CA SER A 327 -17.56 -19.47 4.32
C SER A 327 -17.54 -18.40 5.40
N TYR A 328 -16.50 -17.56 5.40
CA TYR A 328 -16.39 -16.49 6.39
C TYR A 328 -16.72 -15.17 5.73
N VAL A 329 -16.92 -15.21 4.43
CA VAL A 329 -17.16 -14.00 3.66
C VAL A 329 -18.59 -13.74 3.24
N PRO A 330 -19.00 -12.47 3.27
CA PRO A 330 -20.34 -12.03 2.89
C PRO A 330 -20.72 -12.62 1.53
N ALA A 331 -22.00 -12.89 1.32
CA ALA A 331 -22.45 -13.44 0.06
C ALA A 331 -22.00 -12.48 -1.03
N LYS A 332 -22.05 -11.19 -0.76
CA LYS A 332 -21.57 -10.20 -1.72
C LYS A 332 -21.18 -8.91 -1.02
N ARG A 333 -20.52 -8.02 -1.76
CA ARG A 333 -20.05 -6.76 -1.20
C ARG A 333 -21.08 -5.98 -0.39
N ASN A 334 -20.66 -5.64 0.83
CA ASN A 334 -21.47 -4.87 1.78
C ASN A 334 -22.58 -5.57 2.51
N MET A 335 -22.66 -6.89 2.40
CA MET A 335 -23.68 -7.61 3.14
C MET A 335 -23.07 -7.91 4.51
N PRO A 336 -23.91 -8.10 5.52
CA PRO A 336 -23.37 -8.40 6.84
C PRO A 336 -22.49 -9.66 6.75
N VAL A 337 -21.50 -9.80 7.62
CA VAL A 337 -20.67 -10.99 7.60
C VAL A 337 -21.57 -12.18 8.02
N PRO A 338 -21.43 -13.32 7.33
CA PRO A 338 -22.20 -14.55 7.55
C PRO A 338 -22.06 -15.25 8.90
N ILE A 339 -23.09 -15.12 9.74
CA ILE A 339 -23.10 -15.76 11.05
C ILE A 339 -23.33 -17.27 10.86
N LEU A 340 -22.57 -18.09 11.56
CA LEU A 340 -22.75 -19.53 11.45
C LEU A 340 -22.61 -20.19 12.82
N GLU A 341 -23.75 -20.34 13.49
CA GLU A 341 -23.80 -20.96 14.81
C GLU A 341 -23.37 -22.43 14.74
N THR A 342 -22.51 -22.84 15.64
CA THR A 342 -22.05 -24.23 15.69
C THR A 342 -22.40 -24.82 17.05
N LYS A 343 -22.04 -26.08 17.30
CA LYS A 343 -22.36 -26.71 18.59
C LYS A 343 -21.74 -25.92 19.75
N ASP A 344 -20.55 -25.37 19.51
CA ASP A 344 -19.82 -24.62 20.52
C ASP A 344 -20.51 -23.28 20.79
N THR A 345 -21.31 -23.25 21.86
CA THR A 345 -22.07 -22.07 22.29
C THR A 345 -21.15 -20.94 22.74
N TRP A 346 -21.67 -19.72 22.72
CA TRP A 346 -20.88 -18.57 23.15
C TRP A 346 -20.71 -18.58 24.66
N ASP A 347 -21.72 -19.09 25.35
CA ASP A 347 -21.75 -19.11 26.80
C ASP A 347 -20.94 -20.22 27.49
N ARG A 348 -19.63 -20.07 27.49
CA ARG A 348 -18.75 -21.02 28.13
C ARG A 348 -17.46 -20.30 28.50
N PRO A 349 -16.71 -20.86 29.47
CA PRO A 349 -15.44 -20.26 29.89
C PRO A 349 -14.36 -20.66 28.90
N VAL A 350 -13.21 -19.99 28.97
CA VAL A 350 -12.11 -20.37 28.09
C VAL A 350 -11.30 -21.33 28.98
N ASP A 351 -11.09 -22.54 28.51
CA ASP A 351 -10.37 -23.55 29.28
C ASP A 351 -8.86 -23.34 29.22
N PHE A 352 -8.28 -23.57 28.05
CA PHE A 352 -6.84 -23.42 27.90
C PHE A 352 -6.35 -22.07 28.39
N THR A 353 -5.29 -22.08 29.19
CA THR A 353 -4.74 -20.84 29.72
C THR A 353 -3.22 -20.86 29.71
N PRO A 354 -2.60 -19.78 29.19
CA PRO A 354 -1.14 -19.66 29.13
C PRO A 354 -0.55 -19.60 30.53
N THR A 355 0.68 -20.06 30.69
CA THR A 355 1.35 -20.04 31.98
C THR A 355 2.73 -19.44 31.79
N ASN A 356 3.08 -18.45 32.60
CA ASN A 356 4.39 -17.81 32.48
C ASN A 356 5.49 -18.87 32.44
N ASP A 357 5.16 -20.05 32.95
CA ASP A 357 6.09 -21.18 32.97
C ASP A 357 6.18 -21.86 31.60
N GLU A 358 5.37 -22.89 31.43
CA GLU A 358 5.34 -23.69 30.21
C GLU A 358 5.09 -22.95 28.90
N THR A 359 5.91 -23.28 27.90
CA THR A 359 5.76 -22.70 26.58
C THR A 359 4.44 -23.24 26.03
N TYR A 360 3.86 -22.52 25.07
CA TYR A 360 2.59 -22.93 24.48
C TYR A 360 2.50 -22.50 23.01
N ASP A 361 1.45 -22.97 22.33
CA ASP A 361 1.21 -22.63 20.93
C ASP A 361 0.03 -21.67 20.95
N VAL A 362 0.20 -20.46 20.41
CA VAL A 362 -0.89 -19.46 20.39
C VAL A 362 -2.18 -20.06 19.89
N ARG A 363 -2.05 -20.99 18.96
CA ARG A 363 -3.21 -21.63 18.38
C ARG A 363 -4.08 -22.28 19.45
N TRP A 364 -3.47 -22.73 20.55
CA TRP A 364 -4.24 -23.33 21.63
C TRP A 364 -5.19 -22.30 22.22
N MET A 365 -4.67 -21.10 22.46
CA MET A 365 -5.49 -20.02 23.02
C MET A 365 -6.57 -19.67 22.02
N ILE A 366 -6.24 -19.81 20.74
CA ILE A 366 -7.17 -19.49 19.66
C ILE A 366 -8.28 -20.51 19.46
N GLU A 367 -7.92 -21.71 19.01
CA GLU A 367 -8.89 -22.75 18.69
C GLU A 367 -9.09 -23.84 19.75
N GLY A 368 -8.38 -23.76 20.86
CA GLY A 368 -8.54 -24.78 21.86
C GLY A 368 -7.39 -25.76 21.79
N ARG A 369 -7.45 -26.83 22.59
CA ARG A 369 -6.38 -27.81 22.61
C ARG A 369 -6.85 -29.22 22.95
N GLU A 370 -6.43 -30.18 22.16
CA GLU A 370 -6.80 -31.57 22.38
C GLU A 370 -5.83 -32.21 23.38
N THR A 371 -6.36 -32.84 24.43
CA THR A 371 -5.49 -33.49 25.42
C THR A 371 -6.08 -34.82 25.89
N GLU A 372 -5.28 -35.59 26.61
CA GLU A 372 -5.70 -36.89 27.14
C GLU A 372 -6.86 -36.74 28.10
N SER A 373 -6.76 -35.79 29.03
CA SER A 373 -7.83 -35.57 29.99
C SER A 373 -9.01 -34.85 29.32
N GLY A 374 -9.01 -34.84 27.99
CA GLY A 374 -10.08 -34.19 27.25
C GLY A 374 -9.67 -32.94 26.46
N PHE A 375 -10.61 -32.39 25.70
CA PHE A 375 -10.36 -31.20 24.89
C PHE A 375 -10.53 -29.92 25.69
N GLU A 376 -9.56 -29.03 25.58
CA GLU A 376 -9.59 -27.73 26.28
C GLU A 376 -10.02 -26.63 25.29
N TYR A 377 -11.20 -26.08 25.49
CA TYR A 377 -11.71 -25.02 24.62
C TYR A 377 -10.89 -23.74 24.69
N GLY A 378 -10.72 -23.11 23.52
CA GLY A 378 -9.97 -21.86 23.42
C GLY A 378 -10.91 -20.66 23.35
N LEU A 379 -10.41 -19.53 22.87
CA LEU A 379 -11.21 -18.32 22.78
C LEU A 379 -12.31 -18.38 21.71
N PHE A 380 -12.00 -18.98 20.57
CA PHE A 380 -12.98 -19.06 19.49
C PHE A 380 -13.63 -20.43 19.32
N ASP A 381 -14.71 -20.47 18.54
CA ASP A 381 -15.43 -21.72 18.30
C ASP A 381 -14.50 -22.86 17.92
N LYS A 382 -14.69 -24.02 18.54
CA LYS A 382 -13.89 -25.19 18.28
C LYS A 382 -13.91 -25.56 16.80
N GLY A 383 -12.75 -25.77 16.21
CA GLY A 383 -12.66 -26.14 14.80
C GLY A 383 -12.95 -25.04 13.78
N SER A 384 -13.05 -23.80 14.24
CA SER A 384 -13.34 -22.70 13.32
C SER A 384 -12.11 -21.95 12.82
N PHE A 385 -10.95 -22.20 13.43
CA PHE A 385 -9.71 -21.54 13.02
C PHE A 385 -9.17 -22.04 11.69
N PHE A 386 -9.10 -21.13 10.72
CA PHE A 386 -8.62 -21.39 9.36
C PHE A 386 -7.36 -20.54 9.14
N GLU A 387 -6.18 -21.14 9.31
CA GLU A 387 -4.94 -20.41 9.16
C GLU A 387 -4.51 -20.20 7.72
N THR A 388 -3.96 -19.02 7.44
CA THR A 388 -3.49 -18.67 6.11
C THR A 388 -2.08 -18.06 6.21
N LEU A 389 -1.33 -18.07 5.10
CA LEU A 389 0.05 -17.55 5.09
C LEU A 389 0.86 -18.28 6.16
N SER A 390 0.58 -19.57 6.33
CA SER A 390 1.25 -20.35 7.36
C SER A 390 2.66 -20.82 7.04
N GLY A 391 3.12 -20.58 5.82
CA GLY A 391 4.47 -20.98 5.46
C GLY A 391 5.42 -19.78 5.40
N TRP A 392 4.93 -18.62 5.82
CA TRP A 392 5.71 -17.38 5.77
C TRP A 392 5.64 -16.57 7.04
N ALA A 393 6.78 -16.02 7.45
CA ALA A 393 6.85 -15.19 8.65
C ALA A 393 6.01 -15.82 9.78
N LYS A 394 6.40 -17.02 10.19
CA LYS A 394 5.70 -17.74 11.24
C LYS A 394 5.76 -17.07 12.61
N GLY A 395 6.49 -15.97 12.70
CA GLY A 395 6.55 -15.25 13.96
C GLY A 395 5.16 -14.76 14.33
N VAL A 396 4.30 -14.61 13.32
CA VAL A 396 2.94 -14.15 13.56
C VAL A 396 1.95 -15.14 12.94
N VAL A 397 0.84 -15.37 13.64
CA VAL A 397 -0.19 -16.33 13.19
C VAL A 397 -1.44 -15.62 12.67
N VAL A 398 -1.82 -15.96 11.45
CA VAL A 398 -2.96 -15.33 10.79
C VAL A 398 -4.03 -16.30 10.30
N GLY A 399 -5.28 -15.94 10.55
CA GLY A 399 -6.36 -16.78 10.09
C GLY A 399 -7.75 -16.25 10.36
N ARG A 400 -8.74 -16.99 9.90
CA ARG A 400 -10.12 -16.62 10.13
C ARG A 400 -10.60 -17.55 11.24
N ALA A 401 -11.55 -17.08 12.03
CA ALA A 401 -12.10 -17.89 13.12
C ALA A 401 -13.53 -17.40 13.33
N ARG A 402 -14.24 -18.05 14.24
CA ARG A 402 -15.62 -17.68 14.56
C ARG A 402 -15.79 -17.51 16.07
N LEU A 403 -16.52 -16.48 16.47
CA LEU A 403 -16.78 -16.20 17.89
C LEU A 403 -18.28 -16.41 18.04
N GLY A 404 -18.67 -17.51 18.67
CA GLY A 404 -20.08 -17.80 18.83
C GLY A 404 -20.83 -17.75 17.50
N GLY A 405 -20.13 -18.07 16.41
CA GLY A 405 -20.76 -18.05 15.11
C GLY A 405 -20.39 -16.82 14.27
N ILE A 406 -19.91 -15.77 14.93
CA ILE A 406 -19.52 -14.55 14.24
C ILE A 406 -18.12 -14.73 13.63
N PRO A 407 -17.99 -14.58 12.30
CA PRO A 407 -16.69 -14.75 11.66
C PRO A 407 -15.84 -13.49 11.85
N LEU A 408 -14.52 -13.67 11.88
CA LEU A 408 -13.62 -12.53 12.04
C LEU A 408 -12.20 -12.95 11.71
N GLY A 409 -11.34 -11.96 11.50
CA GLY A 409 -9.95 -12.26 11.22
C GLY A 409 -9.25 -12.26 12.57
N VAL A 410 -8.29 -13.17 12.71
CA VAL A 410 -7.54 -13.25 13.96
C VAL A 410 -6.05 -13.18 13.72
N ILE A 411 -5.37 -12.35 14.50
CA ILE A 411 -3.92 -12.24 14.39
C ILE A 411 -3.29 -12.51 15.76
N GLY A 412 -2.47 -13.54 15.82
CA GLY A 412 -1.81 -13.91 17.06
C GLY A 412 -0.29 -13.87 16.93
N VAL A 413 0.39 -13.93 18.07
CA VAL A 413 1.84 -13.90 18.08
C VAL A 413 2.41 -15.26 18.52
N GLU A 414 3.29 -15.83 17.69
CA GLU A 414 3.93 -17.08 18.01
C GLU A 414 4.98 -16.77 19.06
N THR A 415 4.96 -17.47 20.19
CA THR A 415 5.91 -17.22 21.26
C THR A 415 7.18 -18.05 21.11
N ARG A 416 7.05 -19.26 20.59
CA ARG A 416 8.21 -20.13 20.39
C ARG A 416 9.11 -19.48 19.34
N THR A 417 10.35 -19.95 19.22
CA THR A 417 11.27 -19.37 18.24
C THR A 417 11.16 -20.05 16.88
N VAL A 418 11.27 -19.26 15.82
CA VAL A 418 11.16 -19.77 14.46
C VAL A 418 12.55 -20.00 13.87
N GLU A 419 12.68 -21.09 13.10
CA GLU A 419 13.96 -21.42 12.47
C GLU A 419 13.80 -21.35 10.95
N ASN A 420 13.64 -20.13 10.44
CA ASN A 420 13.49 -19.89 9.01
C ASN A 420 14.78 -20.23 8.29
N LEU A 421 14.74 -21.28 7.48
CA LEU A 421 15.91 -21.72 6.72
C LEU A 421 15.78 -21.28 5.27
N ILE A 422 16.87 -20.77 4.71
CA ILE A 422 16.88 -20.30 3.32
C ILE A 422 17.85 -21.11 2.47
N PRO A 423 17.32 -21.90 1.51
CA PRO A 423 18.15 -22.72 0.63
C PRO A 423 19.18 -21.87 -0.13
N ALA A 424 20.28 -22.50 -0.55
CA ALA A 424 21.33 -21.80 -1.28
C ALA A 424 20.80 -21.24 -2.61
N ASP A 425 21.61 -20.41 -3.26
CA ASP A 425 21.23 -19.82 -4.53
C ASP A 425 21.90 -20.56 -5.68
N PRO A 426 21.11 -21.17 -6.58
CA PRO A 426 21.62 -21.92 -7.74
C PRO A 426 22.47 -21.11 -8.71
N ALA A 427 22.31 -19.79 -8.71
CA ALA A 427 23.06 -18.92 -9.60
C ALA A 427 24.35 -18.38 -8.98
N ASN A 428 24.87 -19.10 -7.98
CA ASN A 428 26.10 -18.70 -7.30
C ASN A 428 26.68 -19.88 -6.49
N PRO A 429 27.69 -20.56 -7.06
CA PRO A 429 28.33 -21.69 -6.38
C PRO A 429 28.84 -21.33 -4.99
N ASN A 430 29.15 -20.06 -4.80
CA ASN A 430 29.65 -19.55 -3.52
C ASN A 430 28.51 -19.12 -2.59
N SER A 431 27.72 -20.09 -2.14
CA SER A 431 26.60 -19.83 -1.26
C SER A 431 26.01 -21.12 -0.71
N ALA A 432 25.76 -21.14 0.60
CA ALA A 432 25.19 -22.30 1.27
C ALA A 432 23.87 -21.92 1.96
N GLU A 433 23.31 -22.87 2.71
CA GLU A 433 22.05 -22.63 3.42
C GLU A 433 22.25 -21.49 4.41
N THR A 434 21.14 -20.98 4.95
CA THR A 434 21.23 -19.90 5.92
C THR A 434 20.10 -19.98 6.94
N LEU A 435 20.37 -20.67 8.05
CA LEU A 435 19.38 -20.81 9.12
C LEU A 435 19.26 -19.48 9.84
N ILE A 436 18.04 -18.96 9.92
CA ILE A 436 17.79 -17.68 10.60
C ILE A 436 16.90 -17.88 11.80
N GLN A 437 17.38 -17.47 12.98
CA GLN A 437 16.59 -17.58 14.20
C GLN A 437 15.73 -16.35 14.35
N GLU A 438 14.44 -16.55 14.54
CA GLU A 438 13.51 -15.44 14.71
C GLU A 438 12.88 -15.56 16.09
N PRO A 439 13.32 -14.72 17.03
CA PRO A 439 12.82 -14.70 18.41
C PRO A 439 11.32 -14.40 18.45
N GLY A 440 10.61 -15.10 19.34
CA GLY A 440 9.18 -14.88 19.48
C GLY A 440 8.87 -13.52 20.07
N GLN A 441 7.67 -13.02 19.78
CA GLN A 441 7.20 -11.73 20.28
C GLN A 441 8.04 -10.53 19.86
N VAL A 442 8.83 -10.73 18.82
CA VAL A 442 9.67 -9.67 18.27
C VAL A 442 9.21 -9.43 16.86
N TRP A 443 9.21 -8.17 16.44
CA TRP A 443 8.79 -7.84 15.09
C TRP A 443 9.92 -7.74 14.09
N HIS A 444 9.90 -8.60 13.07
CA HIS A 444 10.91 -8.57 12.03
C HIS A 444 10.27 -8.01 10.77
N PRO A 445 11.07 -7.64 9.78
CA PRO A 445 10.50 -7.08 8.54
C PRO A 445 9.36 -7.95 8.00
N ASN A 446 9.60 -9.26 7.93
CA ASN A 446 8.59 -10.18 7.41
C ASN A 446 7.34 -10.25 8.29
N SER A 447 7.52 -10.30 9.61
CA SER A 447 6.38 -10.36 10.53
C SER A 447 5.50 -9.13 10.35
N ALA A 448 6.15 -7.97 10.24
CA ALA A 448 5.42 -6.72 10.10
C ALA A 448 4.66 -6.68 8.79
N PHE A 449 5.31 -7.14 7.73
CA PHE A 449 4.71 -7.16 6.41
C PHE A 449 3.51 -8.09 6.43
N LYS A 450 3.70 -9.29 6.97
CA LYS A 450 2.62 -10.27 7.04
C LYS A 450 1.46 -9.73 7.84
N THR A 451 1.77 -9.01 8.90
CA THR A 451 0.75 -8.45 9.77
C THR A 451 -0.05 -7.42 8.99
N ALA A 452 0.62 -6.63 8.17
CA ALA A 452 -0.07 -5.61 7.38
C ALA A 452 -0.89 -6.26 6.28
N GLN A 453 -0.33 -7.27 5.63
CA GLN A 453 -1.02 -7.97 4.56
C GLN A 453 -2.32 -8.57 5.12
N ALA A 454 -2.24 -9.19 6.29
CA ALA A 454 -3.41 -9.79 6.91
C ALA A 454 -4.52 -8.77 7.15
N ILE A 455 -4.19 -7.66 7.78
CA ILE A 455 -5.18 -6.63 8.03
C ILE A 455 -5.83 -6.20 6.72
N ASN A 456 -5.03 -5.90 5.70
CA ASN A 456 -5.59 -5.50 4.42
C ASN A 456 -6.46 -6.61 3.80
N ASP A 457 -6.04 -7.86 3.95
CA ASP A 457 -6.79 -8.98 3.38
C ASP A 457 -8.10 -9.27 4.15
N PHE A 458 -8.19 -8.84 5.40
CA PHE A 458 -9.40 -9.04 6.19
C PHE A 458 -10.37 -7.93 5.79
N ASN A 459 -9.82 -6.74 5.56
CA ASN A 459 -10.56 -5.54 5.23
C ASN A 459 -11.14 -5.50 3.81
N ASN A 460 -10.29 -5.76 2.82
CA ASN A 460 -10.72 -5.76 1.42
C ASN A 460 -11.38 -7.09 1.04
N GLY A 461 -12.52 -7.01 0.37
CA GLY A 461 -13.21 -8.23 -0.06
C GLY A 461 -13.89 -8.99 1.07
N GLU A 462 -13.10 -9.52 1.99
CA GLU A 462 -13.62 -10.25 3.11
C GLU A 462 -14.51 -9.38 4.01
N GLN A 463 -14.18 -8.10 4.15
CA GLN A 463 -14.92 -7.16 4.98
C GLN A 463 -15.23 -7.68 6.38
N LEU A 464 -14.25 -8.33 6.99
CA LEU A 464 -14.39 -8.90 8.32
C LEU A 464 -13.92 -8.02 9.47
N PRO A 465 -14.41 -8.31 10.69
CA PRO A 465 -14.07 -7.61 11.92
C PRO A 465 -12.72 -8.26 12.25
N MET A 466 -12.02 -7.78 13.27
CA MET A 466 -10.72 -8.37 13.56
C MET A 466 -10.32 -8.29 15.02
N MET A 467 -9.59 -9.30 15.47
CA MET A 467 -9.06 -9.29 16.83
C MET A 467 -7.58 -9.59 16.74
N ILE A 468 -6.77 -8.75 17.37
CA ILE A 468 -5.33 -8.97 17.38
C ILE A 468 -4.94 -9.29 18.82
N LEU A 469 -4.43 -10.49 19.06
CA LEU A 469 -4.00 -10.85 20.42
C LEU A 469 -2.60 -10.28 20.57
N ALA A 470 -2.54 -8.95 20.70
CA ALA A 470 -1.30 -8.19 20.79
C ALA A 470 -0.37 -8.65 21.89
N ASN A 471 0.80 -9.15 21.50
CA ASN A 471 1.79 -9.65 22.44
C ASN A 471 3.22 -9.56 21.87
N TRP A 472 3.66 -8.35 21.55
CA TRP A 472 4.99 -8.09 21.02
C TRP A 472 5.73 -7.22 22.02
N ARG A 473 7.04 -7.41 22.14
CA ARG A 473 7.83 -6.60 23.07
C ARG A 473 9.06 -6.04 22.39
N GLY A 474 8.99 -5.83 21.08
CA GLY A 474 10.13 -5.29 20.36
C GLY A 474 10.10 -5.43 18.85
N PHE A 475 11.26 -5.15 18.23
CA PHE A 475 11.45 -5.18 16.77
C PHE A 475 12.94 -5.21 16.45
N SER A 476 13.35 -6.09 15.53
CA SER A 476 14.76 -6.21 15.15
C SER A 476 14.98 -6.83 13.76
N GLY A 477 15.57 -6.04 12.85
CA GLY A 477 15.83 -6.50 11.50
C GLY A 477 16.82 -5.62 10.74
N ASN A 484 17.46 -1.35 7.72
CA ASN A 484 16.42 -1.36 8.74
C ASN A 484 15.06 -1.18 8.06
N GLU A 485 14.68 -2.17 7.25
CA GLU A 485 13.42 -2.14 6.52
C GLU A 485 12.19 -2.12 7.44
N VAL A 486 12.33 -2.71 8.64
CA VAL A 486 11.23 -2.75 9.61
C VAL A 486 10.43 -1.45 9.64
N LEU A 487 11.13 -0.33 9.46
CA LEU A 487 10.48 0.96 9.46
C LEU A 487 9.40 1.06 8.38
N LYS A 488 9.74 0.61 7.18
CA LYS A 488 8.79 0.66 6.07
C LYS A 488 7.58 -0.24 6.28
N TYR A 489 7.81 -1.50 6.62
CA TYR A 489 6.73 -2.44 6.82
C TYR A 489 5.87 -2.15 8.05
N GLY A 490 6.48 -1.60 9.09
CA GLY A 490 5.71 -1.28 10.27
C GLY A 490 4.73 -0.22 9.83
N SER A 491 5.22 0.71 9.02
CA SER A 491 4.42 1.81 8.51
C SER A 491 3.21 1.28 7.73
N PHE A 492 3.37 0.15 7.06
CA PHE A 492 2.26 -0.43 6.32
C PHE A 492 1.13 -0.79 7.27
N ILE A 493 1.49 -1.18 8.50
CA ILE A 493 0.50 -1.57 9.49
C ILE A 493 -0.40 -0.39 9.83
N VAL A 494 0.19 0.75 10.19
CA VAL A 494 -0.63 1.92 10.50
C VAL A 494 -1.60 2.23 9.35
N ASP A 495 -1.08 2.25 8.12
CA ASP A 495 -1.91 2.54 6.96
C ASP A 495 -3.07 1.57 6.85
N ALA A 496 -2.78 0.28 7.06
CA ALA A 496 -3.78 -0.78 6.98
C ALA A 496 -4.89 -0.57 8.01
N LEU A 497 -4.51 -0.18 9.22
CA LEU A 497 -5.48 0.05 10.28
C LEU A 497 -6.32 1.29 9.99
N VAL A 498 -5.66 2.35 9.50
CA VAL A 498 -6.36 3.59 9.18
C VAL A 498 -7.49 3.34 8.18
N ASP A 499 -7.27 2.36 7.32
CA ASP A 499 -8.21 2.03 6.26
C ASP A 499 -9.27 0.99 6.66
N TYR A 500 -9.15 0.41 7.85
CA TYR A 500 -10.09 -0.62 8.29
C TYR A 500 -11.51 -0.11 8.45
N LYS A 501 -12.48 -0.86 7.94
CA LYS A 501 -13.87 -0.42 7.98
C LYS A 501 -14.86 -1.23 8.80
N GLN A 502 -14.36 -2.19 9.58
CA GLN A 502 -15.20 -3.04 10.41
C GLN A 502 -14.59 -3.02 11.81
N PRO A 503 -15.38 -3.38 12.84
CA PRO A 503 -14.83 -3.36 14.19
C PRO A 503 -13.51 -4.09 14.40
N ILE A 504 -12.65 -3.49 15.22
CA ILE A 504 -11.37 -4.08 15.56
C ILE A 504 -11.23 -4.17 17.07
N ILE A 505 -10.70 -5.30 17.53
CA ILE A 505 -10.48 -5.52 18.96
C ILE A 505 -9.01 -5.88 19.15
N ILE A 506 -8.33 -5.13 20.02
CA ILE A 506 -6.92 -5.38 20.34
C ILE A 506 -6.92 -5.88 21.78
N TYR A 507 -6.39 -7.06 22.01
CA TYR A 507 -6.40 -7.67 23.34
C TYR A 507 -5.06 -8.23 23.74
N ILE A 508 -4.45 -7.68 24.79
CA ILE A 508 -3.17 -8.18 25.31
C ILE A 508 -3.58 -9.37 26.18
N PRO A 509 -3.27 -10.60 25.76
CA PRO A 509 -3.62 -11.81 26.52
C PRO A 509 -2.83 -12.04 27.80
N PRO A 510 -3.22 -13.06 28.58
CA PRO A 510 -2.53 -13.40 29.84
C PRO A 510 -1.09 -13.79 29.50
N THR A 511 -0.15 -13.41 30.37
CA THR A 511 1.27 -13.69 30.18
C THR A 511 1.80 -12.87 29.02
N GLY A 512 0.94 -12.06 28.43
CA GLY A 512 1.35 -11.26 27.31
C GLY A 512 1.83 -9.89 27.71
N GLU A 513 2.50 -9.23 26.77
CA GLU A 513 2.99 -7.88 26.99
C GLU A 513 3.02 -7.11 25.69
N LEU A 514 3.07 -5.80 25.81
CA LEU A 514 3.12 -4.93 24.65
C LEU A 514 4.00 -3.77 25.10
N ARG A 515 5.17 -3.64 24.48
CA ARG A 515 6.10 -2.57 24.86
C ARG A 515 6.31 -1.52 23.78
N GLY A 516 6.78 -0.36 24.19
CA GLY A 516 7.06 0.75 23.30
C GLY A 516 6.51 0.72 21.89
N GLY A 517 7.40 0.54 20.91
CA GLY A 517 6.99 0.52 19.52
C GLY A 517 5.87 -0.44 19.20
N SER A 518 5.86 -1.60 19.86
CA SER A 518 4.84 -2.60 19.63
C SER A 518 3.44 -2.07 19.98
N TRP A 519 3.34 -1.27 21.03
CA TRP A 519 2.04 -0.74 21.40
C TRP A 519 1.62 0.30 20.38
N VAL A 520 2.55 1.19 20.07
CA VAL A 520 2.33 2.27 19.14
C VAL A 520 1.56 1.88 17.90
N VAL A 521 2.06 0.89 17.15
CA VAL A 521 1.40 0.46 15.92
C VAL A 521 0.01 -0.18 16.05
N VAL A 522 -0.48 -0.40 17.26
CA VAL A 522 -1.82 -0.97 17.39
C VAL A 522 -2.74 -0.19 18.34
N ASP A 523 -2.31 1.01 18.74
CA ASP A 523 -3.11 1.84 19.62
C ASP A 523 -4.43 2.22 18.98
N PRO A 524 -5.53 2.17 19.76
CA PRO A 524 -6.89 2.50 19.32
C PRO A 524 -7.04 3.85 18.66
N THR A 525 -6.25 4.83 19.08
CA THR A 525 -6.36 6.16 18.50
C THR A 525 -5.95 6.21 17.03
N ILE A 526 -5.31 5.17 16.53
CA ILE A 526 -4.94 5.17 15.13
C ILE A 526 -6.22 5.22 14.32
N ASN A 527 -7.24 4.50 14.77
CA ASN A 527 -8.54 4.46 14.10
C ASN A 527 -9.62 4.35 15.19
N ALA A 528 -9.90 5.47 15.84
CA ALA A 528 -10.89 5.51 16.92
C ALA A 528 -12.29 5.15 16.44
N ASP A 529 -12.50 5.21 15.13
CA ASP A 529 -13.79 4.88 14.56
C ASP A 529 -14.09 3.39 14.67
N GLN A 530 -13.05 2.56 14.70
CA GLN A 530 -13.23 1.13 14.71
C GLN A 530 -12.43 0.34 15.72
N MET A 531 -11.45 0.96 16.36
CA MET A 531 -10.59 0.24 17.28
C MET A 531 -10.88 0.42 18.74
N GLU A 532 -10.70 -0.65 19.50
CA GLU A 532 -10.88 -0.66 20.95
C GLU A 532 -9.78 -1.52 21.50
N MET A 533 -9.22 -1.12 22.65
CA MET A 533 -8.16 -1.90 23.24
C MET A 533 -8.51 -2.45 24.60
N TYR A 534 -8.09 -3.68 24.85
CA TYR A 534 -8.36 -4.34 26.13
C TYR A 534 -7.09 -5.02 26.62
N ALA A 535 -6.97 -5.15 27.93
CA ALA A 535 -5.81 -5.80 28.52
C ALA A 535 -6.20 -6.81 29.60
N ASP A 536 -5.58 -7.99 29.55
CA ASP A 536 -5.87 -9.00 30.56
C ASP A 536 -5.33 -8.51 31.89
N VAL A 537 -5.99 -8.88 32.98
CA VAL A 537 -5.55 -8.47 34.30
C VAL A 537 -4.16 -9.00 34.58
N ASN A 538 -3.75 -10.02 33.82
CA ASN A 538 -2.41 -10.58 33.98
C ASN A 538 -1.53 -10.21 32.80
N ALA A 539 -1.72 -9.01 32.27
CA ALA A 539 -0.91 -8.56 31.14
C ALA A 539 0.05 -7.48 31.58
N ARG A 540 1.04 -7.20 30.74
CA ARG A 540 2.04 -6.18 31.02
C ARG A 540 2.18 -5.20 29.88
N ALA A 541 2.38 -3.93 30.21
CA ALA A 541 2.54 -2.92 29.17
C ALA A 541 3.28 -1.68 29.68
N GLY A 542 4.16 -1.15 28.84
CA GLY A 542 4.91 0.03 29.20
C GLY A 542 5.90 0.38 28.10
N VAL A 543 6.43 1.59 28.14
CA VAL A 543 7.41 2.01 27.13
C VAL A 543 8.59 1.02 27.13
N LEU A 544 9.13 0.74 28.31
CA LEU A 544 10.27 -0.18 28.45
C LEU A 544 9.91 -1.32 29.39
N GLU A 545 10.66 -2.41 29.27
CA GLU A 545 10.45 -3.56 30.14
C GLU A 545 11.07 -3.20 31.49
N PRO A 546 10.94 -4.07 32.49
CA PRO A 546 11.52 -3.74 33.79
C PRO A 546 13.04 -3.49 33.76
N GLN A 547 13.81 -4.38 33.13
CA GLN A 547 15.26 -4.22 33.03
C GLN A 547 15.64 -2.86 32.45
N GLY A 548 15.02 -2.52 31.32
CA GLY A 548 15.31 -1.24 30.69
C GLY A 548 14.96 -0.06 31.57
N MET A 549 13.78 -0.09 32.19
CA MET A 549 13.33 0.99 33.05
C MET A 549 14.31 1.17 34.22
N VAL A 550 14.74 0.05 34.78
CA VAL A 550 15.68 0.05 35.89
C VAL A 550 16.98 0.77 35.52
N GLY A 551 17.62 0.30 34.45
CA GLY A 551 18.86 0.90 34.00
C GLY A 551 18.78 2.36 33.56
N ILE A 552 17.69 3.04 33.89
CA ILE A 552 17.55 4.44 33.50
C ILE A 552 16.98 5.29 34.64
N LYS A 553 16.10 4.70 35.44
CA LYS A 553 15.50 5.42 36.54
C LYS A 553 15.86 4.84 37.91
N PHE A 554 16.48 3.67 37.92
CA PHE A 554 16.88 3.03 39.17
C PHE A 554 18.31 2.49 39.05
N ARG A 555 19.24 3.41 38.81
CA ARG A 555 20.66 3.09 38.66
C ARG A 555 21.33 2.82 40.01
N ARG A 556 22.54 2.29 39.98
CA ARG A 556 23.28 1.97 41.21
C ARG A 556 23.28 3.15 42.18
N GLU A 557 23.31 4.35 41.61
CA GLU A 557 23.30 5.57 42.41
C GLU A 557 22.13 5.57 43.39
N LYS A 558 20.92 5.73 42.86
CA LYS A 558 19.72 5.76 43.69
C LYS A 558 19.39 4.40 44.30
N LEU A 559 19.96 3.34 43.72
CA LEU A 559 19.71 1.99 44.23
C LEU A 559 20.45 1.85 45.56
N LEU A 560 21.30 2.82 45.87
CA LEU A 560 22.04 2.82 47.12
C LEU A 560 21.26 3.59 48.19
N ASP A 561 20.74 4.75 47.82
CA ASP A 561 19.96 5.58 48.73
C ASP A 561 18.88 4.76 49.43
N THR A 562 18.25 3.87 48.67
CA THR A 562 17.20 3.01 49.21
C THR A 562 17.81 1.85 49.98
N MET A 563 19.01 1.46 49.59
CA MET A 563 19.72 0.37 50.26
C MET A 563 20.19 0.86 51.63
N ASN A 564 20.05 2.17 51.85
CA ASN A 564 20.43 2.78 53.11
C ASN A 564 19.22 2.89 54.01
N ARG A 565 18.20 3.60 53.54
CA ARG A 565 16.97 3.77 54.30
C ARG A 565 16.44 2.43 54.82
N LEU A 566 16.98 1.34 54.30
CA LEU A 566 16.57 0.01 54.70
C LEU A 566 17.76 -0.85 55.11
N GLU A 600 27.52 -9.27 48.80
CA GLU A 600 26.75 -8.03 48.75
C GLU A 600 25.26 -8.30 48.64
N LEU A 601 24.47 -7.28 48.92
CA LEU A 601 23.02 -7.36 48.87
C LEU A 601 22.51 -6.64 47.62
N LEU A 602 23.30 -6.73 46.55
CA LEU A 602 22.97 -6.09 45.29
C LEU A 602 21.92 -6.92 44.52
N PRO A 603 22.15 -8.24 44.39
CA PRO A 603 21.20 -9.09 43.68
C PRO A 603 19.75 -8.96 44.15
N ILE A 604 19.51 -9.17 45.44
CA ILE A 604 18.15 -9.08 45.97
C ILE A 604 17.59 -7.66 45.87
N TYR A 605 18.47 -6.66 45.87
CA TYR A 605 18.00 -5.29 45.75
C TYR A 605 17.80 -4.95 44.30
N GLY A 606 18.30 -5.82 43.42
CA GLY A 606 18.14 -5.60 42.00
C GLY A 606 16.74 -6.11 41.69
N GLN A 607 16.36 -7.20 42.34
CA GLN A 607 15.05 -7.80 42.17
C GLN A 607 13.97 -6.86 42.70
N ILE A 608 14.35 -6.00 43.64
CA ILE A 608 13.40 -5.06 44.21
C ILE A 608 13.06 -3.98 43.19
N SER A 609 14.09 -3.34 42.65
CA SER A 609 13.91 -2.29 41.65
C SER A 609 13.02 -2.80 40.53
N LEU A 610 13.27 -4.03 40.10
CA LEU A 610 12.48 -4.63 39.04
C LEU A 610 10.99 -4.69 39.41
N GLN A 611 10.69 -5.10 40.64
CA GLN A 611 9.31 -5.17 41.08
C GLN A 611 8.67 -3.79 41.18
N PHE A 612 9.47 -2.79 41.50
CA PHE A 612 8.97 -1.43 41.62
C PHE A 612 8.52 -0.96 40.24
N ALA A 613 9.28 -1.36 39.23
CA ALA A 613 9.00 -1.00 37.85
C ALA A 613 7.77 -1.76 37.40
N ASP A 614 7.88 -3.09 37.42
CA ASP A 614 6.80 -3.98 37.02
C ASP A 614 5.46 -3.60 37.61
N LEU A 615 5.45 -2.97 38.77
CA LEU A 615 4.20 -2.56 39.41
C LEU A 615 3.58 -1.34 38.72
N HIS A 616 4.26 -0.86 37.68
CA HIS A 616 3.79 0.30 36.91
C HIS A 616 3.12 -0.19 35.62
N ASP A 617 3.59 -1.33 35.12
CA ASP A 617 3.14 -1.93 33.87
C ASP A 617 1.87 -2.78 33.98
N ARG A 618 1.00 -2.45 34.93
CA ARG A 618 -0.21 -3.22 35.15
C ARG A 618 -1.45 -2.66 34.47
N SER A 619 -2.40 -3.53 34.17
CA SER A 619 -3.64 -3.13 33.52
C SER A 619 -4.40 -2.10 34.36
N SER A 620 -4.19 -2.13 35.66
CA SER A 620 -4.85 -1.18 36.55
C SER A 620 -4.40 0.22 36.17
N ARG A 621 -3.13 0.36 35.85
CA ARG A 621 -2.61 1.67 35.46
C ARG A 621 -3.19 2.04 34.10
N MET A 622 -3.34 1.03 33.24
CA MET A 622 -3.91 1.23 31.90
C MET A 622 -5.33 1.78 32.01
N VAL A 623 -6.11 1.23 32.94
CA VAL A 623 -7.47 1.70 33.14
C VAL A 623 -7.41 3.12 33.74
N ALA A 624 -6.53 3.30 34.72
CA ALA A 624 -6.40 4.59 35.35
C ALA A 624 -6.00 5.70 34.36
N LYS A 625 -5.08 5.39 33.46
CA LYS A 625 -4.65 6.39 32.50
C LYS A 625 -5.61 6.54 31.33
N GLY A 626 -6.54 5.59 31.19
CA GLY A 626 -7.52 5.66 30.13
C GLY A 626 -7.07 5.23 28.74
N VAL A 627 -6.17 4.27 28.68
CA VAL A 627 -5.65 3.80 27.40
C VAL A 627 -6.35 2.55 26.88
N ILE A 628 -7.18 1.94 27.71
CA ILE A 628 -7.93 0.77 27.26
C ILE A 628 -9.38 0.91 27.68
N SER A 629 -10.26 0.23 26.97
CA SER A 629 -11.68 0.29 27.26
C SER A 629 -11.99 -0.47 28.52
N LYS A 630 -11.23 -1.53 28.76
CA LYS A 630 -11.50 -2.34 29.93
C LYS A 630 -10.41 -3.39 30.14
N GLU A 631 -10.20 -3.78 31.40
CA GLU A 631 -9.25 -4.85 31.71
C GLU A 631 -10.15 -6.07 31.87
N LEU A 632 -9.76 -7.19 31.28
CA LEU A 632 -10.60 -8.40 31.33
C LEU A 632 -9.98 -9.61 31.97
N GLU A 633 -10.81 -10.62 32.21
CA GLU A 633 -10.35 -11.88 32.77
C GLU A 633 -10.43 -12.91 31.65
N TRP A 634 -9.29 -13.47 31.30
CA TRP A 634 -9.19 -14.46 30.23
C TRP A 634 -10.37 -15.43 30.16
N THR A 635 -10.57 -16.23 31.21
CA THR A 635 -11.65 -17.21 31.24
C THR A 635 -13.00 -16.63 30.83
N GLU A 636 -13.20 -15.34 31.08
CA GLU A 636 -14.47 -14.70 30.75
C GLU A 636 -14.44 -13.90 29.44
N ALA A 637 -13.32 -13.95 28.72
CA ALA A 637 -13.19 -13.18 27.48
C ALA A 637 -14.09 -13.65 26.35
N ARG A 638 -14.30 -14.96 26.24
CA ARG A 638 -15.15 -15.53 25.19
C ARG A 638 -16.55 -14.96 25.34
N ARG A 639 -17.01 -14.79 26.58
CA ARG A 639 -18.34 -14.25 26.82
C ARG A 639 -18.43 -12.75 26.62
N PHE A 640 -17.43 -12.03 27.10
CA PHE A 640 -17.42 -10.58 26.95
C PHE A 640 -17.30 -10.11 25.49
N PHE A 641 -16.37 -10.70 24.76
CA PHE A 641 -16.15 -10.33 23.36
C PHE A 641 -17.28 -10.71 22.43
N PHE A 642 -17.89 -11.86 22.66
CA PHE A 642 -18.99 -12.27 21.79
C PHE A 642 -20.05 -11.18 21.80
N TRP A 643 -20.42 -10.73 22.99
CA TRP A 643 -21.44 -9.70 23.06
C TRP A 643 -20.95 -8.31 22.67
N ARG A 644 -19.69 -8.00 22.97
CA ARG A 644 -19.16 -6.69 22.59
C ARG A 644 -19.11 -6.62 21.07
N LEU A 645 -18.61 -7.68 20.44
CA LEU A 645 -18.51 -7.69 18.99
C LEU A 645 -19.88 -7.63 18.32
N ARG A 646 -20.81 -8.41 18.84
CA ARG A 646 -22.15 -8.46 18.29
C ARG A 646 -22.81 -7.10 18.40
N ARG A 647 -22.62 -6.47 19.55
CA ARG A 647 -23.18 -5.14 19.78
C ARG A 647 -22.60 -4.13 18.77
N ARG A 648 -21.28 -4.17 18.58
CA ARG A 648 -20.60 -3.26 17.65
C ARG A 648 -21.04 -3.48 16.19
N LEU A 649 -21.19 -4.75 15.80
CA LEU A 649 -21.62 -5.04 14.43
C LEU A 649 -23.01 -4.44 14.16
N ASN A 650 -23.88 -4.52 15.16
CA ASN A 650 -25.22 -3.98 15.03
C ASN A 650 -25.16 -2.46 14.92
N GLU A 651 -24.33 -1.82 15.73
CA GLU A 651 -24.23 -0.36 15.66
C GLU A 651 -23.58 0.11 14.37
N GLU A 652 -22.52 -0.59 13.95
CA GLU A 652 -21.84 -0.24 12.72
C GLU A 652 -22.83 -0.26 11.56
N TYR A 653 -23.68 -1.28 11.56
CA TYR A 653 -24.69 -1.45 10.53
C TYR A 653 -25.61 -0.24 10.45
N LEU A 654 -25.97 0.32 11.60
CA LEU A 654 -26.85 1.49 11.58
C LEU A 654 -26.08 2.72 11.07
N ILE A 655 -24.83 2.86 11.51
CA ILE A 655 -24.00 3.97 11.10
C ILE A 655 -23.81 3.96 9.59
N LYS A 656 -23.47 2.81 9.03
CA LYS A 656 -23.26 2.68 7.60
C LYS A 656 -24.50 3.01 6.77
N ARG A 657 -25.67 3.03 7.41
CA ARG A 657 -26.92 3.36 6.72
C ARG A 657 -26.96 4.88 6.45
N LEU A 658 -26.10 5.62 7.15
CA LEU A 658 -25.99 7.07 7.02
C LEU A 658 -24.80 7.48 6.15
N SER A 659 -24.27 6.55 5.35
CA SER A 659 -23.10 6.84 4.52
C SER A 659 -23.34 7.95 3.50
N HIS A 660 -24.35 7.78 2.66
CA HIS A 660 -24.67 8.77 1.64
C HIS A 660 -25.58 9.88 2.17
N GLN A 661 -25.45 10.17 3.46
CA GLN A 661 -26.24 11.24 4.08
C GLN A 661 -25.62 12.56 3.65
N VAL A 662 -26.46 13.57 3.43
CA VAL A 662 -25.97 14.89 3.04
C VAL A 662 -25.62 15.66 4.31
N GLY A 663 -24.63 16.54 4.22
CA GLY A 663 -24.25 17.30 5.39
C GLY A 663 -22.83 17.04 5.86
N GLU A 664 -22.44 17.74 6.93
CA GLU A 664 -21.10 17.61 7.48
C GLU A 664 -21.01 16.73 8.73
N ALA A 665 -22.09 16.01 9.02
CA ALA A 665 -22.15 15.13 10.19
C ALA A 665 -20.99 14.14 10.25
N SER A 666 -20.34 14.06 11.40
CA SER A 666 -19.21 13.15 11.59
C SER A 666 -19.67 11.81 12.18
N ARG A 667 -18.90 10.76 11.93
CA ARG A 667 -19.22 9.44 12.44
C ARG A 667 -19.52 9.52 13.93
N LEU A 668 -18.74 10.34 14.62
CA LEU A 668 -18.86 10.55 16.05
C LEU A 668 -20.24 11.08 16.41
N GLU A 669 -20.75 12.02 15.62
CA GLU A 669 -22.05 12.61 15.87
C GLU A 669 -23.18 11.70 15.41
N LYS A 670 -22.86 10.79 14.49
CA LYS A 670 -23.86 9.87 13.97
C LYS A 670 -24.24 8.79 14.98
N ILE A 671 -23.27 8.25 15.70
CA ILE A 671 -23.55 7.22 16.68
C ILE A 671 -24.25 7.80 17.90
N ALA A 672 -23.88 9.01 18.26
CA ALA A 672 -24.48 9.68 19.40
C ALA A 672 -25.97 9.83 19.13
N ARG A 673 -26.28 10.26 17.92
CA ARG A 673 -27.65 10.45 17.51
C ARG A 673 -28.41 9.13 17.55
N ILE A 674 -27.82 8.12 16.92
CA ILE A 674 -28.42 6.79 16.89
C ILE A 674 -28.64 6.25 18.31
N ARG A 675 -27.65 6.45 19.17
CA ARG A 675 -27.72 5.98 20.54
C ARG A 675 -28.72 6.73 21.41
N SER A 676 -29.08 7.94 21.01
CA SER A 676 -30.06 8.73 21.75
C SER A 676 -31.44 8.13 21.51
N TRP A 677 -31.51 7.22 20.54
CA TRP A 677 -32.76 6.56 20.19
C TRP A 677 -33.06 5.38 21.12
N TYR A 678 -32.00 4.72 21.61
CA TYR A 678 -32.18 3.58 22.51
C TYR A 678 -33.11 4.01 23.65
N PRO A 679 -34.00 3.11 24.12
CA PRO A 679 -34.93 3.43 25.21
C PRO A 679 -34.17 3.86 26.46
N ALA A 680 -34.67 4.88 27.13
CA ALA A 680 -34.03 5.40 28.33
C ALA A 680 -33.68 4.35 29.37
N SER A 681 -34.43 3.26 29.42
CA SER A 681 -34.12 2.26 30.43
C SER A 681 -33.05 1.27 29.97
N VAL A 682 -32.54 1.48 28.75
CA VAL A 682 -31.49 0.60 28.24
C VAL A 682 -30.12 1.11 28.68
N ASP A 683 -29.29 0.24 29.21
CA ASP A 683 -27.95 0.61 29.67
C ASP A 683 -26.99 0.55 28.48
N HIS A 684 -26.58 1.72 27.99
CA HIS A 684 -25.69 1.81 26.82
C HIS A 684 -24.42 1.00 26.98
N GLU A 685 -24.05 0.69 28.22
CA GLU A 685 -22.85 -0.09 28.45
C GLU A 685 -23.15 -1.60 28.56
N ASP A 686 -24.41 -1.98 28.39
CA ASP A 686 -24.77 -3.39 28.44
C ASP A 686 -24.84 -3.87 27.00
N ASP A 687 -23.74 -4.48 26.56
CA ASP A 687 -23.61 -4.96 25.20
C ASP A 687 -24.74 -5.87 24.77
N ARG A 688 -24.99 -6.91 25.57
CA ARG A 688 -26.05 -7.85 25.24
C ARG A 688 -27.38 -7.15 25.09
N GLN A 689 -27.67 -6.22 25.99
CA GLN A 689 -28.92 -5.50 25.93
C GLN A 689 -29.02 -4.57 24.71
N VAL A 690 -27.95 -3.84 24.41
CA VAL A 690 -27.99 -2.94 23.24
C VAL A 690 -28.15 -3.76 21.95
N ALA A 691 -27.41 -4.86 21.87
CA ALA A 691 -27.46 -5.74 20.70
C ALA A 691 -28.88 -6.27 20.50
N THR A 692 -29.48 -6.70 21.61
CA THR A 692 -30.81 -7.27 21.60
C THR A 692 -31.86 -6.28 21.13
N TRP A 693 -31.86 -5.09 21.70
CA TRP A 693 -32.85 -4.11 21.30
C TRP A 693 -32.75 -3.80 19.81
N ILE A 694 -31.52 -3.60 19.32
CA ILE A 694 -31.30 -3.29 17.91
C ILE A 694 -31.83 -4.40 17.02
N GLU A 695 -31.44 -5.63 17.32
CA GLU A 695 -31.89 -6.79 16.55
C GLU A 695 -33.43 -6.91 16.52
N GLU A 696 -34.09 -6.30 17.51
CA GLU A 696 -35.55 -6.36 17.54
C GLU A 696 -36.19 -5.16 16.84
N ASN A 697 -35.39 -4.14 16.51
CA ASN A 697 -35.95 -2.97 15.86
C ASN A 697 -35.32 -2.51 14.54
N TYR A 698 -34.76 -3.44 13.77
CA TYR A 698 -34.15 -3.10 12.49
C TYR A 698 -35.05 -2.19 11.63
N LYS A 699 -36.16 -2.73 11.15
CA LYS A 699 -37.09 -1.97 10.32
C LYS A 699 -37.38 -0.58 10.88
N THR A 700 -37.71 -0.52 12.17
CA THR A 700 -38.04 0.75 12.83
C THR A 700 -36.86 1.70 12.82
N LEU A 701 -35.66 1.16 13.05
CA LEU A 701 -34.46 1.98 13.05
C LEU A 701 -34.21 2.52 11.62
N ASP A 702 -34.45 1.69 10.61
CA ASP A 702 -34.28 2.14 9.24
C ASP A 702 -35.10 3.42 9.02
N ASP A 703 -36.31 3.46 9.58
CA ASP A 703 -37.18 4.62 9.45
C ASP A 703 -36.57 5.86 10.08
N LYS A 704 -36.04 5.73 11.29
CA LYS A 704 -35.42 6.86 11.95
C LYS A 704 -34.22 7.31 11.12
N LEU A 705 -33.51 6.34 10.56
CA LEU A 705 -32.34 6.58 9.72
C LEU A 705 -32.74 7.36 8.47
N LYS A 706 -33.79 6.88 7.82
CA LYS A 706 -34.33 7.49 6.62
C LYS A 706 -34.76 8.92 6.94
N GLY A 707 -35.42 9.08 8.08
CA GLY A 707 -35.88 10.41 8.46
C GLY A 707 -34.72 11.29 8.85
N LEU A 708 -33.60 10.68 9.20
CA LEU A 708 -32.42 11.43 9.61
C LEU A 708 -31.80 12.06 8.36
N LYS A 709 -31.72 11.28 7.29
CA LYS A 709 -31.17 11.79 6.04
C LYS A 709 -32.10 12.82 5.42
N LEU A 710 -33.40 12.60 5.54
CA LEU A 710 -34.39 13.52 4.99
C LEU A 710 -34.28 14.89 5.62
N GLU A 711 -34.01 14.93 6.92
CA GLU A 711 -33.85 16.20 7.61
C GLU A 711 -32.63 16.91 7.02
N SER A 712 -31.55 16.16 6.85
CA SER A 712 -30.32 16.71 6.30
C SER A 712 -30.52 17.23 4.90
N PHE A 713 -31.19 16.45 4.07
CA PHE A 713 -31.44 16.85 2.70
C PHE A 713 -32.18 18.19 2.66
N ALA A 714 -33.04 18.41 3.65
CA ALA A 714 -33.80 19.66 3.74
C ALA A 714 -32.95 20.78 4.31
N GLN A 715 -32.21 20.47 5.38
CA GLN A 715 -31.35 21.46 6.03
C GLN A 715 -30.34 21.95 5.00
N ASP A 716 -29.91 21.03 4.12
CA ASP A 716 -28.94 21.33 3.08
C ASP A 716 -29.55 22.24 2.03
N LEU A 717 -30.71 21.86 1.52
CA LEU A 717 -31.40 22.67 0.53
C LEU A 717 -31.62 24.06 1.10
N ALA A 718 -31.83 24.12 2.42
CA ALA A 718 -32.06 25.38 3.10
C ALA A 718 -30.80 26.24 3.05
N LYS A 719 -29.67 25.67 3.44
CA LYS A 719 -28.41 26.40 3.43
C LYS A 719 -27.98 26.77 2.02
N LYS A 720 -28.50 26.04 1.03
CA LYS A 720 -28.17 26.33 -0.37
C LYS A 720 -28.92 27.58 -0.81
N ILE A 721 -30.16 27.71 -0.39
CA ILE A 721 -30.98 28.87 -0.73
C ILE A 721 -30.45 30.10 0.03
N ARG A 722 -29.97 29.87 1.25
CA ARG A 722 -29.43 30.95 2.07
C ARG A 722 -27.95 31.13 1.75
N SER A 723 -27.59 30.87 0.49
CA SER A 723 -26.21 30.99 0.03
C SER A 723 -26.20 31.28 -1.47
N ASP A 724 -27.39 31.41 -2.05
CA ASP A 724 -27.55 31.68 -3.47
C ASP A 724 -29.04 31.81 -3.80
N HIS A 725 -29.77 32.50 -2.93
CA HIS A 725 -31.21 32.71 -3.08
C HIS A 725 -31.64 32.96 -4.52
N ASP A 726 -30.80 33.66 -5.27
CA ASP A 726 -31.09 33.99 -6.65
C ASP A 726 -31.31 32.74 -7.50
N ASN A 727 -30.23 32.13 -7.96
CA ASN A 727 -30.30 30.93 -8.79
C ASN A 727 -31.11 29.86 -8.07
N ALA A 728 -30.96 29.81 -6.75
CA ALA A 728 -31.67 28.83 -5.92
C ALA A 728 -33.18 28.92 -6.04
N ILE A 729 -33.75 30.00 -5.51
CA ILE A 729 -35.20 30.20 -5.56
C ILE A 729 -35.75 29.89 -6.95
N ASP A 730 -35.05 30.36 -7.99
CA ASP A 730 -35.47 30.12 -9.36
C ASP A 730 -35.45 28.63 -9.66
N GLY A 731 -34.51 27.92 -9.05
CA GLY A 731 -34.40 26.48 -9.25
C GLY A 731 -35.64 25.77 -8.76
N LEU A 732 -36.07 26.09 -7.54
CA LEU A 732 -37.26 25.48 -6.97
C LEU A 732 -38.44 25.71 -7.90
N SER A 733 -38.55 26.93 -8.40
CA SER A 733 -39.62 27.30 -9.33
C SER A 733 -39.53 26.43 -10.57
N GLU A 734 -38.31 26.23 -11.06
CA GLU A 734 -38.08 25.42 -12.25
C GLU A 734 -38.68 24.03 -12.02
N VAL A 735 -39.09 23.77 -10.79
CA VAL A 735 -39.68 22.49 -10.42
C VAL A 735 -41.18 22.66 -10.17
N ILE A 736 -41.99 22.42 -11.20
CA ILE A 736 -43.43 22.55 -11.10
C ILE A 736 -44.08 21.17 -10.91
N LYS A 737 -43.96 20.33 -11.93
CA LYS A 737 -44.52 18.98 -11.88
C LYS A 737 -44.18 18.22 -13.15
N ALA B 3 29.48 42.09 27.40
CA ALA B 3 28.75 40.84 27.09
C ALA B 3 29.12 40.32 25.69
N THR B 4 28.20 40.46 24.74
CA THR B 4 28.41 40.01 23.37
C THR B 4 28.30 41.21 22.43
N PRO B 5 28.97 41.15 21.27
CA PRO B 5 28.94 42.24 20.29
C PRO B 5 27.56 42.82 20.03
N TYR B 6 26.58 41.97 19.76
CA TYR B 6 25.23 42.45 19.50
C TYR B 6 24.23 41.96 20.54
N PRO B 7 23.18 42.75 20.79
CA PRO B 7 22.13 42.41 21.75
C PRO B 7 21.25 41.27 21.27
N VAL B 8 21.26 40.18 22.03
CA VAL B 8 20.46 38.99 21.71
C VAL B 8 19.76 38.53 22.98
N LYS B 9 18.57 37.95 22.82
CA LYS B 9 17.80 37.47 23.97
C LYS B 9 18.68 36.68 24.94
N GLU B 10 18.80 37.19 26.17
CA GLU B 10 19.63 36.56 27.19
C GLU B 10 19.12 35.20 27.66
N TRP B 11 17.80 35.07 27.75
CA TRP B 11 17.18 33.81 28.20
C TRP B 11 17.37 32.66 27.20
N LEU B 12 17.74 32.99 25.97
CA LEU B 12 17.95 31.97 24.94
C LEU B 12 19.34 31.33 25.02
N GLN B 13 20.35 32.10 25.41
CA GLN B 13 21.72 31.61 25.49
C GLN B 13 21.84 30.15 25.95
N PRO B 14 21.35 29.85 27.15
CA PRO B 14 21.45 28.46 27.62
C PRO B 14 20.63 27.45 26.79
N LYS B 15 19.48 27.88 26.27
CA LYS B 15 18.65 27.01 25.43
C LYS B 15 19.43 26.66 24.16
N ARG B 16 19.92 27.69 23.47
CA ARG B 16 20.71 27.53 22.25
C ARG B 16 21.91 26.63 22.46
N TYR B 17 22.65 26.91 23.54
CA TYR B 17 23.83 26.14 23.86
C TYR B 17 23.50 24.65 23.96
N LYS B 18 22.50 24.32 24.75
CA LYS B 18 22.09 22.93 24.92
C LYS B 18 21.72 22.28 23.57
N ALA B 19 20.92 22.96 22.75
CA ALA B 19 20.54 22.41 21.43
C ALA B 19 21.79 22.14 20.60
N HIS B 20 22.70 23.11 20.58
CA HIS B 20 23.93 22.99 19.82
C HIS B 20 24.77 21.86 20.37
N LEU B 21 24.74 21.69 21.68
CA LEU B 21 25.49 20.62 22.33
C LEU B 21 24.97 19.31 21.76
N MET B 22 23.67 19.27 21.43
CA MET B 22 23.05 18.08 20.86
C MET B 22 23.37 17.92 19.38
N GLY B 23 23.89 18.97 18.77
CA GLY B 23 24.24 18.92 17.36
C GLY B 23 23.13 19.40 16.43
N THR B 24 22.20 20.21 16.95
CA THR B 24 21.10 20.69 16.12
C THR B 24 20.82 22.18 16.36
N THR B 25 20.07 22.80 15.46
CA THR B 25 19.74 24.22 15.60
C THR B 25 18.65 24.40 16.66
N TYR B 26 18.64 25.55 17.34
CA TYR B 26 17.63 25.80 18.37
C TYR B 26 16.30 25.99 17.65
N VAL B 27 15.25 25.34 18.16
CA VAL B 27 13.94 25.41 17.52
C VAL B 27 13.50 26.78 17.02
N TYR B 28 13.61 27.79 17.87
CA TYR B 28 13.16 29.12 17.46
C TYR B 28 14.03 29.83 16.44
N ASP B 29 15.22 29.29 16.15
CA ASP B 29 16.09 29.90 15.14
C ASP B 29 15.78 29.28 13.76
N PHE B 30 15.01 28.19 13.74
CA PHE B 30 14.68 27.55 12.47
C PHE B 30 13.88 28.42 11.49
N PRO B 31 12.91 29.20 12.00
CA PRO B 31 12.18 30.03 11.03
C PRO B 31 13.15 30.92 10.25
N GLU B 32 14.22 31.36 10.93
CA GLU B 32 15.24 32.21 10.31
C GLU B 32 15.93 31.46 9.16
N LEU B 33 16.18 30.17 9.36
CA LEU B 33 16.79 29.38 8.30
C LEU B 33 15.82 29.34 7.11
N PHE B 34 14.51 29.25 7.37
CA PHE B 34 13.57 29.21 6.25
C PHE B 34 13.57 30.55 5.52
N ARG B 35 13.80 31.62 6.26
CA ARG B 35 13.84 32.96 5.66
C ARG B 35 15.06 33.03 4.72
N GLN B 36 16.18 32.50 5.18
CA GLN B 36 17.39 32.51 4.37
C GLN B 36 17.23 31.68 3.12
N ALA B 37 16.64 30.49 3.25
CA ALA B 37 16.48 29.63 2.09
C ALA B 37 15.57 30.25 1.02
N SER B 38 14.53 30.96 1.45
CA SER B 38 13.60 31.59 0.53
C SER B 38 14.28 32.76 -0.17
N SER B 39 15.03 33.54 0.59
CA SER B 39 15.75 34.67 0.03
C SER B 39 16.70 34.10 -1.02
N SER B 40 17.41 33.06 -0.63
CA SER B 40 18.35 32.40 -1.52
C SER B 40 17.62 31.80 -2.72
N GLN B 41 16.32 31.59 -2.57
CA GLN B 41 15.53 31.01 -3.65
C GLN B 41 15.37 32.10 -4.71
N TRP B 42 15.03 33.29 -4.27
CA TRP B 42 14.87 34.41 -5.18
C TRP B 42 16.17 34.77 -5.88
N LYS B 43 17.27 34.73 -5.15
CA LYS B 43 18.56 35.04 -5.74
C LYS B 43 18.82 34.19 -6.97
N ASN B 44 18.70 32.88 -6.83
CA ASN B 44 18.94 31.97 -7.95
C ASN B 44 17.95 32.16 -9.08
N PHE B 45 16.72 32.54 -8.76
CA PHE B 45 15.71 32.73 -9.79
C PHE B 45 15.88 34.05 -10.53
N SER B 46 16.08 35.13 -9.78
CA SER B 46 16.26 36.44 -10.37
C SER B 46 17.12 37.31 -9.47
N ALA B 47 18.44 37.27 -9.68
CA ALA B 47 19.39 38.04 -8.90
C ALA B 47 18.96 39.50 -8.72
N ASP B 48 18.41 40.08 -9.78
CA ASP B 48 17.96 41.47 -9.77
C ASP B 48 16.64 41.66 -9.03
N VAL B 49 16.53 41.10 -7.83
CA VAL B 49 15.29 41.26 -7.07
C VAL B 49 15.59 41.77 -5.67
N LYS B 50 14.80 42.76 -5.26
CA LYS B 50 14.95 43.36 -3.95
C LYS B 50 13.74 43.02 -3.10
N LEU B 51 13.97 42.18 -2.09
CA LEU B 51 12.89 41.74 -1.22
C LEU B 51 12.67 42.66 -0.04
N THR B 52 11.42 42.77 0.40
CA THR B 52 11.09 43.57 1.56
C THR B 52 10.75 42.55 2.65
N ASP B 53 11.22 42.79 3.88
CA ASP B 53 10.97 41.86 4.97
C ASP B 53 9.60 41.19 4.96
N ASP B 54 8.59 41.89 4.44
CA ASP B 54 7.24 41.35 4.37
C ASP B 54 7.08 40.16 3.41
N PHE B 55 8.17 39.76 2.75
CA PHE B 55 8.12 38.65 1.82
C PHE B 55 8.09 37.34 2.59
N PHE B 56 8.45 37.41 3.87
CA PHE B 56 8.49 36.24 4.72
C PHE B 56 7.96 36.57 6.12
N ILE B 57 6.95 35.82 6.54
CA ILE B 57 6.35 36.00 7.85
C ILE B 57 6.30 34.66 8.57
N SER B 58 6.63 34.68 9.85
CA SER B 58 6.62 33.48 10.66
C SER B 58 5.93 33.77 12.00
N ASN B 59 4.74 33.19 12.18
CA ASN B 59 3.99 33.38 13.42
C ASN B 59 3.88 32.06 14.19
N GLU B 60 4.36 32.05 15.42
CA GLU B 60 4.27 30.84 16.22
C GLU B 60 2.82 30.46 16.45
N LEU B 61 2.58 29.17 16.56
CA LEU B 61 1.24 28.64 16.77
C LEU B 61 1.12 27.99 18.16
N ILE B 62 0.09 28.37 18.91
CA ILE B 62 -0.12 27.78 20.23
C ILE B 62 -1.62 27.60 20.45
N GLU B 63 -1.98 26.72 21.39
CA GLU B 63 -3.38 26.47 21.70
C GLU B 63 -3.94 27.55 22.62
N ASP B 64 -5.15 28.03 22.33
CA ASP B 64 -5.78 29.05 23.18
C ASP B 64 -6.55 28.45 24.36
N GLU B 65 -7.46 29.23 24.93
CA GLU B 65 -8.26 28.79 26.07
C GLU B 65 -9.05 27.53 25.71
N ASN B 66 -9.68 27.55 24.54
CA ASN B 66 -10.48 26.44 24.05
C ASN B 66 -9.63 25.31 23.47
N GLY B 67 -8.31 25.42 23.61
CA GLY B 67 -7.43 24.41 23.07
C GLY B 67 -7.28 24.50 21.55
N GLU B 68 -7.77 25.60 20.99
CA GLU B 68 -7.69 25.82 19.55
C GLU B 68 -6.38 26.51 19.18
N LEU B 69 -5.79 26.09 18.07
CA LEU B 69 -4.53 26.63 17.59
C LEU B 69 -4.66 28.05 17.01
N THR B 70 -3.93 28.99 17.59
CA THR B 70 -3.94 30.37 17.12
C THR B 70 -2.53 30.96 17.01
N GLU B 71 -2.35 31.90 16.08
CA GLU B 71 -1.05 32.53 15.88
C GLU B 71 -0.78 33.52 17.01
N VAL B 72 0.47 33.62 17.45
CA VAL B 72 0.78 34.56 18.52
C VAL B 72 2.10 35.27 18.28
N GLU B 73 2.19 36.48 18.83
CA GLU B 73 3.37 37.30 18.70
C GLU B 73 4.03 37.36 20.07
N ARG B 74 4.67 36.27 20.49
CA ARG B 74 5.31 36.25 21.79
C ARG B 74 6.82 36.10 21.70
N GLU B 75 7.48 36.21 22.85
CA GLU B 75 8.92 36.10 22.90
C GLU B 75 9.35 34.64 22.75
N PRO B 76 10.45 34.38 22.04
CA PRO B 76 10.98 33.03 21.83
C PRO B 76 11.35 32.32 23.13
N GLY B 77 11.46 31.00 23.07
CA GLY B 77 11.82 30.22 24.25
C GLY B 77 10.79 30.20 25.38
N ALA B 78 9.52 30.51 25.08
CA ALA B 78 8.50 30.52 26.12
C ALA B 78 7.59 29.28 26.13
N ASN B 79 7.93 28.28 25.33
CA ASN B 79 7.13 27.08 25.22
C ASN B 79 7.05 26.25 26.51
N ALA B 80 5.82 25.92 26.90
CA ALA B 80 5.59 25.13 28.09
C ALA B 80 5.58 23.62 27.80
N ILE B 81 5.73 23.23 26.54
CA ILE B 81 5.77 21.83 26.13
C ILE B 81 6.94 21.62 25.16
N GLY B 82 7.44 20.39 25.05
CA GLY B 82 8.56 20.11 24.18
C GLY B 82 8.31 20.04 22.69
N MET B 83 7.23 20.66 22.23
CA MET B 83 6.90 20.62 20.80
C MET B 83 6.41 22.03 20.46
N VAL B 84 6.83 22.57 19.30
CA VAL B 84 6.40 23.91 18.91
C VAL B 84 6.07 23.93 17.44
N ALA B 85 5.36 24.96 16.98
CA ALA B 85 4.99 25.06 15.59
C ALA B 85 4.90 26.50 15.10
N PHE B 86 5.05 26.68 13.79
CA PHE B 86 4.98 28.00 13.20
C PHE B 86 4.17 27.97 11.92
N LYS B 87 3.44 29.05 11.68
CA LYS B 87 2.66 29.19 10.47
C LYS B 87 3.48 30.18 9.64
N ILE B 88 4.00 29.70 8.53
CA ILE B 88 4.82 30.53 7.66
C ILE B 88 4.11 30.93 6.36
N THR B 89 4.17 32.21 6.03
CA THR B 89 3.58 32.75 4.80
C THR B 89 4.77 33.38 4.04
N VAL B 90 5.04 32.90 2.83
CA VAL B 90 6.18 33.41 2.07
C VAL B 90 5.90 33.63 0.60
N LYS B 91 6.54 34.64 0.03
CA LYS B 91 6.38 34.94 -1.38
C LYS B 91 7.54 34.20 -2.07
N THR B 92 7.19 33.34 -3.02
CA THR B 92 8.20 32.55 -3.72
C THR B 92 8.06 32.77 -5.23
N PRO B 93 9.11 32.40 -5.99
CA PRO B 93 9.06 32.57 -7.44
C PRO B 93 7.79 31.97 -8.03
N GLU B 94 7.38 30.79 -7.55
CA GLU B 94 6.17 30.18 -8.09
C GLU B 94 4.89 30.73 -7.49
N TYR B 95 4.98 31.37 -6.32
CA TYR B 95 3.82 31.99 -5.69
C TYR B 95 4.18 33.39 -5.18
N PRO B 96 4.42 34.33 -6.11
CA PRO B 96 4.79 35.73 -5.87
C PRO B 96 3.90 36.43 -4.87
N ARG B 97 2.63 36.05 -4.83
CA ARG B 97 1.71 36.68 -3.92
C ARG B 97 1.69 35.97 -2.56
N GLY B 98 2.44 34.88 -2.45
CA GLY B 98 2.52 34.15 -1.18
C GLY B 98 1.93 32.74 -1.10
N ARG B 99 2.61 31.87 -0.35
CA ARG B 99 2.13 30.50 -0.13
C ARG B 99 2.31 30.22 1.37
N GLN B 100 1.55 29.27 1.90
CA GLN B 100 1.65 28.98 3.32
C GLN B 100 1.90 27.52 3.65
N PHE B 101 2.46 27.28 4.83
CA PHE B 101 2.71 25.93 5.32
C PHE B 101 3.01 25.98 6.81
N VAL B 102 3.04 24.83 7.46
CA VAL B 102 3.32 24.84 8.89
C VAL B 102 4.58 24.05 9.16
N VAL B 103 5.29 24.46 10.20
CA VAL B 103 6.52 23.78 10.62
C VAL B 103 6.28 23.32 12.06
N VAL B 104 6.36 22.01 12.28
CA VAL B 104 6.19 21.43 13.63
C VAL B 104 7.54 20.90 14.03
N ALA B 105 7.98 21.20 15.24
CA ALA B 105 9.27 20.67 15.62
C ALA B 105 9.36 20.32 17.08
N ASN B 106 10.23 19.37 17.38
CA ASN B 106 10.48 19.00 18.77
C ASN B 106 11.42 20.11 19.28
N ASP B 107 11.40 20.32 20.59
CA ASP B 107 12.31 21.28 21.20
C ASP B 107 13.25 20.34 21.96
N ILE B 108 14.38 20.03 21.35
CA ILE B 108 15.35 19.11 21.95
C ILE B 108 15.80 19.51 23.35
N THR B 109 15.54 20.74 23.76
CA THR B 109 15.98 21.19 25.07
C THR B 109 14.92 21.01 26.16
N PHE B 110 13.70 20.70 25.76
CA PHE B 110 12.62 20.48 26.72
C PHE B 110 12.55 18.98 26.99
N LYS B 111 13.03 18.57 28.16
CA LYS B 111 13.04 17.16 28.51
C LYS B 111 13.57 16.34 27.35
N ILE B 112 14.74 16.75 26.86
CA ILE B 112 15.43 16.12 25.74
C ILE B 112 14.55 15.74 24.56
N GLY B 113 13.60 16.60 24.25
CA GLY B 113 12.70 16.36 23.13
C GLY B 113 11.94 15.05 23.16
N SER B 114 11.54 14.61 24.34
CA SER B 114 10.79 13.36 24.45
C SER B 114 9.33 13.66 24.09
N PHE B 115 8.59 12.65 23.66
CA PHE B 115 7.18 12.89 23.34
C PHE B 115 6.34 12.52 24.56
N GLY B 116 5.63 13.50 25.09
CA GLY B 116 4.77 13.27 26.23
C GLY B 116 3.34 13.47 25.75
N PRO B 117 2.33 13.14 26.57
CA PRO B 117 0.94 13.34 26.14
C PRO B 117 0.68 14.71 25.54
N GLN B 118 1.14 15.76 26.21
CA GLN B 118 0.91 17.11 25.73
C GLN B 118 1.60 17.42 24.39
N GLU B 119 2.82 16.92 24.22
CA GLU B 119 3.55 17.13 22.97
C GLU B 119 2.77 16.43 21.85
N ASP B 120 2.33 15.21 22.16
CA ASP B 120 1.59 14.39 21.20
C ASP B 120 0.31 15.06 20.76
N GLU B 121 -0.49 15.52 21.71
CA GLU B 121 -1.75 16.14 21.34
C GLU B 121 -1.52 17.43 20.56
N PHE B 122 -0.47 18.18 20.90
CA PHE B 122 -0.17 19.42 20.19
C PHE B 122 0.17 19.08 18.73
N PHE B 123 1.09 18.15 18.57
CA PHE B 123 1.52 17.68 17.25
C PHE B 123 0.32 17.27 16.42
N ASN B 124 -0.59 16.50 17.04
CA ASN B 124 -1.78 16.05 16.34
C ASN B 124 -2.64 17.23 15.95
N LYS B 125 -2.81 18.17 16.87
CA LYS B 125 -3.62 19.34 16.59
C LYS B 125 -2.98 20.16 15.43
N VAL B 126 -1.65 20.24 15.39
CA VAL B 126 -1.00 20.98 14.32
C VAL B 126 -1.13 20.27 12.97
N THR B 127 -1.05 18.95 12.99
CA THR B 127 -1.20 18.19 11.76
C THR B 127 -2.61 18.43 11.22
N GLU B 128 -3.61 18.33 12.10
CA GLU B 128 -5.01 18.52 11.68
C GLU B 128 -5.24 19.94 11.19
N TYR B 129 -4.55 20.89 11.80
CA TYR B 129 -4.65 22.29 11.41
C TYR B 129 -4.21 22.42 9.95
N ALA B 130 -3.06 21.85 9.61
CA ALA B 130 -2.60 21.94 8.22
C ALA B 130 -3.55 21.22 7.28
N ARG B 131 -3.92 19.99 7.62
CA ARG B 131 -4.83 19.21 6.78
C ARG B 131 -6.15 19.92 6.50
N LYS B 132 -6.73 20.57 7.51
CA LYS B 132 -7.98 21.28 7.30
C LYS B 132 -7.78 22.42 6.28
N ARG B 133 -6.61 23.04 6.28
CA ARG B 133 -6.34 24.13 5.33
C ARG B 133 -5.72 23.68 4.00
N GLY B 134 -5.31 22.41 3.93
CA GLY B 134 -4.71 21.86 2.73
C GLY B 134 -3.26 22.29 2.50
N ILE B 135 -2.63 22.84 3.53
CA ILE B 135 -1.27 23.32 3.40
C ILE B 135 -0.22 22.33 3.88
N PRO B 136 0.99 22.39 3.29
CA PRO B 136 2.13 21.53 3.62
C PRO B 136 2.45 21.50 5.08
N ARG B 137 2.87 20.32 5.56
CA ARG B 137 3.25 20.18 6.96
C ARG B 137 4.66 19.69 7.01
N ILE B 138 5.56 20.57 7.45
CA ILE B 138 6.96 20.25 7.59
C ILE B 138 7.21 19.88 9.06
N TYR B 139 7.88 18.75 9.28
CA TYR B 139 8.20 18.31 10.64
C TYR B 139 9.72 18.28 10.77
N LEU B 140 10.26 18.90 11.82
CA LEU B 140 11.72 18.90 12.05
C LEU B 140 11.95 18.00 13.25
N ALA B 141 12.44 16.79 13.03
CA ALA B 141 12.64 15.85 14.11
C ALA B 141 13.97 15.95 14.85
N ALA B 142 13.88 16.07 16.18
CA ALA B 142 15.02 16.14 17.10
C ALA B 142 14.42 15.68 18.43
N ASN B 143 14.51 14.39 18.69
CA ASN B 143 13.86 13.86 19.88
C ASN B 143 14.52 12.65 20.52
N SER B 144 13.93 12.21 21.63
CA SER B 144 14.40 11.04 22.38
C SER B 144 13.35 9.92 22.44
N GLY B 145 12.33 10.02 21.59
CA GLY B 145 11.29 9.01 21.59
C GLY B 145 10.28 9.29 22.67
N ALA B 146 9.44 8.31 22.97
CA ALA B 146 8.39 8.45 23.99
C ALA B 146 8.99 8.78 25.35
N ARG B 147 8.35 9.69 26.06
CA ARG B 147 8.80 10.08 27.38
C ARG B 147 8.59 8.89 28.31
N ILE B 148 9.49 8.69 29.26
CA ILE B 148 9.33 7.58 30.19
C ILE B 148 9.50 8.06 31.63
N GLY B 149 8.83 7.39 32.55
CA GLY B 149 8.92 7.79 33.95
C GLY B 149 8.70 6.69 34.96
N MET B 150 8.43 7.11 36.19
CA MET B 150 8.21 6.21 37.31
C MET B 150 7.78 7.10 38.48
N ALA B 151 6.90 6.61 39.34
CA ALA B 151 6.44 7.40 40.48
C ALA B 151 7.59 7.65 41.46
N GLU B 152 8.22 8.80 41.33
CA GLU B 152 9.36 9.16 42.18
C GLU B 152 8.98 9.49 43.62
N GLU B 153 7.69 9.75 43.87
CA GLU B 153 7.24 10.04 45.23
C GLU B 153 7.14 8.75 46.04
N ILE B 154 6.89 7.64 45.36
CA ILE B 154 6.76 6.34 46.01
C ILE B 154 8.14 5.73 46.26
N VAL B 155 9.17 6.36 45.71
CA VAL B 155 10.54 5.89 45.87
C VAL B 155 11.05 6.04 47.31
N PRO B 156 10.91 7.25 47.88
CA PRO B 156 11.39 7.47 49.25
C PRO B 156 10.56 6.76 50.32
N LEU B 157 9.25 6.68 50.10
CA LEU B 157 8.37 6.05 51.08
C LEU B 157 7.73 4.71 50.72
N PHE B 158 8.55 3.72 50.37
CA PHE B 158 8.02 2.40 50.07
C PHE B 158 8.75 1.35 50.89
N GLN B 159 8.01 0.37 51.43
CA GLN B 159 8.63 -0.66 52.26
C GLN B 159 8.73 -2.05 51.67
N VAL B 160 9.58 -2.87 52.27
CA VAL B 160 9.79 -4.24 51.83
C VAL B 160 9.38 -5.21 52.93
N ALA B 161 8.88 -6.37 52.52
CA ALA B 161 8.45 -7.40 53.46
C ALA B 161 9.23 -8.68 53.13
N TRP B 162 10.42 -8.79 53.70
CA TRP B 162 11.28 -9.93 53.47
C TRP B 162 10.72 -11.25 54.00
N ASN B 163 11.30 -12.35 53.53
CA ASN B 163 10.89 -13.70 53.93
C ASN B 163 11.42 -13.98 55.34
N ASP B 164 11.93 -15.19 55.53
CA ASP B 164 12.51 -15.59 56.82
C ASP B 164 13.89 -14.92 56.88
N ALA B 165 13.90 -13.63 56.57
CA ALA B 165 15.15 -12.89 56.56
C ALA B 165 15.15 -11.54 57.26
N ALA B 166 15.88 -11.47 58.37
CA ALA B 166 16.04 -10.22 59.10
C ALA B 166 17.20 -9.69 58.26
N ASN B 167 17.63 -10.57 57.36
CA ASN B 167 18.70 -10.36 56.41
C ASN B 167 18.16 -10.64 55.01
N PRO B 168 17.77 -9.59 54.27
CA PRO B 168 17.22 -9.63 52.92
C PRO B 168 17.71 -10.73 51.97
N ASP B 169 18.98 -11.11 52.09
CA ASP B 169 19.59 -12.14 51.24
C ASP B 169 18.64 -13.21 50.70
N LYS B 170 17.67 -13.63 51.52
CA LYS B 170 16.72 -14.65 51.10
C LYS B 170 15.77 -14.15 50.02
N GLY B 171 14.95 -13.16 50.36
CA GLY B 171 14.00 -12.60 49.41
C GLY B 171 12.93 -11.79 50.08
N PHE B 172 11.90 -11.41 49.32
CA PHE B 172 10.80 -10.62 49.84
C PHE B 172 9.45 -11.14 49.38
N GLN B 173 8.38 -10.61 49.94
CA GLN B 173 7.02 -11.02 49.61
C GLN B 173 6.25 -9.98 48.81
N TYR B 174 6.48 -8.70 49.13
CA TYR B 174 5.79 -7.61 48.45
C TYR B 174 6.30 -6.25 48.90
N LEU B 175 5.65 -5.19 48.42
CA LEU B 175 6.01 -3.82 48.79
C LEU B 175 4.79 -3.20 49.43
N TYR B 176 5.00 -2.45 50.51
CA TYR B 176 3.88 -1.82 51.20
C TYR B 176 4.14 -0.39 51.61
N LEU B 177 3.09 0.24 52.15
CA LEU B 177 3.16 1.60 52.63
C LEU B 177 2.71 1.63 54.09
N THR B 178 3.35 2.47 54.90
CA THR B 178 3.01 2.59 56.32
C THR B 178 1.86 3.58 56.48
N SER B 179 1.13 3.47 57.58
CA SER B 179 0.00 4.33 57.85
C SER B 179 0.38 5.80 57.69
N GLU B 180 1.67 6.10 57.87
CA GLU B 180 2.16 7.46 57.74
C GLU B 180 2.45 7.83 56.29
N GLY B 181 3.25 6.99 55.63
CA GLY B 181 3.57 7.25 54.23
C GLY B 181 2.26 7.41 53.48
N MET B 182 1.28 6.60 53.86
CA MET B 182 -0.04 6.63 53.26
C MET B 182 -0.66 8.00 53.49
N GLU B 183 -0.42 8.54 54.69
CA GLU B 183 -0.95 9.85 55.07
C GLU B 183 -0.14 10.96 54.41
N THR B 184 1.15 10.71 54.21
CA THR B 184 2.02 11.69 53.58
C THR B 184 1.42 12.06 52.22
N LEU B 185 1.05 11.04 51.46
CA LEU B 185 0.45 11.22 50.15
C LEU B 185 -0.86 11.97 50.28
N LYS B 186 -1.44 11.96 51.47
CA LYS B 186 -2.70 12.65 51.70
C LYS B 186 -2.50 14.16 51.83
N LYS B 187 -1.39 14.56 52.42
CA LYS B 187 -1.10 15.99 52.60
C LYS B 187 -0.55 16.56 51.29
N PHE B 188 -0.09 15.66 50.42
CA PHE B 188 0.44 16.07 49.12
C PHE B 188 -0.65 15.93 48.05
N ASP B 189 -1.79 15.38 48.45
CA ASP B 189 -2.93 15.17 47.57
C ASP B 189 -2.65 14.10 46.51
N LYS B 190 -1.51 13.42 46.65
CA LYS B 190 -1.12 12.36 45.73
C LYS B 190 -1.52 11.00 46.29
N GLU B 191 -2.68 10.93 46.93
CA GLU B 191 -3.14 9.68 47.51
C GLU B 191 -3.48 8.61 46.49
N ASN B 192 -4.02 9.02 45.35
CA ASN B 192 -4.38 8.05 44.31
C ASN B 192 -3.19 7.72 43.42
N SER B 193 -1.99 7.86 43.95
CA SER B 193 -0.77 7.56 43.22
C SER B 193 -0.47 6.08 43.32
N VAL B 194 -1.33 5.37 44.05
CA VAL B 194 -1.15 3.94 44.23
C VAL B 194 -2.48 3.22 44.48
N LEU B 195 -2.45 1.91 44.31
CA LEU B 195 -3.62 1.08 44.55
C LEU B 195 -3.18 0.08 45.60
N THR B 196 -3.60 0.30 46.84
CA THR B 196 -3.23 -0.57 47.94
C THR B 196 -4.41 -1.25 48.62
N GLU B 197 -4.08 -2.21 49.48
CA GLU B 197 -5.06 -2.97 50.23
C GLU B 197 -4.67 -3.06 51.70
N ARG B 198 -5.57 -2.63 52.58
CA ARG B 198 -5.37 -2.68 54.02
C ARG B 198 -5.04 -4.12 54.44
N THR B 199 -3.95 -4.30 55.18
CA THR B 199 -3.55 -5.64 55.62
C THR B 199 -2.73 -5.61 56.91
N VAL B 200 -3.43 -5.50 58.03
CA VAL B 200 -2.79 -5.48 59.35
C VAL B 200 -2.17 -6.84 59.66
N ILE B 201 -0.85 -6.89 59.77
CA ILE B 201 -0.15 -8.13 60.07
C ILE B 201 0.85 -7.95 61.21
N ASN B 202 0.66 -8.73 62.27
CA ASN B 202 1.52 -8.67 63.46
C ASN B 202 1.48 -7.30 64.12
N GLY B 203 0.29 -6.93 64.58
CA GLY B 203 0.12 -5.64 65.24
C GLY B 203 0.22 -4.45 64.31
N GLU B 204 1.07 -4.55 63.29
CA GLU B 204 1.25 -3.48 62.33
C GLU B 204 0.51 -3.64 61.02
N GLU B 205 -0.22 -2.60 60.63
CA GLU B 205 -0.98 -2.60 59.40
C GLU B 205 -0.10 -2.20 58.22
N ARG B 206 -0.15 -2.99 57.16
CA ARG B 206 0.63 -2.75 55.96
C ARG B 206 -0.29 -2.58 54.76
N PHE B 207 -0.07 -1.53 53.98
CA PHE B 207 -0.88 -1.30 52.79
C PHE B 207 -0.10 -1.88 51.62
N VAL B 208 -0.54 -3.04 51.15
CA VAL B 208 0.11 -3.73 50.04
C VAL B 208 -0.01 -2.96 48.74
N ILE B 209 1.10 -2.85 48.00
CA ILE B 209 1.10 -2.15 46.73
C ILE B 209 0.68 -3.11 45.63
N LYS B 210 -0.53 -2.92 45.11
CA LYS B 210 -1.05 -3.77 44.05
C LYS B 210 -0.69 -3.17 42.69
N THR B 211 -0.64 -1.84 42.64
CA THR B 211 -0.32 -1.11 41.42
C THR B 211 0.17 0.30 41.74
N ILE B 212 1.18 0.76 41.01
CA ILE B 212 1.71 2.09 41.18
C ILE B 212 1.26 2.94 39.98
N ILE B 213 0.52 4.01 40.25
CA ILE B 213 0.01 4.87 39.19
C ILE B 213 0.89 6.08 38.96
N GLY B 214 1.26 6.73 40.06
CA GLY B 214 2.10 7.92 39.97
C GLY B 214 1.26 9.17 39.76
N SER B 215 1.72 10.29 40.28
CA SER B 215 1.00 11.55 40.14
C SER B 215 1.47 12.32 38.89
N GLU B 216 2.67 12.01 38.43
CA GLU B 216 3.19 12.67 37.24
C GLU B 216 2.64 12.03 35.99
N ASP B 217 2.06 12.84 35.12
CA ASP B 217 1.51 12.34 33.87
C ASP B 217 2.67 12.15 32.88
N GLY B 218 2.60 11.12 32.05
CA GLY B 218 3.64 10.88 31.07
C GLY B 218 4.71 9.88 31.49
N LEU B 219 4.31 8.82 32.19
CA LEU B 219 5.25 7.81 32.65
C LEU B 219 5.33 6.57 31.77
N GLY B 220 4.20 6.12 31.25
CA GLY B 220 4.21 4.93 30.41
C GLY B 220 3.18 4.86 29.29
N VAL B 221 2.24 3.92 29.42
CA VAL B 221 1.22 3.74 28.39
C VAL B 221 0.51 4.99 27.89
N GLU B 222 0.34 6.02 28.71
CA GLU B 222 -0.33 7.22 28.22
C GLU B 222 0.52 7.85 27.11
N CYS B 223 1.82 7.60 27.17
CA CYS B 223 2.74 8.12 26.17
C CYS B 223 2.63 7.27 24.91
N LEU B 224 2.38 5.97 25.09
CA LEU B 224 2.25 5.08 23.95
C LEU B 224 0.97 5.41 23.17
N ARG B 225 -0.10 5.77 23.88
CA ARG B 225 -1.33 6.11 23.18
C ARG B 225 -1.03 7.34 22.34
N GLY B 226 -0.40 8.34 22.96
CA GLY B 226 -0.04 9.56 22.26
C GLY B 226 0.80 9.27 21.03
N SER B 227 1.73 8.34 21.14
CA SER B 227 2.57 7.97 20.01
C SER B 227 1.71 7.40 18.90
N GLY B 228 0.75 6.56 19.29
CA GLY B 228 -0.13 5.97 18.30
C GLY B 228 -0.99 7.01 17.62
N LEU B 229 -1.48 7.97 18.39
CA LEU B 229 -2.31 9.03 17.85
C LEU B 229 -1.62 9.76 16.70
N ILE B 230 -0.38 10.18 16.93
CA ILE B 230 0.35 10.94 15.91
C ILE B 230 0.89 10.10 14.76
N ALA B 231 1.09 8.82 15.02
CA ALA B 231 1.55 7.91 13.98
C ALA B 231 0.40 7.85 12.95
N GLY B 232 -0.82 7.65 13.45
CA GLY B 232 -1.98 7.58 12.57
C GLY B 232 -2.30 8.90 11.90
N ALA B 233 -2.12 9.99 12.63
CA ALA B 233 -2.40 11.32 12.10
C ALA B 233 -1.47 11.64 10.95
N THR B 234 -0.24 11.15 11.05
CA THR B 234 0.75 11.38 10.02
C THR B 234 0.44 10.50 8.82
N SER B 235 -0.08 9.30 9.07
CA SER B 235 -0.45 8.39 8.00
C SER B 235 -1.54 9.04 7.15
N ARG B 236 -2.49 9.71 7.80
CA ARG B 236 -3.58 10.37 7.11
C ARG B 236 -3.10 11.60 6.38
N ALA B 237 -2.21 12.35 7.02
CA ALA B 237 -1.67 13.57 6.45
C ALA B 237 -0.99 13.26 5.12
N TYR B 238 -0.16 12.22 5.10
CA TYR B 238 0.53 11.85 3.87
C TYR B 238 -0.42 11.69 2.68
N HIS B 239 -1.66 11.28 2.93
CA HIS B 239 -2.61 11.10 1.82
C HIS B 239 -3.44 12.35 1.56
N ASP B 240 -3.26 13.36 2.40
CA ASP B 240 -4.05 14.58 2.34
C ASP B 240 -3.29 15.86 1.96
N ILE B 241 -2.13 16.07 2.57
CA ILE B 241 -1.30 17.25 2.32
C ILE B 241 0.14 16.85 2.02
N PHE B 242 0.94 17.80 1.56
CA PHE B 242 2.34 17.53 1.29
C PHE B 242 3.07 17.44 2.62
N THR B 243 3.65 16.29 2.92
CA THR B 243 4.37 16.10 4.17
C THR B 243 5.83 15.85 3.89
N ILE B 244 6.68 16.37 4.77
CA ILE B 244 8.11 16.17 4.63
C ILE B 244 8.70 16.31 6.02
N THR B 245 9.80 15.62 6.24
CA THR B 245 10.47 15.65 7.52
C THR B 245 11.97 15.82 7.34
N LEU B 246 12.55 16.63 8.21
CA LEU B 246 13.99 16.84 8.19
C LEU B 246 14.51 16.29 9.52
N VAL B 247 15.36 15.28 9.46
CA VAL B 247 15.92 14.71 10.68
C VAL B 247 17.13 15.57 11.01
N THR B 248 16.93 16.54 11.88
CA THR B 248 17.96 17.50 12.26
C THR B 248 18.78 17.12 13.51
N CYS B 249 18.48 15.95 14.05
CA CYS B 249 19.18 15.44 15.22
C CYS B 249 18.59 14.04 15.36
N ARG B 250 19.03 13.29 16.35
CA ARG B 250 18.49 11.94 16.54
C ARG B 250 16.95 11.94 16.53
N SER B 251 16.38 10.88 15.99
CA SER B 251 14.92 10.73 15.96
C SER B 251 14.72 9.31 16.46
N VAL B 252 14.17 9.18 17.66
CA VAL B 252 14.00 7.88 18.31
C VAL B 252 12.58 7.36 18.44
N GLY B 253 12.45 6.04 18.31
CA GLY B 253 11.16 5.39 18.45
C GLY B 253 10.04 6.00 17.63
N ILE B 254 9.05 6.58 18.29
CA ILE B 254 7.95 7.19 17.55
C ILE B 254 8.54 8.26 16.62
N GLY B 255 9.68 8.84 17.03
CA GLY B 255 10.32 9.85 16.21
C GLY B 255 10.74 9.27 14.88
N ALA B 256 11.39 8.10 14.91
CA ALA B 256 11.83 7.44 13.70
C ALA B 256 10.63 7.03 12.84
N TYR B 257 9.64 6.45 13.49
CA TYR B 257 8.43 6.01 12.82
C TYR B 257 7.79 7.14 12.03
N LEU B 258 7.76 8.33 12.63
CA LEU B 258 7.19 9.50 12.00
C LEU B 258 7.90 9.94 10.72
N VAL B 259 9.21 9.77 10.66
CA VAL B 259 9.90 10.20 9.44
C VAL B 259 9.40 9.33 8.30
N ARG B 260 9.14 8.05 8.61
CA ARG B 260 8.66 7.13 7.61
C ARG B 260 7.23 7.41 7.23
N LEU B 261 6.39 7.58 8.24
CA LEU B 261 4.96 7.82 8.05
C LEU B 261 4.70 9.04 7.18
N GLY B 262 5.61 10.02 7.23
CA GLY B 262 5.44 11.21 6.44
C GLY B 262 6.05 10.98 5.08
N GLN B 263 6.72 9.83 4.95
CA GLN B 263 7.36 9.40 3.71
C GLN B 263 8.56 10.23 3.26
N ARG B 264 8.33 11.45 2.79
CA ARG B 264 9.41 12.31 2.31
C ARG B 264 10.33 12.72 3.46
N ALA B 265 11.62 12.43 3.35
CA ALA B 265 12.55 12.73 4.43
C ALA B 265 13.97 13.13 4.01
N ILE B 266 14.49 14.14 4.70
CA ILE B 266 15.84 14.64 4.48
C ILE B 266 16.61 14.46 5.79
N GLN B 267 17.68 13.68 5.72
CA GLN B 267 18.51 13.38 6.88
C GLN B 267 19.82 14.14 6.88
N VAL B 268 20.03 14.95 7.90
CA VAL B 268 21.27 15.70 8.02
C VAL B 268 22.34 14.70 8.46
N GLU B 269 23.49 14.77 7.79
CA GLU B 269 24.60 13.87 8.10
C GLU B 269 24.92 13.87 9.60
N GLY B 270 25.20 12.68 10.13
CA GLY B 270 25.50 12.57 11.55
C GLY B 270 24.29 12.50 12.47
N GLN B 271 23.08 12.60 11.91
CA GLN B 271 21.86 12.54 12.71
C GLN B 271 21.11 11.25 12.36
N PRO B 272 21.12 10.27 13.28
CA PRO B 272 20.46 8.97 13.11
C PRO B 272 18.97 8.86 13.39
N ILE B 273 18.35 7.94 12.66
CA ILE B 273 16.94 7.62 12.77
C ILE B 273 16.96 6.20 13.33
N ILE B 274 16.60 6.04 14.60
CA ILE B 274 16.63 4.73 15.21
C ILE B 274 15.38 4.35 15.99
N LEU B 275 15.14 3.05 16.10
CA LEU B 275 14.01 2.55 16.85
C LEU B 275 14.40 2.43 18.33
N THR B 276 15.58 1.87 18.57
CA THR B 276 16.12 1.70 19.92
C THR B 276 17.64 1.88 19.85
N GLY B 277 18.18 2.64 20.80
CA GLY B 277 19.61 2.90 20.82
C GLY B 277 20.54 1.69 20.82
N ALA B 278 21.82 1.95 20.54
CA ALA B 278 22.85 0.91 20.50
C ALA B 278 23.11 0.29 21.89
N PRO B 279 23.23 1.14 22.94
CA PRO B 279 23.48 0.59 24.28
C PRO B 279 22.40 -0.42 24.63
N ALA B 280 21.18 -0.13 24.22
CA ALA B 280 20.04 -1.01 24.49
C ALA B 280 20.19 -2.33 23.73
N ILE B 281 20.46 -2.23 22.42
CA ILE B 281 20.61 -3.42 21.61
C ILE B 281 21.76 -4.31 22.07
N ASN B 282 22.83 -3.69 22.54
CA ASN B 282 23.98 -4.46 23.02
C ASN B 282 23.61 -5.32 24.22
N LYS B 283 22.73 -4.79 25.06
CA LYS B 283 22.28 -5.52 26.25
C LYS B 283 21.27 -6.59 25.87
N MET B 284 21.21 -6.90 24.58
CA MET B 284 20.30 -7.91 24.08
C MET B 284 21.01 -8.73 23.00
N LEU B 285 22.32 -8.86 23.17
CA LEU B 285 23.16 -9.61 22.24
C LEU B 285 24.44 -10.05 22.97
N GLY B 286 24.62 -9.51 24.17
CA GLY B 286 25.78 -9.85 24.97
C GLY B 286 26.93 -8.88 24.82
N ARG B 287 27.77 -9.12 23.82
CA ARG B 287 28.95 -8.30 23.59
C ARG B 287 28.68 -6.90 23.04
N GLU B 288 29.74 -6.09 23.05
CA GLU B 288 29.71 -4.72 22.55
C GLU B 288 29.80 -4.82 21.03
N VAL B 289 28.66 -4.98 20.37
CA VAL B 289 28.61 -5.11 18.92
C VAL B 289 28.53 -3.76 18.18
N TYR B 290 27.70 -2.86 18.69
CA TYR B 290 27.56 -1.55 18.06
C TYR B 290 28.21 -0.44 18.88
N THR B 291 29.07 0.34 18.24
CA THR B 291 29.76 1.43 18.92
C THR B 291 28.93 2.70 18.91
N SER B 292 28.18 2.93 17.84
CA SER B 292 27.35 4.13 17.75
C SER B 292 26.04 3.90 17.02
N ASN B 293 25.07 4.75 17.32
CA ASN B 293 23.75 4.69 16.71
C ASN B 293 23.80 4.90 15.20
N LEU B 294 24.89 5.50 14.71
CA LEU B 294 25.01 5.75 13.28
C LEU B 294 25.11 4.44 12.50
N GLN B 295 25.55 3.39 13.16
CA GLN B 295 25.66 2.09 12.50
C GLN B 295 24.27 1.48 12.43
N LEU B 296 23.34 2.06 13.20
CA LEU B 296 21.96 1.58 13.24
C LEU B 296 21.01 2.42 12.38
N GLY B 297 21.19 3.74 12.43
CA GLY B 297 20.33 4.62 11.67
C GLY B 297 21.01 5.78 10.97
N GLY B 298 22.30 5.64 10.68
CA GLY B 298 23.02 6.70 9.99
C GLY B 298 22.60 6.81 8.54
N THR B 299 23.01 7.88 7.86
CA THR B 299 22.65 8.05 6.46
C THR B 299 23.13 6.88 5.59
N GLN B 300 24.22 6.23 5.97
CA GLN B 300 24.71 5.12 5.16
C GLN B 300 23.68 3.99 5.14
N ILE B 301 22.84 3.95 6.16
CA ILE B 301 21.80 2.93 6.26
C ILE B 301 20.49 3.43 5.64
N MET B 302 19.98 4.53 6.19
CA MET B 302 18.72 5.11 5.77
C MET B 302 18.64 5.74 4.38
N TYR B 303 19.75 6.24 3.87
CA TYR B 303 19.79 6.86 2.54
C TYR B 303 19.93 5.74 1.51
N ASN B 304 20.60 4.66 1.92
CA ASN B 304 20.81 3.53 1.04
C ASN B 304 19.57 2.62 1.03
N ASN B 305 18.85 2.56 2.15
CA ASN B 305 17.65 1.72 2.26
C ASN B 305 16.41 2.37 1.65
N GLY B 306 16.44 3.69 1.46
CA GLY B 306 15.29 4.35 0.88
C GLY B 306 14.41 5.10 1.86
N VAL B 307 14.72 5.02 3.14
CA VAL B 307 13.93 5.74 4.12
C VAL B 307 14.25 7.23 3.95
N SER B 308 15.53 7.55 3.77
CA SER B 308 15.92 8.93 3.58
C SER B 308 15.94 9.22 2.08
N HIS B 309 15.13 10.18 1.65
CA HIS B 309 15.06 10.54 0.24
C HIS B 309 16.29 11.29 -0.18
N LEU B 310 16.77 12.14 0.73
CA LEU B 310 17.95 12.97 0.48
C LEU B 310 18.75 13.10 1.75
N THR B 311 19.99 13.51 1.57
CA THR B 311 20.89 13.72 2.68
C THR B 311 21.27 15.21 2.67
N ALA B 312 21.67 15.76 3.80
CA ALA B 312 22.06 17.16 3.85
C ALA B 312 23.27 17.37 4.77
N VAL B 313 24.22 18.21 4.35
CA VAL B 313 25.41 18.42 5.17
C VAL B 313 25.08 19.14 6.46
N ASP B 314 24.09 20.01 6.43
CA ASP B 314 23.71 20.75 7.63
C ASP B 314 22.25 21.18 7.60
N ASP B 315 21.74 21.65 8.74
CA ASP B 315 20.35 22.07 8.83
C ASP B 315 19.87 22.99 7.73
N LEU B 316 20.65 24.04 7.46
CA LEU B 316 20.26 24.98 6.42
C LEU B 316 20.19 24.32 5.07
N ALA B 317 21.08 23.37 4.81
CA ALA B 317 21.03 22.70 3.52
C ALA B 317 19.70 21.93 3.46
N GLY B 318 19.33 21.31 4.58
CA GLY B 318 18.08 20.59 4.66
C GLY B 318 16.90 21.49 4.33
N VAL B 319 16.85 22.64 5.01
CA VAL B 319 15.79 23.61 4.79
C VAL B 319 15.73 24.06 3.33
N GLU B 320 16.89 24.20 2.69
CA GLU B 320 16.94 24.60 1.28
C GLU B 320 16.34 23.50 0.42
N LYS B 321 16.68 22.25 0.74
CA LYS B 321 16.15 21.12 -0.01
C LYS B 321 14.62 21.03 0.14
N ILE B 322 14.11 21.33 1.34
CA ILE B 322 12.66 21.30 1.57
C ILE B 322 12.02 22.37 0.68
N VAL B 323 12.54 23.59 0.75
CA VAL B 323 12.00 24.72 -0.02
C VAL B 323 12.10 24.46 -1.53
N GLU B 324 13.20 23.85 -1.94
CA GLU B 324 13.42 23.54 -3.34
C GLU B 324 12.35 22.50 -3.73
N TRP B 325 12.18 21.49 -2.88
CA TRP B 325 11.21 20.41 -3.12
C TRP B 325 9.81 21.01 -3.23
N MET B 326 9.46 21.90 -2.30
CA MET B 326 8.16 22.55 -2.30
C MET B 326 7.86 23.38 -3.53
N SER B 327 8.90 23.84 -4.22
CA SER B 327 8.69 24.70 -5.38
C SER B 327 7.98 23.98 -6.53
N TYR B 328 7.81 22.68 -6.41
CA TYR B 328 7.12 21.93 -7.47
C TYR B 328 5.70 21.61 -7.07
N VAL B 329 5.38 21.89 -5.81
CA VAL B 329 4.11 21.54 -5.22
C VAL B 329 3.09 22.65 -5.07
N PRO B 330 1.81 22.34 -5.27
CA PRO B 330 0.75 23.35 -5.15
C PRO B 330 0.82 24.05 -3.79
N ALA B 331 0.40 25.31 -3.75
CA ALA B 331 0.41 26.08 -2.51
C ALA B 331 -0.40 25.35 -1.45
N LYS B 332 -1.47 24.69 -1.87
CA LYS B 332 -2.30 23.92 -0.95
C LYS B 332 -3.04 22.87 -1.76
N ARG B 333 -3.64 21.91 -1.06
CA ARG B 333 -4.36 20.80 -1.70
C ARG B 333 -5.33 21.19 -2.80
N ASN B 334 -5.22 20.47 -3.92
CA ASN B 334 -6.10 20.67 -5.07
C ASN B 334 -5.95 21.94 -5.88
N MET B 335 -4.96 22.76 -5.56
CA MET B 335 -4.76 23.94 -6.38
C MET B 335 -3.94 23.43 -7.55
N PRO B 336 -3.91 24.16 -8.68
CA PRO B 336 -3.16 23.75 -9.86
C PRO B 336 -1.66 23.65 -9.55
N VAL B 337 -0.96 22.75 -10.22
CA VAL B 337 0.47 22.65 -9.99
C VAL B 337 1.08 24.00 -10.36
N PRO B 338 2.07 24.45 -9.59
CA PRO B 338 2.76 25.73 -9.80
C PRO B 338 3.66 25.84 -11.02
N ILE B 339 3.18 26.59 -12.00
CA ILE B 339 3.92 26.81 -13.23
C ILE B 339 5.00 27.86 -13.01
N LEU B 340 6.22 27.54 -13.39
CA LEU B 340 7.34 28.45 -13.26
C LEU B 340 8.20 28.41 -14.51
N GLU B 341 7.93 29.33 -15.44
CA GLU B 341 8.69 29.40 -16.67
C GLU B 341 10.05 30.03 -16.40
N THR B 342 11.09 29.52 -17.04
CA THR B 342 12.41 30.09 -16.88
C THR B 342 12.96 30.47 -18.24
N LYS B 343 14.27 30.70 -18.32
CA LYS B 343 14.91 31.08 -19.57
C LYS B 343 14.65 30.01 -20.65
N ASP B 344 14.78 28.75 -20.26
CA ASP B 344 14.57 27.62 -21.16
C ASP B 344 13.08 27.42 -21.48
N THR B 345 12.65 28.03 -22.59
CA THR B 345 11.25 27.95 -23.01
C THR B 345 10.94 26.65 -23.71
N TRP B 346 9.65 26.41 -23.94
CA TRP B 346 9.20 25.18 -24.59
C TRP B 346 9.55 25.02 -26.06
N ASP B 347 9.59 26.12 -26.79
CA ASP B 347 9.85 26.07 -28.22
C ASP B 347 11.31 25.88 -28.63
N ARG B 348 11.76 24.63 -28.58
CA ARG B 348 13.13 24.29 -28.93
C ARG B 348 13.23 22.78 -29.07
N PRO B 349 14.10 22.29 -29.96
CA PRO B 349 14.23 20.85 -30.11
C PRO B 349 15.05 20.33 -28.94
N VAL B 350 15.17 19.00 -28.83
CA VAL B 350 15.94 18.39 -27.76
C VAL B 350 17.30 18.08 -28.39
N ASP B 351 18.36 18.59 -27.77
CA ASP B 351 19.72 18.40 -28.28
C ASP B 351 20.26 17.01 -28.00
N PHE B 352 20.60 16.73 -26.76
CA PHE B 352 21.14 15.42 -26.43
C PHE B 352 20.29 14.29 -26.96
N THR B 353 20.94 13.28 -27.52
CA THR B 353 20.26 12.12 -28.06
C THR B 353 21.13 10.89 -27.85
N PRO B 354 20.59 9.85 -27.18
CA PRO B 354 21.37 8.64 -26.94
C PRO B 354 21.56 7.86 -28.24
N THR B 355 22.70 7.18 -28.37
CA THR B 355 22.94 6.39 -29.57
C THR B 355 23.13 4.94 -29.16
N ASN B 356 22.82 4.03 -30.06
CA ASN B 356 22.93 2.59 -29.79
C ASN B 356 24.33 2.19 -29.32
N ASP B 357 25.35 2.72 -29.99
CA ASP B 357 26.72 2.39 -29.65
C ASP B 357 27.38 3.48 -28.81
N GLU B 358 27.00 3.54 -27.53
CA GLU B 358 27.54 4.53 -26.62
C GLU B 358 26.74 4.58 -25.32
N THR B 359 27.47 4.55 -24.21
CA THR B 359 26.88 4.61 -22.88
C THR B 359 26.35 6.01 -22.62
N TYR B 360 25.35 6.12 -21.76
CA TYR B 360 24.80 7.42 -21.43
C TYR B 360 24.11 7.43 -20.06
N ASP B 361 24.00 8.62 -19.49
CA ASP B 361 23.35 8.80 -18.20
C ASP B 361 21.96 9.29 -18.57
N VAL B 362 20.94 8.54 -18.17
CA VAL B 362 19.57 8.93 -18.48
C VAL B 362 19.34 10.39 -18.08
N ARG B 363 20.08 10.89 -17.09
CA ARG B 363 19.90 12.26 -16.66
C ARG B 363 20.22 13.27 -17.76
N TRP B 364 21.04 12.86 -18.72
CA TRP B 364 21.37 13.74 -19.83
C TRP B 364 20.14 13.90 -20.69
N MET B 365 19.38 12.83 -20.84
CA MET B 365 18.16 12.89 -21.63
C MET B 365 17.13 13.74 -20.91
N ILE B 366 17.12 13.64 -19.59
CA ILE B 366 16.19 14.38 -18.78
C ILE B 366 16.51 15.87 -18.69
N GLU B 367 17.67 16.20 -18.14
CA GLU B 367 18.04 17.60 -17.93
C GLU B 367 19.03 18.21 -18.91
N GLY B 368 19.65 17.39 -19.76
CA GLY B 368 20.62 17.91 -20.70
C GLY B 368 22.03 17.60 -20.21
N ARG B 369 23.03 17.91 -21.00
CA ARG B 369 24.42 17.64 -20.62
C ARG B 369 25.37 18.77 -21.01
N GLU B 370 26.40 18.97 -20.18
CA GLU B 370 27.41 19.97 -20.44
C GLU B 370 28.45 19.36 -21.38
N THR B 371 28.76 20.07 -22.45
CA THR B 371 29.74 19.60 -23.43
C THR B 371 30.77 20.71 -23.67
N GLU B 372 31.98 20.32 -24.05
CA GLU B 372 33.04 21.28 -24.31
C GLU B 372 32.66 22.30 -25.39
N SER B 373 31.76 21.90 -26.29
CA SER B 373 31.32 22.80 -27.36
C SER B 373 30.14 23.65 -26.92
N GLY B 374 29.57 23.34 -25.76
CA GLY B 374 28.43 24.08 -25.26
C GLY B 374 27.55 23.30 -24.32
N PHE B 375 26.23 23.34 -24.54
CA PHE B 375 25.29 22.61 -23.69
C PHE B 375 24.20 21.96 -24.53
N GLU B 376 24.05 20.65 -24.39
CA GLU B 376 23.02 19.92 -25.14
C GLU B 376 21.77 19.85 -24.25
N TYR B 377 20.74 20.61 -24.59
CA TYR B 377 19.51 20.60 -23.82
C TYR B 377 18.86 19.24 -23.83
N GLY B 378 18.32 18.85 -22.67
CA GLY B 378 17.64 17.58 -22.55
C GLY B 378 16.16 17.80 -22.81
N LEU B 379 15.34 16.83 -22.42
CA LEU B 379 13.91 16.91 -22.62
C LEU B 379 13.24 18.01 -21.78
N PHE B 380 13.64 18.13 -20.53
CA PHE B 380 13.06 19.11 -19.62
C PHE B 380 13.89 20.38 -19.43
N ASP B 381 13.31 21.36 -18.75
CA ASP B 381 13.95 22.65 -18.52
C ASP B 381 15.32 22.59 -17.83
N LYS B 382 16.33 23.22 -18.46
CA LYS B 382 17.69 23.24 -17.92
C LYS B 382 17.69 23.62 -16.44
N GLY B 383 18.42 22.84 -15.64
CA GLY B 383 18.52 23.11 -14.21
C GLY B 383 17.28 22.84 -13.36
N SER B 384 16.25 22.23 -13.93
CA SER B 384 15.02 21.96 -13.19
C SER B 384 14.89 20.57 -12.59
N PHE B 385 15.77 19.66 -12.96
CA PHE B 385 15.69 18.30 -12.43
C PHE B 385 16.09 18.26 -10.97
N PHE B 386 15.20 17.73 -10.14
CA PHE B 386 15.44 17.62 -8.70
C PHE B 386 15.27 16.14 -8.36
N GLU B 387 16.38 15.42 -8.27
CA GLU B 387 16.39 14.00 -8.00
C GLU B 387 16.24 13.68 -6.51
N THR B 388 15.54 12.58 -6.22
CA THR B 388 15.31 12.14 -4.85
C THR B 388 15.41 10.64 -4.78
N LEU B 389 15.62 10.11 -3.58
CA LEU B 389 15.79 8.67 -3.38
C LEU B 389 16.95 8.22 -4.25
N SER B 390 17.95 9.08 -4.37
CA SER B 390 19.13 8.80 -5.19
C SER B 390 20.15 7.87 -4.57
N GLY B 391 19.99 7.53 -3.30
CA GLY B 391 20.95 6.64 -2.67
C GLY B 391 20.50 5.20 -2.61
N TRP B 392 19.28 4.94 -3.11
CA TRP B 392 18.67 3.62 -3.08
C TRP B 392 18.14 3.18 -4.45
N ALA B 393 18.32 1.91 -4.75
CA ALA B 393 17.87 1.32 -6.01
C ALA B 393 18.19 2.19 -7.22
N LYS B 394 19.49 2.41 -7.44
CA LYS B 394 20.02 3.22 -8.54
C LYS B 394 19.58 2.81 -9.95
N GLY B 395 18.94 1.66 -10.07
CA GLY B 395 18.50 1.21 -11.38
C GLY B 395 17.38 2.08 -11.93
N VAL B 396 16.68 2.79 -11.04
CA VAL B 396 15.60 3.65 -11.45
C VAL B 396 15.96 5.06 -11.01
N VAL B 397 15.65 6.04 -11.84
CA VAL B 397 15.98 7.42 -11.52
C VAL B 397 14.70 8.23 -11.31
N VAL B 398 14.55 8.82 -10.14
CA VAL B 398 13.34 9.60 -9.88
C VAL B 398 13.61 11.01 -9.38
N GLY B 399 12.77 11.94 -9.80
CA GLY B 399 12.93 13.30 -9.34
C GLY B 399 11.83 14.14 -9.94
N ARG B 400 11.84 15.42 -9.58
CA ARG B 400 10.87 16.36 -10.11
C ARG B 400 11.57 17.13 -11.22
N ALA B 401 10.81 17.69 -12.14
CA ALA B 401 11.40 18.45 -13.22
C ALA B 401 10.36 19.43 -13.70
N ARG B 402 10.75 20.24 -14.67
CA ARG B 402 9.82 21.21 -15.26
C ARG B 402 9.89 21.07 -16.78
N LEU B 403 8.73 21.19 -17.41
CA LEU B 403 8.60 21.08 -18.86
C LEU B 403 8.03 22.40 -19.35
N GLY B 404 8.91 23.30 -19.79
CA GLY B 404 8.44 24.59 -20.26
C GLY B 404 7.75 25.31 -19.10
N GLY B 405 8.20 25.02 -17.89
CA GLY B 405 7.61 25.64 -16.72
C GLY B 405 6.62 24.79 -15.95
N ILE B 406 6.10 23.72 -16.57
CA ILE B 406 5.14 22.83 -15.92
C ILE B 406 5.89 21.79 -15.07
N PRO B 407 5.58 21.73 -13.77
CA PRO B 407 6.23 20.77 -12.87
C PRO B 407 5.63 19.39 -13.00
N LEU B 408 6.44 18.34 -12.84
CA LEU B 408 5.95 16.97 -12.93
C LEU B 408 6.96 16.01 -12.33
N GLY B 409 6.53 14.76 -12.14
CA GLY B 409 7.40 13.74 -11.59
C GLY B 409 8.00 12.99 -12.76
N VAL B 410 9.26 12.60 -12.65
CA VAL B 410 9.94 11.90 -13.73
C VAL B 410 10.56 10.60 -13.23
N ILE B 411 10.39 9.54 -14.00
CA ILE B 411 10.98 8.26 -13.66
C ILE B 411 11.71 7.83 -14.93
N GLY B 412 12.98 7.47 -14.76
CA GLY B 412 13.78 7.06 -15.89
C GLY B 412 14.53 5.80 -15.53
N VAL B 413 15.10 5.14 -16.53
CA VAL B 413 15.82 3.91 -16.28
C VAL B 413 17.31 4.07 -16.49
N GLU B 414 18.07 3.71 -15.47
CA GLU B 414 19.52 3.76 -15.49
C GLU B 414 20.01 2.64 -16.39
N THR B 415 20.66 2.98 -17.50
CA THR B 415 21.16 1.97 -18.43
C THR B 415 22.45 1.31 -17.96
N ARG B 416 23.29 2.07 -17.28
CA ARG B 416 24.56 1.56 -16.76
C ARG B 416 24.30 0.64 -15.58
N THR B 417 25.04 -0.45 -15.48
CA THR B 417 24.87 -1.39 -14.38
C THR B 417 25.16 -0.72 -13.03
N VAL B 418 24.64 -1.29 -11.95
CA VAL B 418 24.85 -0.73 -10.62
C VAL B 418 25.65 -1.64 -9.71
N GLU B 419 26.64 -1.05 -9.02
CA GLU B 419 27.49 -1.78 -8.09
C GLU B 419 26.92 -1.57 -6.69
N ASN B 420 26.00 -2.46 -6.30
CA ASN B 420 25.35 -2.38 -4.99
C ASN B 420 26.23 -3.05 -3.94
N LEU B 421 26.79 -2.25 -3.04
CA LEU B 421 27.66 -2.77 -1.99
C LEU B 421 26.94 -2.81 -0.62
N ILE B 422 26.59 -4.01 -0.18
CA ILE B 422 25.91 -4.19 1.10
C ILE B 422 26.92 -4.52 2.20
N PRO B 423 27.08 -3.59 3.17
CA PRO B 423 28.00 -3.75 4.30
C PRO B 423 27.63 -4.91 5.21
N ALA B 424 28.63 -5.49 5.87
CA ALA B 424 28.42 -6.60 6.78
C ALA B 424 27.99 -6.08 8.15
N ASP B 425 26.93 -6.67 8.70
CA ASP B 425 26.43 -6.25 10.01
C ASP B 425 27.26 -6.84 11.14
N PRO B 426 27.69 -6.00 12.10
CA PRO B 426 28.49 -6.46 13.22
C PRO B 426 27.77 -7.53 14.05
N ALA B 427 26.44 -7.61 13.89
CA ALA B 427 25.63 -8.57 14.63
C ALA B 427 25.98 -10.02 14.31
N ASN B 428 26.70 -10.23 13.22
CA ASN B 428 27.10 -11.58 12.82
C ASN B 428 28.46 -11.58 12.12
N PRO B 429 29.55 -11.76 12.88
CA PRO B 429 30.92 -11.79 12.34
C PRO B 429 31.12 -12.82 11.22
N ASN B 430 30.27 -13.84 11.21
CA ASN B 430 30.35 -14.89 10.19
C ASN B 430 29.93 -14.36 8.82
N SER B 431 29.25 -13.22 8.81
CA SER B 431 28.78 -12.61 7.57
C SER B 431 29.60 -11.36 7.21
N ALA B 432 30.18 -11.36 6.01
CA ALA B 432 30.98 -10.23 5.54
C ALA B 432 30.20 -9.39 4.52
N GLU B 433 30.88 -8.46 3.87
CA GLU B 433 30.23 -7.60 2.89
C GLU B 433 30.15 -8.25 1.52
N THR B 434 29.31 -7.69 0.65
CA THR B 434 29.13 -8.21 -0.69
C THR B 434 28.87 -7.06 -1.66
N LEU B 435 29.09 -7.32 -2.95
CA LEU B 435 28.89 -6.30 -3.98
C LEU B 435 27.86 -6.78 -4.99
N ILE B 436 26.58 -6.70 -4.63
CA ILE B 436 25.51 -7.11 -5.52
C ILE B 436 25.63 -6.43 -6.88
N GLN B 437 25.30 -7.17 -7.94
CA GLN B 437 25.37 -6.66 -9.31
C GLN B 437 23.98 -6.45 -9.87
N GLU B 438 23.67 -5.22 -10.28
CA GLU B 438 22.35 -4.92 -10.82
C GLU B 438 22.44 -4.35 -12.24
N PRO B 439 22.13 -5.17 -13.25
CA PRO B 439 22.17 -4.75 -14.66
C PRO B 439 21.07 -3.72 -14.90
N GLY B 440 21.34 -2.78 -15.81
CA GLY B 440 20.35 -1.77 -16.11
C GLY B 440 19.19 -2.29 -16.94
N GLN B 441 18.10 -1.55 -16.95
CA GLN B 441 16.92 -1.93 -17.72
C GLN B 441 16.28 -3.22 -17.21
N VAL B 442 16.71 -3.66 -16.04
CA VAL B 442 16.18 -4.87 -15.44
C VAL B 442 15.56 -4.53 -14.10
N TRP B 443 14.29 -4.87 -13.95
CA TRP B 443 13.58 -4.62 -12.70
C TRP B 443 14.01 -5.59 -11.60
N HIS B 444 14.29 -5.04 -10.43
CA HIS B 444 14.69 -5.82 -9.26
C HIS B 444 13.69 -5.48 -8.14
N PRO B 445 13.67 -6.29 -7.08
CA PRO B 445 12.72 -5.99 -6.02
C PRO B 445 12.79 -4.53 -5.57
N ASN B 446 14.00 -4.05 -5.27
CA ASN B 446 14.16 -2.68 -4.81
C ASN B 446 13.83 -1.62 -5.87
N SER B 447 14.16 -1.85 -7.13
CA SER B 447 13.83 -0.85 -8.14
C SER B 447 12.34 -0.84 -8.41
N ALA B 448 11.69 -1.98 -8.22
CA ALA B 448 10.26 -2.05 -8.42
C ALA B 448 9.62 -1.31 -7.23
N PHE B 449 10.14 -1.54 -6.04
CA PHE B 449 9.62 -0.90 -4.85
C PHE B 449 9.77 0.60 -4.97
N LYS B 450 10.98 1.05 -5.32
CA LYS B 450 11.24 2.47 -5.48
C LYS B 450 10.32 3.09 -6.52
N THR B 451 10.06 2.37 -7.60
CA THR B 451 9.18 2.91 -8.63
C THR B 451 7.76 3.14 -8.12
N ALA B 452 7.27 2.23 -7.29
CA ALA B 452 5.92 2.38 -6.78
C ALA B 452 5.87 3.55 -5.81
N GLN B 453 6.89 3.66 -4.98
CA GLN B 453 6.99 4.72 -3.99
C GLN B 453 6.99 6.08 -4.70
N ALA B 454 7.76 6.16 -5.78
CA ALA B 454 7.86 7.38 -6.56
C ALA B 454 6.48 7.80 -7.04
N ILE B 455 5.78 6.88 -7.68
CA ILE B 455 4.44 7.15 -8.19
C ILE B 455 3.49 7.60 -7.08
N ASN B 456 3.52 6.92 -5.94
CA ASN B 456 2.66 7.33 -4.83
C ASN B 456 3.08 8.69 -4.26
N ASP B 457 4.38 8.95 -4.17
CA ASP B 457 4.83 10.24 -3.64
C ASP B 457 4.54 11.40 -4.63
N PHE B 458 4.47 11.12 -5.94
CA PHE B 458 4.14 12.16 -6.89
C PHE B 458 2.63 12.45 -6.76
N ASN B 459 1.88 11.36 -6.57
CA ASN B 459 0.42 11.42 -6.47
C ASN B 459 -0.12 12.05 -5.20
N ASN B 460 0.27 11.51 -4.06
CA ASN B 460 -0.21 12.03 -2.77
C ASN B 460 0.54 13.31 -2.36
N GLY B 461 -0.23 14.36 -2.03
CA GLY B 461 0.37 15.60 -1.57
C GLY B 461 0.94 16.48 -2.65
N GLU B 462 1.87 15.93 -3.43
CA GLU B 462 2.49 16.64 -4.52
C GLU B 462 1.45 16.88 -5.61
N GLN B 463 0.57 15.91 -5.84
CA GLN B 463 -0.50 16.03 -6.84
C GLN B 463 0.03 16.43 -8.19
N LEU B 464 1.15 15.82 -8.54
CA LEU B 464 1.88 16.08 -9.77
C LEU B 464 1.58 15.16 -10.94
N PRO B 465 1.74 15.67 -12.19
CA PRO B 465 1.50 14.84 -13.37
C PRO B 465 2.77 14.01 -13.35
N MET B 466 2.92 13.08 -14.27
CA MET B 466 4.12 12.25 -14.24
C MET B 466 4.52 11.72 -15.61
N MET B 467 5.81 11.54 -15.82
CA MET B 467 6.28 10.96 -17.07
C MET B 467 7.25 9.85 -16.74
N ILE B 468 7.04 8.70 -17.37
CA ILE B 468 7.91 7.54 -17.18
C ILE B 468 8.60 7.23 -18.51
N LEU B 469 9.92 7.36 -18.54
CA LEU B 469 10.65 7.03 -19.77
C LEU B 469 10.90 5.54 -19.69
N ALA B 470 9.83 4.76 -19.87
CA ALA B 470 9.90 3.31 -19.80
C ALA B 470 11.00 2.71 -20.66
N ASN B 471 11.92 2.00 -20.03
CA ASN B 471 13.04 1.37 -20.75
C ASN B 471 13.57 0.16 -19.98
N TRP B 472 12.70 -0.82 -19.78
CA TRP B 472 13.02 -2.06 -19.07
C TRP B 472 12.87 -3.26 -20.00
N ARG B 473 13.49 -4.38 -19.61
CA ARG B 473 13.39 -5.60 -20.40
C ARG B 473 13.10 -6.80 -19.49
N GLY B 474 14.11 -7.26 -18.74
CA GLY B 474 13.93 -8.40 -17.85
C GLY B 474 13.85 -8.06 -16.36
N PHE B 475 13.81 -9.09 -15.52
CA PHE B 475 13.71 -8.93 -14.06
C PHE B 475 14.28 -10.12 -13.30
N SER B 476 15.02 -9.86 -12.22
CA SER B 476 15.60 -10.94 -11.42
C SER B 476 16.01 -10.50 -10.00
N GLY B 477 15.66 -11.33 -9.02
CA GLY B 477 16.00 -11.03 -7.64
C GLY B 477 15.07 -11.72 -6.64
N ASN B 484 8.89 -14.19 -6.74
CA ASN B 484 9.38 -13.99 -5.38
C ASN B 484 9.08 -12.55 -4.96
N GLU B 485 10.11 -11.82 -4.56
CA GLU B 485 9.93 -10.44 -4.15
C GLU B 485 9.39 -9.61 -5.32
N VAL B 486 10.08 -9.67 -6.45
CA VAL B 486 9.66 -8.92 -7.63
C VAL B 486 8.14 -8.91 -7.81
N LEU B 487 7.52 -10.08 -7.64
CA LEU B 487 6.09 -10.24 -7.79
C LEU B 487 5.29 -9.25 -6.94
N LYS B 488 5.52 -9.28 -5.62
CA LYS B 488 4.82 -8.38 -4.71
C LYS B 488 5.00 -6.89 -5.02
N TYR B 489 6.24 -6.46 -5.25
CA TYR B 489 6.51 -5.06 -5.52
C TYR B 489 6.05 -4.63 -6.91
N GLY B 490 6.10 -5.55 -7.86
CA GLY B 490 5.63 -5.22 -9.19
C GLY B 490 4.16 -4.88 -9.04
N SER B 491 3.45 -5.63 -8.21
CA SER B 491 2.03 -5.40 -8.02
C SER B 491 1.80 -4.04 -7.35
N PHE B 492 2.75 -3.59 -6.53
CA PHE B 492 2.63 -2.27 -5.89
C PHE B 492 2.56 -1.18 -6.97
N ILE B 493 3.27 -1.40 -8.07
CA ILE B 493 3.28 -0.42 -9.14
C ILE B 493 1.91 -0.30 -9.74
N VAL B 494 1.29 -1.44 -10.04
CA VAL B 494 -0.04 -1.41 -10.63
C VAL B 494 -1.02 -0.68 -9.71
N ASP B 495 -0.95 -0.97 -8.41
CA ASP B 495 -1.85 -0.33 -7.45
C ASP B 495 -1.67 1.18 -7.43
N ALA B 496 -0.42 1.62 -7.61
CA ALA B 496 -0.09 3.04 -7.61
C ALA B 496 -0.61 3.73 -8.86
N LEU B 497 -0.47 3.04 -10.00
CA LEU B 497 -0.95 3.60 -11.25
C LEU B 497 -2.47 3.76 -11.14
N VAL B 498 -3.14 2.69 -10.71
CA VAL B 498 -4.58 2.71 -10.55
C VAL B 498 -5.03 3.91 -9.71
N ASP B 499 -4.27 4.21 -8.67
CA ASP B 499 -4.63 5.30 -7.76
C ASP B 499 -4.29 6.71 -8.26
N TYR B 500 -3.46 6.82 -9.30
CA TYR B 500 -3.03 8.12 -9.83
C TYR B 500 -4.14 9.04 -10.31
N LYS B 501 -4.16 10.26 -9.78
CA LYS B 501 -5.19 11.25 -10.12
C LYS B 501 -4.81 12.40 -11.07
N GLN B 502 -3.63 12.35 -11.66
CA GLN B 502 -3.20 13.39 -12.59
C GLN B 502 -2.72 12.76 -13.90
N PRO B 503 -2.56 13.57 -14.95
CA PRO B 503 -2.09 13.00 -16.22
C PRO B 503 -0.77 12.24 -16.11
N ILE B 504 -0.70 11.10 -16.79
CA ILE B 504 0.51 10.29 -16.83
C ILE B 504 0.91 10.12 -18.27
N ILE B 505 2.21 10.13 -18.53
CA ILE B 505 2.70 9.95 -19.87
C ILE B 505 3.74 8.86 -19.80
N ILE B 506 3.54 7.79 -20.58
CA ILE B 506 4.49 6.69 -20.63
C ILE B 506 5.12 6.91 -22.00
N TYR B 507 6.44 7.05 -22.04
CA TYR B 507 7.16 7.32 -23.28
C TYR B 507 8.39 6.42 -23.42
N ILE B 508 8.43 5.61 -24.47
CA ILE B 508 9.60 4.75 -24.69
C ILE B 508 10.54 5.62 -25.53
N PRO B 509 11.71 5.98 -24.97
CA PRO B 509 12.69 6.83 -25.66
C PRO B 509 13.50 6.20 -26.79
N PRO B 510 14.30 7.02 -27.49
CA PRO B 510 15.13 6.52 -28.59
C PRO B 510 16.09 5.49 -28.00
N THR B 511 16.28 4.38 -28.70
CA THR B 511 17.16 3.29 -28.27
C THR B 511 16.58 2.57 -27.07
N GLY B 512 15.38 2.98 -26.67
CA GLY B 512 14.75 2.34 -25.53
C GLY B 512 13.89 1.17 -25.97
N GLU B 513 13.61 0.26 -25.04
CA GLU B 513 12.76 -0.88 -25.35
C GLU B 513 11.90 -1.24 -24.16
N LEU B 514 10.79 -1.93 -24.42
CA LEU B 514 9.86 -2.35 -23.38
C LEU B 514 9.36 -3.72 -23.80
N ARG B 515 9.71 -4.75 -23.03
CA ARG B 515 9.32 -6.10 -23.41
C ARG B 515 8.67 -6.94 -22.33
N GLY B 516 7.72 -7.79 -22.77
CA GLY B 516 7.02 -8.67 -21.86
C GLY B 516 6.46 -8.02 -20.61
N GLY B 517 6.81 -8.57 -19.45
CA GLY B 517 6.34 -8.05 -18.19
C GLY B 517 6.62 -6.58 -17.95
N SER B 518 7.65 -6.03 -18.60
CA SER B 518 8.00 -4.63 -18.42
C SER B 518 6.95 -3.71 -19.02
N TRP B 519 6.27 -4.19 -20.07
CA TRP B 519 5.25 -3.38 -20.69
C TRP B 519 3.98 -3.35 -19.84
N VAL B 520 3.53 -4.53 -19.44
CA VAL B 520 2.31 -4.67 -18.65
C VAL B 520 2.20 -3.82 -17.37
N VAL B 521 3.31 -3.60 -16.64
CA VAL B 521 3.23 -2.79 -15.44
C VAL B 521 3.04 -1.31 -15.72
N VAL B 522 3.12 -0.91 -16.99
CA VAL B 522 2.94 0.49 -17.33
C VAL B 522 1.99 0.72 -18.51
N ASP B 523 1.22 -0.29 -18.89
CA ASP B 523 0.26 -0.15 -19.99
C ASP B 523 -0.84 0.85 -19.66
N PRO B 524 -1.23 1.69 -20.63
CA PRO B 524 -2.28 2.71 -20.51
C PRO B 524 -3.62 2.22 -19.97
N THR B 525 -3.97 0.97 -20.27
CA THR B 525 -5.25 0.44 -19.81
C THR B 525 -5.35 0.16 -18.31
N ILE B 526 -4.23 0.29 -17.60
CA ILE B 526 -4.27 0.08 -16.17
C ILE B 526 -5.09 1.22 -15.58
N ASN B 527 -4.96 2.41 -16.16
CA ASN B 527 -5.71 3.59 -15.72
C ASN B 527 -5.95 4.48 -16.94
N ALA B 528 -6.87 4.05 -17.79
CA ALA B 528 -7.19 4.80 -19.01
C ALA B 528 -7.61 6.25 -18.72
N ASP B 529 -8.11 6.54 -17.53
CA ASP B 529 -8.49 7.90 -17.21
C ASP B 529 -7.29 8.88 -17.20
N GLN B 530 -6.10 8.38 -16.85
CA GLN B 530 -4.94 9.25 -16.75
C GLN B 530 -3.73 8.87 -17.57
N MET B 531 -3.67 7.63 -18.05
CA MET B 531 -2.49 7.19 -18.77
C MET B 531 -2.55 7.27 -20.30
N GLU B 532 -1.38 7.53 -20.91
CA GLU B 532 -1.23 7.57 -22.37
C GLU B 532 0.16 7.07 -22.67
N MET B 533 0.26 6.25 -23.71
CA MET B 533 1.51 5.65 -24.14
C MET B 533 2.03 6.27 -25.42
N TYR B 534 3.35 6.41 -25.49
CA TYR B 534 4.02 6.95 -26.67
C TYR B 534 5.30 6.18 -26.88
N ALA B 535 5.63 5.94 -28.14
CA ALA B 535 6.84 5.21 -28.47
C ALA B 535 7.66 6.00 -29.50
N ASP B 536 8.94 6.15 -29.24
CA ASP B 536 9.80 6.86 -30.17
C ASP B 536 9.91 6.01 -31.44
N VAL B 537 10.09 6.67 -32.58
CA VAL B 537 10.21 5.94 -33.84
C VAL B 537 11.41 4.99 -33.79
N ASN B 538 12.36 5.26 -32.90
CA ASN B 538 13.52 4.40 -32.79
C ASN B 538 13.48 3.57 -31.51
N ALA B 539 12.27 3.16 -31.14
CA ALA B 539 12.07 2.35 -29.96
C ALA B 539 11.70 0.94 -30.40
N ARG B 540 11.67 0.01 -29.44
CA ARG B 540 11.29 -1.37 -29.71
C ARG B 540 10.38 -1.93 -28.64
N ALA B 541 9.45 -2.80 -29.03
CA ALA B 541 8.53 -3.40 -28.09
C ALA B 541 7.88 -4.67 -28.63
N GLY B 542 7.80 -5.68 -27.77
CA GLY B 542 7.20 -6.95 -28.12
C GLY B 542 7.24 -7.83 -26.89
N VAL B 543 6.60 -9.00 -26.94
CA VAL B 543 6.59 -9.88 -25.79
C VAL B 543 8.02 -10.37 -25.52
N LEU B 544 8.69 -10.76 -26.59
CA LEU B 544 10.06 -11.25 -26.49
C LEU B 544 10.94 -10.41 -27.40
N GLU B 545 12.25 -10.46 -27.16
CA GLU B 545 13.19 -9.73 -27.99
C GLU B 545 13.63 -10.68 -29.10
N PRO B 546 14.13 -10.14 -30.23
CA PRO B 546 14.58 -10.95 -31.36
C PRO B 546 15.32 -12.25 -30.98
N GLN B 547 16.28 -12.13 -30.07
CA GLN B 547 17.05 -13.30 -29.62
C GLN B 547 16.13 -14.48 -29.29
N GLY B 548 15.26 -14.29 -28.31
CA GLY B 548 14.35 -15.34 -27.89
C GLY B 548 13.20 -15.64 -28.84
N MET B 549 12.67 -14.61 -29.48
CA MET B 549 11.57 -14.80 -30.42
C MET B 549 11.94 -15.79 -31.51
N VAL B 550 13.20 -15.74 -31.94
CA VAL B 550 13.67 -16.62 -33.00
C VAL B 550 13.82 -18.05 -32.48
N GLY B 551 14.26 -18.18 -31.23
CA GLY B 551 14.43 -19.50 -30.64
C GLY B 551 13.11 -20.19 -30.30
N ILE B 552 12.04 -19.86 -31.02
CA ILE B 552 10.73 -20.45 -30.78
C ILE B 552 9.92 -20.57 -32.06
N LYS B 553 10.03 -19.57 -32.93
CA LYS B 553 9.30 -19.58 -34.19
C LYS B 553 10.21 -19.47 -35.41
N PHE B 554 11.46 -19.91 -35.25
CA PHE B 554 12.43 -19.88 -36.34
C PHE B 554 13.65 -20.72 -35.96
N ARG B 555 13.42 -22.00 -35.67
CA ARG B 555 14.50 -22.92 -35.29
C ARG B 555 15.21 -23.52 -36.49
N ARG B 556 16.26 -24.29 -36.20
CA ARG B 556 17.09 -24.96 -37.21
C ARG B 556 16.31 -25.32 -38.48
N GLU B 557 15.17 -25.96 -38.31
CA GLU B 557 14.36 -26.38 -39.45
C GLU B 557 13.84 -25.22 -40.31
N LYS B 558 13.14 -24.27 -39.70
CA LYS B 558 12.62 -23.14 -40.45
C LYS B 558 13.76 -22.28 -41.00
N LEU B 559 14.82 -22.12 -40.21
CA LEU B 559 15.98 -21.35 -40.61
C LEU B 559 16.63 -22.02 -41.81
N LEU B 560 16.73 -23.35 -41.75
CA LEU B 560 17.34 -24.13 -42.83
C LEU B 560 16.32 -24.36 -43.96
N ASP B 561 15.05 -24.08 -43.67
CA ASP B 561 13.99 -24.25 -44.65
C ASP B 561 13.98 -23.03 -45.56
N THR B 562 14.16 -21.86 -44.97
CA THR B 562 14.17 -20.61 -45.72
C THR B 562 15.52 -20.45 -46.40
N MET B 563 15.89 -21.45 -47.19
CA MET B 563 17.15 -21.42 -47.93
C MET B 563 16.85 -21.25 -49.42
N ASN B 564 15.65 -20.75 -49.70
CA ASN B 564 15.18 -20.50 -51.06
C ASN B 564 15.70 -19.13 -51.50
N ARG B 565 16.68 -18.62 -50.76
CA ARG B 565 17.28 -17.32 -51.03
C ARG B 565 18.71 -17.45 -51.55
N GLU B 600 24.73 -24.44 -45.87
CA GLU B 600 25.22 -24.50 -44.50
C GLU B 600 25.94 -23.21 -44.09
N LEU B 601 25.18 -22.11 -44.08
CA LEU B 601 25.70 -20.79 -43.70
C LEU B 601 24.91 -20.26 -42.50
N LEU B 602 24.85 -21.07 -41.44
CA LEU B 602 24.13 -20.72 -40.22
C LEU B 602 24.39 -19.31 -39.69
N PRO B 603 25.67 -18.92 -39.52
CA PRO B 603 26.00 -17.59 -39.01
C PRO B 603 25.27 -16.43 -39.70
N ILE B 604 25.45 -16.29 -41.00
CA ILE B 604 24.81 -15.20 -41.74
C ILE B 604 23.28 -15.25 -41.72
N TYR B 605 22.70 -16.43 -41.89
CA TYR B 605 21.25 -16.55 -41.89
C TYR B 605 20.65 -16.34 -40.51
N GLY B 606 21.47 -16.50 -39.48
CA GLY B 606 20.99 -16.29 -38.12
C GLY B 606 20.61 -14.84 -37.94
N GLN B 607 21.35 -13.95 -38.60
CA GLN B 607 21.10 -12.52 -38.50
C GLN B 607 19.85 -12.14 -39.31
N ILE B 608 19.56 -12.91 -40.35
CA ILE B 608 18.40 -12.64 -41.20
C ILE B 608 17.09 -12.92 -40.46
N SER B 609 17.12 -13.93 -39.60
CA SER B 609 15.93 -14.29 -38.83
C SER B 609 15.67 -13.21 -37.79
N LEU B 610 16.70 -12.86 -37.04
CA LEU B 610 16.58 -11.83 -36.01
C LEU B 610 15.94 -10.55 -36.58
N GLN B 611 16.39 -10.15 -37.77
CA GLN B 611 15.86 -8.97 -38.43
C GLN B 611 14.39 -9.16 -38.76
N PHE B 612 14.03 -10.35 -39.25
CA PHE B 612 12.64 -10.64 -39.59
C PHE B 612 11.78 -10.38 -38.36
N ALA B 613 12.32 -10.68 -37.18
CA ALA B 613 11.61 -10.49 -35.93
C ALA B 613 11.56 -9.01 -35.57
N ASP B 614 12.75 -8.41 -35.45
CA ASP B 614 12.88 -6.99 -35.11
C ASP B 614 11.93 -6.11 -35.90
N LEU B 615 11.56 -6.55 -37.10
CA LEU B 615 10.66 -5.77 -37.95
C LEU B 615 9.23 -5.80 -37.40
N HIS B 616 9.01 -6.58 -36.34
CA HIS B 616 7.70 -6.66 -35.72
C HIS B 616 7.64 -5.68 -34.56
N ASP B 617 8.75 -5.55 -33.84
CA ASP B 617 8.86 -4.70 -32.68
C ASP B 617 8.93 -3.19 -32.96
N ARG B 618 8.30 -2.75 -34.05
CA ARG B 618 8.34 -1.34 -34.42
C ARG B 618 7.19 -0.51 -33.90
N SER B 619 7.47 0.77 -33.65
CA SER B 619 6.46 1.69 -33.14
C SER B 619 5.32 1.77 -34.14
N SER B 620 5.60 1.50 -35.41
CA SER B 620 4.58 1.53 -36.44
C SER B 620 3.56 0.43 -36.22
N ARG B 621 4.02 -0.73 -35.74
CA ARG B 621 3.09 -1.82 -35.49
C ARG B 621 2.28 -1.43 -34.26
N MET B 622 2.97 -0.86 -33.28
CA MET B 622 2.34 -0.42 -32.05
C MET B 622 1.18 0.50 -32.40
N VAL B 623 1.38 1.32 -33.43
CA VAL B 623 0.34 2.24 -33.87
C VAL B 623 -0.73 1.47 -34.60
N ALA B 624 -0.30 0.55 -35.47
CA ALA B 624 -1.21 -0.28 -36.23
C ALA B 624 -2.15 -1.01 -35.28
N LYS B 625 -1.56 -1.65 -34.28
CA LYS B 625 -2.32 -2.41 -33.28
C LYS B 625 -3.09 -1.52 -32.30
N GLY B 626 -2.79 -0.22 -32.30
CA GLY B 626 -3.48 0.71 -31.40
C GLY B 626 -3.08 0.66 -29.93
N VAL B 627 -1.84 0.29 -29.63
CA VAL B 627 -1.40 0.22 -28.25
C VAL B 627 -0.76 1.52 -27.75
N ILE B 628 -0.55 2.48 -28.63
CA ILE B 628 0.04 3.76 -28.24
C ILE B 628 -0.76 4.87 -28.89
N SER B 629 -0.80 6.04 -28.24
CA SER B 629 -1.54 7.17 -28.77
C SER B 629 -0.88 7.67 -30.05
N LYS B 630 0.43 7.42 -30.17
CA LYS B 630 1.19 7.79 -31.36
C LYS B 630 2.69 7.64 -31.20
N GLU B 631 3.41 7.61 -32.33
CA GLU B 631 4.87 7.50 -32.31
C GLU B 631 5.40 8.91 -32.43
N LEU B 632 6.49 9.20 -31.74
CA LEU B 632 7.06 10.54 -31.75
C LEU B 632 8.53 10.58 -32.11
N GLU B 633 9.01 11.77 -32.46
CA GLU B 633 10.42 11.96 -32.78
C GLU B 633 11.05 12.68 -31.59
N TRP B 634 12.04 12.06 -30.97
CA TRP B 634 12.73 12.63 -29.83
C TRP B 634 12.88 14.16 -29.90
N THR B 635 13.55 14.63 -30.95
CA THR B 635 13.80 16.05 -31.17
C THR B 635 12.58 16.93 -30.95
N GLU B 636 11.41 16.43 -31.33
CA GLU B 636 10.21 17.21 -31.18
C GLU B 636 9.40 16.86 -29.94
N ALA B 637 9.90 15.91 -29.15
CA ALA B 637 9.15 15.47 -27.96
C ALA B 637 8.83 16.60 -27.01
N ARG B 638 9.82 17.44 -26.73
CA ARG B 638 9.60 18.54 -25.80
C ARG B 638 8.40 19.36 -26.27
N ARG B 639 8.44 19.80 -27.51
CA ARG B 639 7.36 20.61 -28.05
C ARG B 639 6.05 19.86 -27.93
N PHE B 640 6.01 18.63 -28.43
CA PHE B 640 4.79 17.86 -28.35
C PHE B 640 4.28 17.69 -26.91
N PHE B 641 5.14 17.16 -26.04
CA PHE B 641 4.73 16.93 -24.66
C PHE B 641 4.30 18.19 -23.90
N PHE B 642 4.94 19.32 -24.20
CA PHE B 642 4.57 20.55 -23.52
C PHE B 642 3.12 20.91 -23.73
N TRP B 643 2.68 20.89 -24.99
CA TRP B 643 1.31 21.25 -25.28
C TRP B 643 0.30 20.18 -24.91
N ARG B 644 0.72 18.92 -24.97
CA ARG B 644 -0.19 17.83 -24.62
C ARG B 644 -0.49 17.92 -23.12
N LEU B 645 0.57 18.10 -22.33
CA LEU B 645 0.40 18.20 -20.89
C LEU B 645 -0.43 19.42 -20.52
N ARG B 646 -0.11 20.56 -21.13
CA ARG B 646 -0.83 21.79 -20.84
C ARG B 646 -2.31 21.64 -21.18
N ARG B 647 -2.59 20.99 -22.30
CA ARG B 647 -3.96 20.74 -22.74
C ARG B 647 -4.66 19.81 -21.74
N ARG B 648 -3.98 18.73 -21.38
CA ARG B 648 -4.52 17.78 -20.41
C ARG B 648 -4.78 18.45 -19.06
N LEU B 649 -3.83 19.23 -18.58
CA LEU B 649 -4.02 19.90 -17.31
C LEU B 649 -5.29 20.74 -17.38
N ASN B 650 -5.46 21.44 -18.49
CA ASN B 650 -6.64 22.27 -18.65
C ASN B 650 -7.92 21.45 -18.66
N GLU B 651 -7.95 20.35 -19.39
CA GLU B 651 -9.15 19.52 -19.42
C GLU B 651 -9.45 18.95 -18.02
N GLU B 652 -8.42 18.54 -17.29
CA GLU B 652 -8.61 18.00 -15.94
C GLU B 652 -9.31 19.03 -15.06
N TYR B 653 -8.82 20.26 -15.08
CA TYR B 653 -9.40 21.33 -14.29
C TYR B 653 -10.90 21.43 -14.58
N LEU B 654 -11.27 21.33 -15.85
CA LEU B 654 -12.66 21.42 -16.20
C LEU B 654 -13.45 20.25 -15.62
N ILE B 655 -12.84 19.07 -15.63
CA ILE B 655 -13.49 17.89 -15.09
C ILE B 655 -13.66 18.07 -13.58
N LYS B 656 -12.62 18.54 -12.91
CA LYS B 656 -12.65 18.74 -11.47
C LYS B 656 -13.79 19.66 -11.04
N ARG B 657 -14.20 20.56 -11.92
CA ARG B 657 -15.26 21.50 -11.59
C ARG B 657 -16.60 20.77 -11.46
N LEU B 658 -16.61 19.51 -11.89
CA LEU B 658 -17.82 18.69 -11.81
C LEU B 658 -17.68 17.63 -10.72
N SER B 659 -16.84 17.92 -9.73
CA SER B 659 -16.63 16.99 -8.62
C SER B 659 -17.89 16.89 -7.78
N HIS B 660 -18.29 18.02 -7.20
CA HIS B 660 -19.47 18.07 -6.36
C HIS B 660 -20.76 18.05 -7.18
N GLN B 661 -20.65 17.85 -8.49
CA GLN B 661 -21.83 17.80 -9.34
C GLN B 661 -22.69 16.62 -8.89
N VAL B 662 -23.94 16.89 -8.54
CA VAL B 662 -24.85 15.83 -8.10
C VAL B 662 -25.10 14.88 -9.24
N GLY B 663 -25.91 13.85 -8.99
CA GLY B 663 -26.18 12.88 -10.03
C GLY B 663 -24.98 11.97 -10.15
N GLU B 664 -25.04 11.01 -11.07
CA GLU B 664 -23.92 10.09 -11.24
C GLU B 664 -23.52 9.97 -12.69
N ALA B 665 -22.44 10.65 -13.05
CA ALA B 665 -21.93 10.63 -14.41
C ALA B 665 -20.51 10.11 -14.45
N SER B 666 -20.24 9.20 -15.38
CA SER B 666 -18.92 8.62 -15.53
C SER B 666 -17.93 9.69 -15.98
N ARG B 667 -16.65 9.48 -15.66
CA ARG B 667 -15.61 10.43 -16.03
C ARG B 667 -15.66 10.67 -17.52
N LEU B 668 -15.82 9.60 -18.29
CA LEU B 668 -15.88 9.73 -19.74
C LEU B 668 -17.10 10.55 -20.14
N GLU B 669 -18.14 10.53 -19.31
CA GLU B 669 -19.36 11.28 -19.59
C GLU B 669 -19.18 12.78 -19.39
N LYS B 670 -18.32 13.16 -18.44
CA LYS B 670 -18.07 14.56 -18.15
C LYS B 670 -17.13 15.18 -19.19
N ILE B 671 -16.12 14.43 -19.60
CA ILE B 671 -15.18 14.92 -20.58
C ILE B 671 -15.85 15.08 -21.94
N ALA B 672 -16.77 14.18 -22.24
CA ALA B 672 -17.50 14.21 -23.50
C ALA B 672 -18.34 15.48 -23.61
N ARG B 673 -19.03 15.81 -22.53
CA ARG B 673 -19.87 17.00 -22.52
C ARG B 673 -19.01 18.27 -22.54
N ILE B 674 -17.86 18.22 -21.85
CA ILE B 674 -16.97 19.36 -21.82
C ILE B 674 -16.44 19.64 -23.23
N ARG B 675 -16.02 18.58 -23.91
CA ARG B 675 -15.49 18.71 -25.27
C ARG B 675 -16.54 19.08 -26.30
N SER B 676 -17.80 18.77 -25.98
CA SER B 676 -18.89 19.09 -26.90
C SER B 676 -19.07 20.59 -26.89
N TRP B 677 -18.42 21.26 -25.95
CA TRP B 677 -18.52 22.71 -25.83
C TRP B 677 -17.47 23.43 -26.67
N TYR B 678 -16.43 22.70 -27.07
CA TYR B 678 -15.39 23.31 -27.89
C TYR B 678 -16.07 23.73 -29.18
N PRO B 679 -15.57 24.80 -29.81
CA PRO B 679 -16.19 25.23 -31.07
C PRO B 679 -16.00 24.11 -32.08
N ALA B 680 -17.00 23.90 -32.92
CA ALA B 680 -16.97 22.85 -33.93
C ALA B 680 -15.74 22.86 -34.84
N SER B 681 -15.06 23.99 -34.89
CA SER B 681 -13.88 24.11 -35.75
C SER B 681 -12.58 23.74 -35.06
N VAL B 682 -12.64 23.55 -33.76
CA VAL B 682 -11.45 23.18 -33.02
C VAL B 682 -11.15 21.70 -33.24
N ASP B 683 -9.92 21.42 -33.63
CA ASP B 683 -9.45 20.07 -33.84
C ASP B 683 -9.12 19.48 -32.45
N HIS B 684 -9.97 18.59 -31.97
CA HIS B 684 -9.80 17.98 -30.66
C HIS B 684 -8.45 17.29 -30.49
N GLU B 685 -7.75 17.08 -31.61
CA GLU B 685 -6.44 16.43 -31.58
C GLU B 685 -5.33 17.45 -31.48
N ASP B 686 -5.66 18.70 -31.74
CA ASP B 686 -4.68 19.78 -31.67
C ASP B 686 -4.59 20.27 -30.23
N ASP B 687 -3.56 19.82 -29.53
CA ASP B 687 -3.36 20.15 -28.12
C ASP B 687 -3.21 21.63 -27.86
N ARG B 688 -2.36 22.28 -28.64
CA ARG B 688 -2.15 23.71 -28.47
C ARG B 688 -3.42 24.50 -28.70
N GLN B 689 -4.14 24.17 -29.76
CA GLN B 689 -5.36 24.88 -30.06
C GLN B 689 -6.43 24.65 -28.98
N VAL B 690 -6.56 23.42 -28.50
CA VAL B 690 -7.54 23.14 -27.45
C VAL B 690 -7.15 23.90 -26.18
N ALA B 691 -5.87 23.87 -25.85
CA ALA B 691 -5.42 24.59 -24.65
C ALA B 691 -5.66 26.08 -24.81
N THR B 692 -5.39 26.59 -26.01
CA THR B 692 -5.56 28.03 -26.25
C THR B 692 -7.00 28.45 -26.10
N TRP B 693 -7.92 27.69 -26.69
CA TRP B 693 -9.31 28.07 -26.58
C TRP B 693 -9.79 28.07 -25.12
N ILE B 694 -9.45 27.02 -24.38
CA ILE B 694 -9.86 26.90 -22.99
C ILE B 694 -9.38 28.06 -22.13
N GLU B 695 -8.08 28.36 -22.21
CA GLU B 695 -7.53 29.45 -21.42
C GLU B 695 -8.17 30.77 -21.81
N GLU B 696 -8.70 30.86 -23.02
CA GLU B 696 -9.36 32.08 -23.46
C GLU B 696 -10.80 32.09 -22.97
N ASN B 697 -11.30 30.95 -22.50
CA ASN B 697 -12.68 30.88 -22.06
C ASN B 697 -12.95 30.37 -20.64
N TYR B 698 -11.94 30.37 -19.78
CA TYR B 698 -12.10 29.92 -18.39
C TYR B 698 -13.40 30.43 -17.78
N LYS B 699 -13.52 31.75 -17.70
CA LYS B 699 -14.71 32.39 -17.13
C LYS B 699 -15.99 32.04 -17.87
N THR B 700 -15.92 31.81 -19.18
CA THR B 700 -17.09 31.45 -19.96
C THR B 700 -17.47 29.99 -19.66
N LEU B 701 -16.48 29.11 -19.73
CA LEU B 701 -16.68 27.69 -19.47
C LEU B 701 -17.21 27.56 -18.05
N ASP B 702 -16.76 28.46 -17.18
CA ASP B 702 -17.18 28.45 -15.80
C ASP B 702 -18.65 28.78 -15.68
N ASP B 703 -19.14 29.66 -16.55
CA ASP B 703 -20.55 30.05 -16.54
C ASP B 703 -21.37 28.88 -17.03
N LYS B 704 -20.84 28.18 -18.03
CA LYS B 704 -21.51 27.04 -18.62
C LYS B 704 -21.45 25.89 -17.62
N LEU B 705 -20.32 25.80 -16.92
CA LEU B 705 -20.10 24.77 -15.92
C LEU B 705 -21.15 24.83 -14.82
N LYS B 706 -21.43 26.04 -14.35
CA LYS B 706 -22.42 26.22 -13.30
C LYS B 706 -23.79 25.82 -13.82
N GLY B 707 -24.12 26.27 -15.03
CA GLY B 707 -25.41 25.94 -15.59
C GLY B 707 -25.66 24.45 -15.60
N LEU B 708 -24.62 23.68 -15.87
CA LEU B 708 -24.72 22.24 -15.91
C LEU B 708 -25.01 21.66 -14.54
N LYS B 709 -24.62 22.40 -13.50
CA LYS B 709 -24.85 21.98 -12.12
C LYS B 709 -26.30 22.23 -11.74
N LEU B 710 -26.74 23.48 -11.82
CA LEU B 710 -28.12 23.82 -11.49
C LEU B 710 -29.06 22.93 -12.29
N GLU B 711 -28.59 22.48 -13.45
CA GLU B 711 -29.38 21.60 -14.30
C GLU B 711 -29.65 20.32 -13.52
N SER B 712 -28.58 19.65 -13.13
CA SER B 712 -28.65 18.40 -12.37
C SER B 712 -29.33 18.61 -11.02
N PHE B 713 -29.08 19.76 -10.40
CA PHE B 713 -29.68 20.11 -9.11
C PHE B 713 -31.15 19.70 -9.13
N ALA B 714 -31.91 20.34 -10.02
CA ALA B 714 -33.33 20.07 -10.16
C ALA B 714 -33.57 18.69 -10.78
N GLN B 715 -32.75 18.31 -11.76
CA GLN B 715 -32.90 17.01 -12.40
C GLN B 715 -32.91 15.94 -11.31
N ASP B 716 -32.20 16.23 -10.22
CA ASP B 716 -32.11 15.31 -9.09
C ASP B 716 -33.40 15.36 -8.27
N LEU B 717 -33.82 16.56 -7.88
CA LEU B 717 -35.04 16.71 -7.10
C LEU B 717 -36.19 16.05 -7.83
N ALA B 718 -36.19 16.15 -9.15
CA ALA B 718 -37.22 15.55 -9.97
C ALA B 718 -37.21 14.05 -9.76
N LYS B 719 -36.05 13.45 -10.00
CA LYS B 719 -35.90 12.01 -9.85
C LYS B 719 -36.27 11.58 -8.43
N LYS B 720 -36.03 12.47 -7.46
CA LYS B 720 -36.37 12.17 -6.08
C LYS B 720 -37.85 11.86 -6.00
N ILE B 721 -38.67 12.86 -6.30
CA ILE B 721 -40.12 12.75 -6.28
C ILE B 721 -40.57 11.54 -7.11
N ARG B 722 -39.89 11.34 -8.23
CA ARG B 722 -40.19 10.23 -9.12
C ARG B 722 -39.54 8.95 -8.58
N SER B 723 -39.45 8.86 -7.27
CA SER B 723 -38.84 7.70 -6.61
C SER B 723 -39.31 7.60 -5.16
N ASP B 724 -39.94 8.67 -4.67
CA ASP B 724 -40.44 8.69 -3.29
C ASP B 724 -41.37 9.89 -3.12
N HIS B 725 -42.29 10.04 -4.07
CA HIS B 725 -43.27 11.14 -4.09
C HIS B 725 -43.75 11.60 -2.71
N ASP B 726 -44.31 10.68 -1.94
CA ASP B 726 -44.83 10.99 -0.62
C ASP B 726 -43.81 11.78 0.22
N ASN B 727 -42.63 11.19 0.42
CA ASN B 727 -41.56 11.82 1.20
C ASN B 727 -41.18 13.21 0.67
N ALA B 728 -40.82 13.26 -0.61
CA ALA B 728 -40.41 14.49 -1.26
C ALA B 728 -41.35 15.68 -1.02
N ILE B 729 -42.62 15.52 -1.38
CA ILE B 729 -43.62 16.58 -1.22
C ILE B 729 -43.58 17.22 0.16
N ASP B 730 -43.55 16.39 1.19
CA ASP B 730 -43.52 16.87 2.58
C ASP B 730 -42.30 17.76 2.82
N GLY B 731 -41.17 17.35 2.24
CA GLY B 731 -39.94 18.11 2.39
C GLY B 731 -39.95 19.37 1.53
N LEU B 732 -40.46 19.25 0.30
CA LEU B 732 -40.54 20.39 -0.59
C LEU B 732 -41.37 21.46 0.09
N SER B 733 -42.52 21.06 0.61
CA SER B 733 -43.41 21.98 1.30
C SER B 733 -42.73 22.59 2.52
N GLU B 734 -42.30 21.72 3.44
CA GLU B 734 -41.62 22.15 4.66
C GLU B 734 -40.45 23.09 4.35
N VAL B 735 -39.79 22.85 3.22
CA VAL B 735 -38.66 23.67 2.80
C VAL B 735 -39.12 25.08 2.49
N ILE B 736 -40.21 25.18 1.74
CA ILE B 736 -40.79 26.47 1.35
C ILE B 736 -41.40 27.13 2.59
N LYS B 737 -40.55 27.49 3.54
CA LYS B 737 -40.97 28.12 4.78
C LYS B 737 -39.75 28.51 5.62
O1A D1L C . 5.50 -13.43 -20.13
C1 D1L C . 4.45 -12.79 -20.07
O1B D1L C . 3.36 -13.35 -20.20
C2 D1L C . 4.50 -11.27 -19.85
C2A D1L C . 4.13 -10.55 -21.15
O2 D1L C . 3.52 -10.96 -18.84
C3 D1L C . 4.04 -10.62 -17.62
C4 D1L C . 3.27 -9.86 -16.76
C5 D1L C . 3.72 -9.56 -15.48
C6 D1L C . 5.28 -11.10 -17.20
C7 D1L C . 5.74 -10.80 -15.92
C8 D1L C . 4.96 -10.04 -15.05
O8 D1L C . 5.36 -9.88 -13.77
C9 D1L C . 5.96 -8.69 -13.43
C10 D1L C . 6.60 -7.89 -14.37
C11 D1L C . 7.24 -6.71 -13.97
C12 D1L C . 7.25 -6.36 -12.62
CL12 D1L C . 8.10 -4.95 -12.08
C13 D1L C . 6.61 -7.16 -11.69
C14 D1L C . 5.96 -8.32 -12.09
CL14 D1L C . 5.20 -9.33 -10.90
O1A D1L D . 10.70 4.53 22.05
C1 D1L D . 9.63 4.94 21.61
O1B D1L D . 9.45 6.13 21.42
C2 D1L D . 8.50 3.95 21.29
C2A D1L D . 7.55 3.89 22.49
O2 D1L D . 7.79 4.48 20.17
C3 D1L D . 7.89 3.77 19.00
C4 D1L D . 6.88 3.93 18.06
C5 D1L D . 6.98 3.34 16.80
C6 D1L D . 9.01 3.00 18.68
C7 D1L D . 9.12 2.42 17.42
C8 D1L D . 8.11 2.59 16.47
O8 D1L D . 8.25 2.14 15.20
C9 D1L D . 7.79 0.89 14.91
C10 D1L D . 6.88 0.22 15.72
C11 D1L D . 6.46 -1.07 15.38
C12 D1L D . 6.93 -1.68 14.23
CL12 D1L D . 6.38 -3.25 13.76
C13 D1L D . 7.84 -1.01 13.42
C14 D1L D . 8.27 0.27 13.76
CL14 D1L D . 9.35 1.11 12.70
#